data_7K5Z
#
_entry.id   7K5Z
#
_cell.length_a   122.230
_cell.length_b   103.540
_cell.length_c   147.410
_cell.angle_alpha   90.000
_cell.angle_beta   96.005
_cell.angle_gamma   90.000
#
_symmetry.space_group_name_H-M   'C 1 2 1'
#
loop_
_entity.id
_entity.type
_entity.pdbx_description
1 polymer 'Argininosuccinate synthase'
2 non-polymer 'PHOSPHOAMINOPHOSPHONIC ACID-ADENYLATE ESTER'
3 non-polymer ARGININE
4 non-polymer 'MAGNESIUM ION'
5 non-polymer 1,2-ETHANEDIOL
6 non-polymer 'ACETATE ION'
7 water water
#
_entity_poly.entity_id   1
_entity_poly.type   'polypeptide(L)'
_entity_poly.pdbx_seq_one_letter_code
;MAHHHHHHMKKVIKKIALAYSGGLDTSIMIPWLKEHYEHAEVIAVICDLGQQEDLDAIKNKALKSGASKAYVVDVKNEFA
TQYLWPLVKSGALYEDQYILGTISRPLIAQKLVEIALTEQVNAVAHGATGKGNDQVRFEYSIKALAPQLEIIAPWRTWDI
KSRQEAIVYAKAHGIEVPVTPKAPYSRDHNIWYISHEGGVLEDPSQEMPNDVLLMTAPVSQTPDEEEVVVLDFKKGVPVA
LNGQELSPVDLLNSLNQKAGQHGIGVADIVENRLVGMKIRGIYEAPAAAVLYKAHKLLESLCLTRSTLHLKQSLQQTYAN
LVYEGRWFSQTKQALDAFIDVTQQHVTGCVKLKLFKGNIIPAGMHSPYSLHHPELATFEEDNVYNQKDAEGFINLFSLSA
KIYSQVHQGGNYD
;
_entity_poly.pdbx_strand_id   A,B,C,D
#
# COMPACT_ATOMS: atom_id res chain seq x y z
N LYS A 11 26.83 -14.12 -35.97
CA LYS A 11 25.47 -13.90 -36.44
C LYS A 11 24.82 -15.21 -36.89
N VAL A 12 25.61 -16.09 -37.50
CA VAL A 12 25.17 -17.45 -37.73
C VAL A 12 25.23 -18.20 -36.40
N ILE A 13 24.15 -18.90 -36.07
CA ILE A 13 24.06 -19.58 -34.78
C ILE A 13 24.89 -20.86 -34.85
N LYS A 14 26.08 -20.83 -34.26
CA LYS A 14 26.98 -21.98 -34.24
C LYS A 14 26.88 -22.82 -32.98
N LYS A 15 26.46 -22.23 -31.85
CA LYS A 15 26.37 -22.95 -30.60
C LYS A 15 25.14 -22.45 -29.84
N ILE A 16 24.42 -23.38 -29.23
CA ILE A 16 23.22 -23.10 -28.46
C ILE A 16 23.36 -23.78 -27.11
N ALA A 17 23.10 -23.04 -26.03
CA ALA A 17 23.02 -23.63 -24.69
C ALA A 17 21.55 -23.88 -24.36
N LEU A 18 21.23 -25.10 -23.94
CA LEU A 18 19.85 -25.52 -23.71
C LEU A 18 19.66 -25.91 -22.26
N ALA A 19 18.66 -25.31 -21.60
CA ALA A 19 18.24 -25.74 -20.27
C ALA A 19 17.55 -27.10 -20.40
N TYR A 20 18.21 -28.14 -19.92
CA TYR A 20 17.86 -29.53 -20.23
C TYR A 20 17.46 -30.24 -18.95
N SER A 21 16.20 -30.69 -18.87
CA SER A 21 15.68 -31.27 -17.65
C SER A 21 15.68 -32.81 -17.64
N GLY A 22 15.85 -33.46 -18.78
CA GLY A 22 15.72 -34.91 -18.83
C GLY A 22 14.39 -35.40 -19.36
N GLY A 23 13.39 -34.55 -19.47
CA GLY A 23 12.11 -34.97 -20.02
C GLY A 23 12.24 -35.39 -21.48
N LEU A 24 11.16 -35.98 -21.98
CA LEU A 24 11.09 -36.30 -23.40
C LEU A 24 11.22 -35.04 -24.25
N ASP A 25 10.61 -33.94 -23.80
CA ASP A 25 10.53 -32.74 -24.62
C ASP A 25 11.90 -32.09 -24.84
N THR A 26 12.69 -31.89 -23.78
CA THR A 26 14.00 -31.29 -24.02
C THR A 26 14.97 -32.27 -24.66
N SER A 27 14.71 -33.58 -24.52
CA SER A 27 15.53 -34.55 -25.23
C SER A 27 15.40 -34.38 -26.74
N ILE A 28 14.16 -34.29 -27.25
CA ILE A 28 14.01 -34.12 -28.69
C ILE A 28 14.35 -32.71 -29.14
N MET A 29 14.50 -31.75 -28.22
CA MET A 29 14.91 -30.42 -28.66
C MET A 29 16.36 -30.39 -29.11
N ILE A 30 17.18 -31.34 -28.69
CA ILE A 30 18.56 -31.37 -29.17
C ILE A 30 18.57 -31.68 -30.67
N PRO A 31 17.97 -32.78 -31.17
CA PRO A 31 17.94 -32.94 -32.63
C PRO A 31 17.16 -31.85 -33.34
N TRP A 32 16.06 -31.38 -32.74
CA TRP A 32 15.28 -30.32 -33.39
C TRP A 32 16.14 -29.07 -33.57
N LEU A 33 16.81 -28.63 -32.50
CA LEU A 33 17.71 -27.48 -32.62
C LEU A 33 18.78 -27.71 -33.69
N LYS A 34 19.38 -28.90 -33.72
CA LYS A 34 20.43 -29.15 -34.70
C LYS A 34 19.87 -29.17 -36.11
N GLU A 35 18.61 -29.58 -36.27
CA GLU A 35 17.96 -29.55 -37.58
C GLU A 35 17.71 -28.11 -38.04
N HIS A 36 17.15 -27.28 -37.16
CA HIS A 36 16.70 -25.95 -37.56
C HIS A 36 17.79 -24.89 -37.54
N TYR A 37 18.96 -25.20 -36.97
CA TYR A 37 20.14 -24.33 -37.00
C TYR A 37 21.31 -25.18 -37.50
N GLU A 38 21.53 -25.16 -38.81
CA GLU A 38 22.46 -26.08 -39.45
C GLU A 38 23.86 -25.93 -38.86
N HIS A 39 24.50 -27.07 -38.58
CA HIS A 39 25.87 -27.14 -38.06
C HIS A 39 26.03 -26.41 -36.72
N ALA A 40 24.94 -26.23 -35.97
CA ALA A 40 25.03 -25.72 -34.60
C ALA A 40 25.24 -26.89 -33.66
N GLU A 41 26.11 -26.70 -32.67
CA GLU A 41 26.22 -27.67 -31.61
C GLU A 41 25.36 -27.22 -30.43
N VAL A 42 24.91 -28.19 -29.64
CA VAL A 42 24.01 -27.93 -28.51
C VAL A 42 24.72 -28.34 -27.23
N ILE A 43 24.81 -27.42 -26.28
CA ILE A 43 25.37 -27.69 -24.96
C ILE A 43 24.20 -27.82 -23.97
N ALA A 44 24.09 -28.97 -23.31
CA ALA A 44 23.03 -29.16 -22.32
C ALA A 44 23.45 -28.62 -20.95
N VAL A 45 22.52 -27.95 -20.26
CA VAL A 45 22.75 -27.43 -18.92
C VAL A 45 21.68 -28.03 -18.01
N ILE A 46 22.12 -28.84 -17.05
CA ILE A 46 21.23 -29.56 -16.14
C ILE A 46 21.49 -29.07 -14.73
N CYS A 47 20.44 -28.54 -14.04
CA CYS A 47 20.62 -28.06 -12.69
C CYS A 47 20.12 -29.08 -11.67
N ASP A 48 20.89 -29.27 -10.59
CA ASP A 48 20.42 -30.03 -9.43
C ASP A 48 19.77 -29.06 -8.44
N LEU A 49 18.46 -29.15 -8.35
CA LEU A 49 17.64 -28.34 -7.46
C LEU A 49 17.00 -29.16 -6.35
N GLY A 50 17.34 -30.45 -6.25
CA GLY A 50 16.64 -31.36 -5.37
C GLY A 50 15.47 -32.10 -5.99
N GLN A 51 15.42 -32.24 -7.32
CA GLN A 51 14.30 -32.97 -7.93
C GLN A 51 14.42 -34.48 -7.72
N GLN A 52 15.50 -34.96 -7.11
CA GLN A 52 15.69 -36.36 -6.74
C GLN A 52 15.63 -37.28 -7.96
N GLU A 53 16.29 -36.87 -9.04
CA GLU A 53 16.42 -37.69 -10.22
C GLU A 53 17.87 -38.09 -10.38
N ASP A 54 18.09 -39.07 -11.25
CA ASP A 54 19.44 -39.56 -11.55
C ASP A 54 20.04 -38.61 -12.56
N LEU A 55 20.82 -37.63 -12.08
CA LEU A 55 21.33 -36.61 -12.98
C LEU A 55 22.48 -37.11 -13.85
N ASP A 56 23.24 -38.13 -13.42
CA ASP A 56 24.24 -38.65 -14.34
C ASP A 56 23.58 -39.36 -15.52
N ALA A 57 22.44 -40.02 -15.30
CA ALA A 57 21.70 -40.61 -16.42
C ALA A 57 21.15 -39.55 -17.36
N ILE A 58 20.67 -38.43 -16.81
CA ILE A 58 20.17 -37.34 -17.64
C ILE A 58 21.29 -36.73 -18.47
N LYS A 59 22.46 -36.55 -17.85
CA LYS A 59 23.64 -36.07 -18.58
C LYS A 59 23.98 -37.01 -19.72
N ASN A 60 24.07 -38.32 -19.43
CA ASN A 60 24.39 -39.30 -20.46
C ASN A 60 23.35 -39.28 -21.57
N LYS A 61 22.08 -39.12 -21.21
CA LYS A 61 21.03 -39.07 -22.22
C LYS A 61 21.20 -37.85 -23.12
N ALA A 62 21.56 -36.70 -22.53
CA ALA A 62 21.84 -35.50 -23.33
C ALA A 62 22.98 -35.75 -24.31
N LEU A 63 24.09 -36.35 -23.85
CA LEU A 63 25.19 -36.69 -24.73
C LEU A 63 24.76 -37.70 -25.80
N LYS A 64 23.97 -38.70 -25.41
CA LYS A 64 23.48 -39.66 -26.39
C LYS A 64 22.56 -39.00 -27.41
N SER A 65 21.78 -38.01 -26.98
CA SER A 65 20.86 -37.36 -27.89
C SER A 65 21.55 -36.40 -28.87
N GLY A 66 22.87 -36.22 -28.76
CA GLY A 66 23.61 -35.36 -29.65
C GLY A 66 24.23 -34.10 -29.06
N ALA A 67 24.12 -33.88 -27.75
CA ALA A 67 24.74 -32.68 -27.15
C ALA A 67 26.26 -32.80 -27.16
N SER A 68 26.94 -31.69 -27.47
CA SER A 68 28.40 -31.71 -27.52
C SER A 68 29.01 -31.75 -26.13
N LYS A 69 28.40 -31.04 -25.17
CA LYS A 69 28.78 -31.05 -23.77
C LYS A 69 27.49 -31.13 -22.95
N ALA A 70 27.59 -31.70 -21.76
CA ALA A 70 26.43 -31.73 -20.87
C ALA A 70 26.94 -31.38 -19.47
N TYR A 71 26.56 -30.21 -18.99
CA TYR A 71 26.91 -29.75 -17.65
C TYR A 71 25.85 -30.19 -16.65
N VAL A 72 26.28 -30.65 -15.48
CA VAL A 72 25.39 -30.86 -14.35
C VAL A 72 25.88 -29.96 -13.24
N VAL A 73 25.09 -28.94 -12.90
CA VAL A 73 25.47 -27.95 -11.91
CA VAL A 73 25.48 -27.96 -11.89
C VAL A 73 24.69 -28.22 -10.62
N ASP A 74 25.41 -28.47 -9.53
CA ASP A 74 24.77 -28.74 -8.24
C ASP A 74 24.52 -27.38 -7.57
N VAL A 75 23.30 -26.90 -7.66
CA VAL A 75 22.99 -25.57 -7.13
C VAL A 75 22.13 -25.65 -5.86
N LYS A 76 22.03 -26.82 -5.23
CA LYS A 76 21.12 -26.95 -4.10
C LYS A 76 21.48 -25.98 -2.98
N ASN A 77 22.76 -25.89 -2.62
CA ASN A 77 23.15 -25.00 -1.52
C ASN A 77 22.84 -23.56 -1.84
N GLU A 78 23.12 -23.13 -3.06
CA GLU A 78 22.90 -21.73 -3.41
C GLU A 78 21.43 -21.43 -3.63
N PHE A 79 20.65 -22.40 -4.14
CA PHE A 79 19.20 -22.26 -4.12
C PHE A 79 18.69 -21.95 -2.71
N ALA A 80 19.17 -22.70 -1.71
CA ALA A 80 18.70 -22.49 -0.35
C ALA A 80 19.14 -21.13 0.18
N THR A 81 20.43 -20.80 0.06
CA THR A 81 20.95 -19.61 0.73
C THR A 81 20.64 -18.34 -0.06
N GLN A 82 20.58 -18.39 -1.39
CA GLN A 82 20.40 -17.18 -2.18
CA GLN A 82 20.40 -17.19 -2.19
C GLN A 82 18.96 -16.96 -2.64
N TYR A 83 18.11 -17.98 -2.58
CA TYR A 83 16.73 -17.84 -3.03
C TYR A 83 15.74 -18.14 -1.91
N LEU A 84 15.81 -19.34 -1.32
CA LEU A 84 14.82 -19.74 -0.31
C LEU A 84 14.98 -18.94 0.97
N TRP A 85 16.23 -18.63 1.37
CA TRP A 85 16.41 -17.88 2.62
C TRP A 85 15.85 -16.46 2.48
N PRO A 86 16.13 -15.72 1.41
CA PRO A 86 15.41 -14.43 1.23
C PRO A 86 13.91 -14.61 1.18
N LEU A 87 13.41 -15.69 0.57
CA LEU A 87 11.97 -15.92 0.56
C LEU A 87 11.43 -16.12 1.98
N VAL A 88 12.07 -16.97 2.79
CA VAL A 88 11.65 -17.14 4.18
C VAL A 88 11.65 -15.80 4.90
N LYS A 89 12.69 -14.98 4.68
CA LYS A 89 12.76 -13.70 5.38
C LYS A 89 11.63 -12.76 4.96
N SER A 90 11.21 -12.84 3.69
CA SER A 90 10.14 -11.97 3.19
C SER A 90 8.79 -12.34 3.80
N GLY A 91 8.59 -13.62 4.12
CA GLY A 91 7.29 -14.12 4.55
C GLY A 91 6.22 -14.11 3.48
N ALA A 92 6.61 -13.98 2.22
CA ALA A 92 5.66 -13.75 1.15
C ALA A 92 4.97 -15.04 0.70
N LEU A 93 3.66 -14.94 0.45
CA LEU A 93 2.86 -15.99 -0.18
C LEU A 93 2.07 -15.36 -1.30
N TYR A 94 2.18 -15.94 -2.49
CA TYR A 94 1.47 -15.39 -3.64
C TYR A 94 -0.03 -15.58 -3.46
N GLU A 95 -0.78 -14.47 -3.57
CA GLU A 95 -2.23 -14.46 -3.37
C GLU A 95 -2.62 -15.08 -2.02
N ASP A 96 -1.72 -14.90 -1.05
CA ASP A 96 -1.88 -15.35 0.33
C ASP A 96 -2.01 -16.87 0.45
N GLN A 97 -1.57 -17.64 -0.58
CA GLN A 97 -1.68 -19.11 -0.54
C GLN A 97 -0.46 -19.86 -1.06
N TYR A 98 0.26 -19.36 -2.06
CA TYR A 98 1.23 -20.16 -2.79
C TYR A 98 2.66 -19.90 -2.33
N ILE A 99 3.39 -20.98 -2.05
CA ILE A 99 4.75 -21.00 -1.48
C ILE A 99 5.84 -20.76 -2.52
N LEU A 100 5.49 -20.49 -3.79
CA LEU A 100 6.42 -19.92 -4.78
C LEU A 100 7.62 -20.84 -5.07
N GLY A 101 7.37 -22.14 -5.22
CA GLY A 101 8.45 -23.05 -5.58
C GLY A 101 9.11 -22.75 -6.93
N THR A 102 8.42 -22.05 -7.83
CA THR A 102 9.04 -21.66 -9.10
C THR A 102 10.01 -20.49 -8.96
N ILE A 103 10.34 -20.13 -7.72
CA ILE A 103 11.50 -19.30 -7.45
C ILE A 103 12.78 -19.93 -8.04
N SER A 104 12.75 -21.21 -8.38
CA SER A 104 13.91 -21.87 -9.01
C SER A 104 14.18 -21.38 -10.44
N ARG A 105 13.18 -20.85 -11.14
CA ARG A 105 13.37 -20.54 -12.56
C ARG A 105 14.46 -19.51 -12.83
N PRO A 106 14.55 -18.38 -12.10
CA PRO A 106 15.68 -17.48 -12.35
C PRO A 106 17.04 -18.12 -12.07
N LEU A 107 17.13 -19.01 -11.09
CA LEU A 107 18.40 -19.68 -10.85
C LEU A 107 18.79 -20.58 -12.02
N ILE A 108 17.83 -21.33 -12.57
CA ILE A 108 18.10 -22.11 -13.78
C ILE A 108 18.60 -21.20 -14.89
N ALA A 109 17.90 -20.08 -15.11
CA ALA A 109 18.33 -19.13 -16.13
C ALA A 109 19.73 -18.58 -15.85
N GLN A 110 20.04 -18.28 -14.59
CA GLN A 110 21.38 -17.76 -14.27
C GLN A 110 22.46 -18.77 -14.62
N LYS A 111 22.27 -20.05 -14.28
CA LYS A 111 23.30 -21.03 -14.61
C LYS A 111 23.43 -21.23 -16.12
N LEU A 112 22.29 -21.25 -16.82
CA LEU A 112 22.29 -21.32 -18.29
C LEU A 112 23.09 -20.18 -18.89
N VAL A 113 22.84 -18.96 -18.43
CA VAL A 113 23.51 -17.79 -18.99
C VAL A 113 25.00 -17.83 -18.68
N GLU A 114 25.39 -18.22 -17.45
CA GLU A 114 26.80 -18.29 -17.10
C GLU A 114 27.56 -19.20 -18.06
N ILE A 115 27.03 -20.39 -18.28
CA ILE A 115 27.64 -21.35 -19.20
C ILE A 115 27.59 -20.83 -20.63
N ALA A 116 26.47 -20.19 -21.00
CA ALA A 116 26.36 -19.58 -22.33
C ALA A 116 27.49 -18.60 -22.59
N LEU A 117 27.77 -17.73 -21.62
CA LEU A 117 28.83 -16.75 -21.79
C LEU A 117 30.20 -17.42 -21.80
N THR A 118 30.43 -18.35 -20.87
CA THR A 118 31.69 -19.10 -20.83
C THR A 118 31.93 -19.83 -22.15
N GLU A 119 30.90 -20.46 -22.71
CA GLU A 119 31.03 -21.24 -23.92
C GLU A 119 30.88 -20.41 -25.19
N GLN A 120 30.66 -19.10 -25.06
CA GLN A 120 30.57 -18.20 -26.22
C GLN A 120 29.49 -18.67 -27.21
N VAL A 121 28.35 -19.10 -26.69
CA VAL A 121 27.26 -19.54 -27.55
C VAL A 121 26.56 -18.33 -28.16
N ASN A 122 25.79 -18.58 -29.22
CA ASN A 122 25.04 -17.55 -29.91
C ASN A 122 23.61 -17.43 -29.42
N ALA A 123 23.11 -18.42 -28.71
CA ALA A 123 21.71 -18.43 -28.34
C ALA A 123 21.54 -19.39 -27.18
N VAL A 124 20.51 -19.15 -26.38
CA VAL A 124 20.12 -20.08 -25.33
C VAL A 124 18.70 -20.54 -25.63
N ALA A 125 18.36 -21.70 -25.09
CA ALA A 125 17.07 -22.31 -25.37
C ALA A 125 16.54 -22.93 -24.09
N HIS A 126 15.22 -23.02 -23.99
CA HIS A 126 14.57 -23.68 -22.87
C HIS A 126 13.31 -24.36 -23.39
N GLY A 127 12.79 -25.28 -22.59
CA GLY A 127 11.68 -26.11 -23.02
C GLY A 127 10.36 -25.77 -22.35
N ALA A 128 10.21 -24.56 -21.79
CA ALA A 128 8.94 -24.20 -21.19
C ALA A 128 7.87 -24.06 -22.27
N THR A 129 6.65 -24.42 -21.91
CA THR A 129 5.57 -24.39 -22.88
C THR A 129 5.10 -22.97 -23.13
N GLY A 130 4.34 -22.80 -24.22
CA GLY A 130 3.81 -21.52 -24.63
C GLY A 130 2.60 -21.03 -23.89
N LYS A 131 2.07 -21.81 -22.95
CA LYS A 131 0.85 -21.44 -22.25
C LYS A 131 1.05 -21.11 -20.78
N GLY A 132 2.27 -21.25 -20.24
CA GLY A 132 2.51 -21.13 -18.82
C GLY A 132 3.25 -19.87 -18.42
N ASN A 133 3.60 -19.83 -17.13
CA ASN A 133 4.38 -18.74 -16.54
C ASN A 133 5.87 -18.94 -16.72
N ASP A 134 6.33 -20.19 -16.82
CA ASP A 134 7.78 -20.42 -16.75
C ASP A 134 8.51 -19.76 -17.93
N GLN A 135 7.88 -19.66 -19.10
CA GLN A 135 8.54 -19.00 -20.22
C GLN A 135 8.84 -17.54 -19.90
N VAL A 136 7.92 -16.87 -19.21
CA VAL A 136 8.16 -15.49 -18.79
C VAL A 136 9.31 -15.43 -17.79
N ARG A 137 9.28 -16.32 -16.80
CA ARG A 137 10.35 -16.33 -15.80
C ARG A 137 11.72 -16.51 -16.45
N PHE A 138 11.85 -17.51 -17.34
CA PHE A 138 13.15 -17.76 -17.98
C PHE A 138 13.60 -16.57 -18.81
N GLU A 139 12.70 -16.02 -19.59
CA GLU A 139 13.11 -15.03 -20.58
C GLU A 139 13.30 -13.64 -19.97
N TYR A 140 12.48 -13.26 -18.98
CA TYR A 140 12.80 -12.06 -18.22
C TYR A 140 14.20 -12.17 -17.60
N SER A 141 14.50 -13.31 -16.96
CA SER A 141 15.82 -13.49 -16.36
C SER A 141 16.92 -13.41 -17.39
N ILE A 142 16.76 -14.08 -18.53
CA ILE A 142 17.83 -14.09 -19.52
C ILE A 142 18.08 -12.68 -20.03
N LYS A 143 17.01 -11.92 -20.26
CA LYS A 143 17.19 -10.55 -20.72
C LYS A 143 17.82 -9.65 -19.66
N ALA A 144 17.51 -9.90 -18.38
CA ALA A 144 18.11 -9.13 -17.30
C ALA A 144 19.58 -9.43 -17.14
N LEU A 145 20.00 -10.65 -17.48
CA LEU A 145 21.40 -11.04 -17.28
C LEU A 145 22.25 -10.87 -18.52
N ALA A 146 21.66 -10.95 -19.69
CA ALA A 146 22.42 -11.05 -20.93
C ALA A 146 21.53 -10.60 -22.07
N PRO A 147 21.25 -9.31 -22.16
CA PRO A 147 20.29 -8.82 -23.15
C PRO A 147 20.69 -9.13 -24.59
N GLN A 148 21.97 -9.42 -24.84
CA GLN A 148 22.46 -9.68 -26.19
C GLN A 148 22.17 -11.09 -26.68
N LEU A 149 21.82 -12.02 -25.78
CA LEU A 149 21.68 -13.42 -26.16
C LEU A 149 20.33 -13.68 -26.79
N GLU A 150 20.34 -14.31 -27.96
CA GLU A 150 19.09 -14.72 -28.57
C GLU A 150 18.46 -15.85 -27.75
N ILE A 151 17.12 -15.85 -27.67
CA ILE A 151 16.37 -16.87 -26.92
C ILE A 151 15.58 -17.70 -27.92
N ILE A 152 15.66 -19.02 -27.79
CA ILE A 152 14.91 -19.96 -28.61
C ILE A 152 14.00 -20.77 -27.70
N ALA A 153 12.70 -20.78 -27.99
CA ALA A 153 11.74 -21.57 -27.21
C ALA A 153 11.03 -22.49 -28.20
N PRO A 154 11.51 -23.73 -28.37
CA PRO A 154 10.93 -24.59 -29.42
C PRO A 154 9.43 -24.82 -29.29
N TRP A 155 8.88 -24.88 -28.06
CA TRP A 155 7.43 -25.07 -27.93
C TRP A 155 6.64 -23.96 -28.63
N ARG A 156 7.23 -22.78 -28.78
CA ARG A 156 6.54 -21.70 -29.48
C ARG A 156 6.80 -21.69 -30.98
N THR A 157 7.63 -22.61 -31.49
CA THR A 157 8.06 -22.57 -32.89
C THR A 157 7.75 -23.84 -33.65
N TRP A 158 7.90 -25.02 -33.02
CA TRP A 158 7.90 -26.27 -33.76
C TRP A 158 6.48 -26.76 -34.02
N ASP A 159 6.39 -27.82 -34.83
CA ASP A 159 5.12 -28.41 -35.25
C ASP A 159 4.67 -29.55 -34.36
N ILE A 160 5.32 -29.77 -33.22
CA ILE A 160 4.96 -30.84 -32.30
C ILE A 160 3.89 -30.29 -31.37
N LYS A 161 2.72 -30.95 -31.35
CA LYS A 161 1.57 -30.47 -30.61
C LYS A 161 1.21 -31.34 -29.43
N SER A 162 1.50 -32.63 -29.48
CA SER A 162 1.06 -33.56 -28.45
C SER A 162 2.24 -34.42 -28.00
N ARG A 163 2.03 -35.16 -26.92
CA ARG A 163 3.05 -36.10 -26.47
C ARG A 163 3.25 -37.21 -27.50
N GLN A 164 2.17 -37.69 -28.10
CA GLN A 164 2.29 -38.74 -29.11
C GLN A 164 3.14 -38.25 -30.28
N GLU A 165 2.93 -37.01 -30.72
CA GLU A 165 3.77 -36.45 -31.78
C GLU A 165 5.24 -36.37 -31.34
N ALA A 166 5.48 -35.99 -30.07
CA ALA A 166 6.86 -35.92 -29.58
C ALA A 166 7.51 -37.30 -29.59
N ILE A 167 6.74 -38.35 -29.27
CA ILE A 167 7.26 -39.71 -29.30
C ILE A 167 7.60 -40.13 -30.72
N VAL A 168 6.72 -39.85 -31.67
CA VAL A 168 7.02 -40.16 -33.07
C VAL A 168 8.31 -39.48 -33.50
N TYR A 169 8.47 -38.20 -33.14
CA TYR A 169 9.68 -37.46 -33.49
C TYR A 169 10.92 -38.08 -32.85
N ALA A 170 10.83 -38.40 -31.56
CA ALA A 170 11.96 -39.03 -30.86
C ALA A 170 12.42 -40.29 -31.58
N LYS A 171 11.47 -41.14 -31.98
CA LYS A 171 11.84 -42.39 -32.63
C LYS A 171 12.48 -42.15 -33.99
N ALA A 172 11.98 -41.17 -34.74
CA ALA A 172 12.60 -40.82 -36.02
C ALA A 172 13.98 -40.18 -35.86
N HIS A 173 14.38 -39.83 -34.63
CA HIS A 173 15.66 -39.18 -34.40
C HIS A 173 16.51 -39.94 -33.38
N GLY A 174 16.25 -41.23 -33.19
CA GLY A 174 17.09 -42.08 -32.39
C GLY A 174 17.00 -41.90 -30.90
N ILE A 175 15.98 -41.22 -30.41
CA ILE A 175 15.81 -40.98 -28.98
CA ILE A 175 15.82 -40.99 -28.98
C ILE A 175 14.95 -42.10 -28.40
N GLU A 176 15.43 -42.70 -27.31
CA GLU A 176 14.73 -43.82 -26.70
C GLU A 176 13.41 -43.34 -26.09
N VAL A 177 12.31 -43.95 -26.51
CA VAL A 177 11.06 -43.82 -25.78
C VAL A 177 10.53 -45.20 -25.44
N PRO A 178 10.87 -45.72 -24.27
CA PRO A 178 10.24 -46.97 -23.82
C PRO A 178 8.80 -46.70 -23.39
N VAL A 179 7.97 -47.74 -23.51
CA VAL A 179 6.58 -47.61 -23.05
C VAL A 179 6.57 -47.35 -21.56
N THR A 180 5.94 -46.28 -21.17
CA THR A 180 5.60 -45.95 -19.79
C THR A 180 4.52 -44.90 -19.90
N PRO A 181 3.37 -45.10 -19.27
CA PRO A 181 2.19 -44.29 -19.59
C PRO A 181 2.39 -42.82 -19.23
N LYS A 182 1.53 -41.99 -19.82
CA LYS A 182 1.52 -40.58 -19.51
C LYS A 182 1.27 -40.38 -18.02
N ALA A 183 2.13 -39.59 -17.38
CA ALA A 183 1.86 -39.17 -16.02
C ALA A 183 0.51 -38.45 -15.98
N PRO A 184 -0.35 -38.76 -15.00
CA PRO A 184 -1.65 -38.07 -14.95
C PRO A 184 -1.54 -36.59 -14.61
N TYR A 185 -0.39 -36.12 -14.11
CA TYR A 185 -0.24 -34.73 -13.67
C TYR A 185 1.09 -34.16 -14.11
N SER A 186 1.10 -32.87 -14.39
CA SER A 186 2.32 -32.14 -14.70
CA SER A 186 2.33 -32.14 -14.70
C SER A 186 2.97 -31.68 -13.38
N ARG A 187 4.22 -32.07 -13.17
CA ARG A 187 4.81 -31.86 -11.86
C ARG A 187 6.12 -31.09 -11.93
N ASP A 188 6.44 -30.41 -10.84
CA ASP A 188 7.75 -29.82 -10.62
C ASP A 188 8.20 -30.18 -9.21
N HIS A 189 9.51 -30.43 -9.05
CA HIS A 189 10.02 -30.93 -7.78
C HIS A 189 11.37 -30.27 -7.48
N ASN A 190 11.50 -29.66 -6.32
CA ASN A 190 12.81 -29.22 -5.86
C ASN A 190 12.83 -29.37 -4.34
N ILE A 191 13.95 -29.00 -3.71
CA ILE A 191 14.10 -29.18 -2.25
CA ILE A 191 14.09 -29.18 -2.25
C ILE A 191 12.99 -28.46 -1.47
N TRP A 192 12.37 -27.44 -2.05
CA TRP A 192 11.38 -26.60 -1.38
C TRP A 192 9.95 -27.12 -1.53
N TYR A 193 9.58 -27.67 -2.69
CA TYR A 193 8.18 -28.01 -2.90
C TYR A 193 8.04 -29.11 -3.94
N ILE A 194 6.81 -29.59 -4.06
CA ILE A 194 6.36 -30.35 -5.21
C ILE A 194 5.05 -29.74 -5.68
N SER A 195 4.96 -29.49 -6.98
CA SER A 195 3.76 -28.94 -7.60
CA SER A 195 3.76 -28.94 -7.59
C SER A 195 3.10 -29.98 -8.50
N HIS A 196 1.77 -29.95 -8.53
CA HIS A 196 0.95 -30.85 -9.34
C HIS A 196 -0.14 -30.02 -10.02
N GLU A 197 -0.26 -30.12 -11.34
CA GLU A 197 -1.38 -29.46 -12.00
C GLU A 197 -1.74 -30.26 -13.25
N GLY A 198 -2.84 -29.85 -13.91
CA GLY A 198 -3.23 -30.49 -15.16
C GLY A 198 -4.08 -31.73 -14.94
N GLY A 199 -4.52 -32.32 -16.06
CA GLY A 199 -5.36 -33.49 -15.95
C GLY A 199 -6.65 -33.18 -15.23
N VAL A 200 -7.10 -34.14 -14.41
CA VAL A 200 -8.35 -33.99 -13.68
C VAL A 200 -8.24 -32.90 -12.61
N LEU A 201 -7.03 -32.45 -12.28
CA LEU A 201 -6.90 -31.33 -11.35
C LEU A 201 -7.45 -30.03 -11.93
N GLU A 202 -7.63 -29.95 -13.25
CA GLU A 202 -8.11 -28.75 -13.93
CA GLU A 202 -8.06 -28.67 -13.80
C GLU A 202 -9.55 -28.43 -13.61
N ASP A 203 -10.22 -29.22 -12.79
CA ASP A 203 -11.62 -28.98 -12.44
C ASP A 203 -11.70 -28.66 -10.95
N PRO A 204 -11.82 -27.38 -10.56
CA PRO A 204 -11.86 -27.03 -9.14
C PRO A 204 -13.09 -27.55 -8.40
N SER A 205 -14.08 -28.10 -9.09
CA SER A 205 -15.24 -28.61 -8.40
C SER A 205 -15.00 -29.99 -7.81
N GLN A 206 -13.87 -30.61 -8.12
CA GLN A 206 -13.56 -31.95 -7.68
C GLN A 206 -12.52 -31.91 -6.56
N GLU A 207 -12.65 -32.82 -5.60
CA GLU A 207 -11.63 -32.86 -4.58
CA GLU A 207 -11.65 -32.96 -4.56
C GLU A 207 -10.33 -33.44 -5.15
N MET A 208 -9.24 -33.18 -4.45
CA MET A 208 -7.96 -33.72 -4.86
C MET A 208 -8.01 -35.25 -4.93
N PRO A 209 -7.62 -35.85 -6.05
CA PRO A 209 -7.56 -37.33 -6.11
C PRO A 209 -6.56 -37.90 -5.11
N ASN A 210 -6.71 -39.20 -4.83
CA ASN A 210 -5.90 -39.77 -3.76
C ASN A 210 -4.53 -40.22 -4.23
N ASP A 211 -4.19 -40.04 -5.52
CA ASP A 211 -2.90 -40.42 -6.08
C ASP A 211 -2.01 -39.21 -6.39
N VAL A 212 -2.29 -38.04 -5.81
CA VAL A 212 -1.54 -36.83 -6.14
C VAL A 212 -0.27 -36.72 -5.32
N LEU A 213 -0.39 -36.86 -4.01
CA LEU A 213 0.69 -36.49 -3.10
C LEU A 213 1.86 -37.45 -3.21
N LEU A 214 3.07 -36.89 -3.18
CA LEU A 214 4.29 -37.68 -3.33
C LEU A 214 5.22 -37.63 -2.14
N MET A 215 5.16 -36.58 -1.31
CA MET A 215 6.07 -36.48 -0.18
C MET A 215 5.34 -36.20 1.12
N THR A 216 4.02 -36.11 1.09
CA THR A 216 3.26 -35.71 2.27
C THR A 216 2.22 -36.78 2.55
N ALA A 217 2.21 -37.28 3.78
CA ALA A 217 1.25 -38.31 4.16
C ALA A 217 -0.17 -37.74 4.22
N PRO A 218 -1.16 -38.45 3.72
CA PRO A 218 -2.54 -38.07 4.03
C PRO A 218 -2.76 -38.07 5.54
N VAL A 219 -3.54 -37.10 6.03
CA VAL A 219 -3.73 -36.92 7.47
C VAL A 219 -4.19 -38.20 8.14
N SER A 220 -5.03 -38.99 7.45
CA SER A 220 -5.55 -40.18 8.11
C SER A 220 -4.48 -41.23 8.42
N GLN A 221 -3.28 -41.15 7.85
CA GLN A 221 -2.26 -42.16 8.17
C GLN A 221 -1.07 -41.58 8.94
N THR A 222 -1.16 -40.32 9.38
CA THR A 222 -0.11 -39.69 10.14
C THR A 222 0.00 -40.27 11.54
N PRO A 223 1.15 -40.08 12.20
CA PRO A 223 1.34 -40.67 13.53
C PRO A 223 0.31 -40.16 14.54
N ASP A 224 0.00 -41.02 15.50
CA ASP A 224 -0.93 -40.68 16.57
C ASP A 224 -0.27 -39.95 17.73
N GLU A 225 1.05 -39.83 17.72
CA GLU A 225 1.79 -39.07 18.71
C GLU A 225 2.38 -37.83 18.04
N GLU A 226 2.28 -36.69 18.71
CA GLU A 226 2.85 -35.46 18.17
C GLU A 226 4.38 -35.54 18.21
N GLU A 227 5.01 -34.71 17.38
CA GLU A 227 6.47 -34.64 17.36
C GLU A 227 6.91 -33.20 17.57
N VAL A 228 7.78 -32.99 18.56
CA VAL A 228 8.30 -31.67 18.87
C VAL A 228 9.54 -31.41 18.01
N VAL A 229 9.57 -30.27 17.31
CA VAL A 229 10.78 -29.81 16.65
C VAL A 229 11.16 -28.48 17.29
N VAL A 230 12.46 -28.24 17.42
CA VAL A 230 12.98 -27.00 17.99
C VAL A 230 13.82 -26.36 16.90
N LEU A 231 13.45 -25.14 16.50
CA LEU A 231 14.15 -24.43 15.44
C LEU A 231 14.83 -23.20 16.03
N ASP A 232 16.14 -23.10 15.83
CA ASP A 232 16.88 -21.89 16.16
C ASP A 232 17.06 -21.07 14.89
N PHE A 233 16.76 -19.78 14.99
CA PHE A 233 16.90 -18.83 13.89
C PHE A 233 17.97 -17.81 14.25
N LYS A 234 18.69 -17.33 13.22
CA LYS A 234 19.59 -16.20 13.36
C LYS A 234 19.34 -15.27 12.19
N LYS A 235 19.00 -14.02 12.49
CA LYS A 235 18.74 -13.01 11.47
C LYS A 235 17.74 -13.51 10.42
N GLY A 236 16.67 -14.17 10.89
CA GLY A 236 15.50 -14.47 10.09
C GLY A 236 15.53 -15.84 9.41
N VAL A 237 16.60 -16.60 9.54
CA VAL A 237 16.72 -17.88 8.85
C VAL A 237 17.10 -19.00 9.82
N PRO A 238 16.67 -20.22 9.58
CA PRO A 238 16.95 -21.31 10.54
C PRO A 238 18.38 -21.80 10.42
N VAL A 239 19.02 -22.03 11.57
CA VAL A 239 20.40 -22.49 11.61
C VAL A 239 20.55 -23.81 12.35
N ALA A 240 19.55 -24.25 13.09
CA ALA A 240 19.66 -25.49 13.83
C ALA A 240 18.29 -26.10 13.99
N LEU A 241 18.28 -27.44 14.06
CA LEU A 241 17.04 -28.20 14.25
C LEU A 241 17.29 -29.18 15.39
N ASN A 242 16.45 -29.13 16.42
CA ASN A 242 16.59 -30.01 17.58
C ASN A 242 17.99 -29.93 18.19
N GLY A 243 18.54 -28.72 18.25
CA GLY A 243 19.84 -28.50 18.86
C GLY A 243 21.03 -28.84 18.00
N GLN A 244 20.83 -29.21 16.74
CA GLN A 244 21.94 -29.58 15.87
C GLN A 244 22.07 -28.55 14.76
N GLU A 245 23.23 -27.91 14.67
CA GLU A 245 23.47 -27.02 13.54
C GLU A 245 23.47 -27.84 12.26
N LEU A 246 22.71 -27.39 11.27
CA LEU A 246 22.60 -28.06 9.98
C LEU A 246 22.72 -27.05 8.86
N SER A 247 23.35 -27.45 7.77
CA SER A 247 23.34 -26.64 6.56
C SER A 247 21.90 -26.42 6.12
N PRO A 248 21.66 -25.38 5.34
CA PRO A 248 20.29 -25.14 4.86
C PRO A 248 19.70 -26.35 4.15
N VAL A 249 20.46 -27.02 3.29
CA VAL A 249 19.92 -28.17 2.57
C VAL A 249 19.63 -29.33 3.53
N ASP A 250 20.54 -29.60 4.47
CA ASP A 250 20.29 -30.68 5.42
C ASP A 250 19.10 -30.38 6.30
N LEU A 251 18.91 -29.12 6.70
CA LEU A 251 17.78 -28.77 7.54
C LEU A 251 16.47 -28.89 6.77
N LEU A 252 16.45 -28.38 5.53
CA LEU A 252 15.26 -28.57 4.70
C LEU A 252 14.95 -30.05 4.50
N ASN A 253 15.97 -30.86 4.20
CA ASN A 253 15.73 -32.29 3.98
CA ASN A 253 15.74 -32.30 3.98
C ASN A 253 15.14 -32.94 5.23
N SER A 254 15.74 -32.70 6.39
CA SER A 254 15.22 -33.29 7.63
C SER A 254 13.81 -32.80 7.94
N LEU A 255 13.56 -31.49 7.80
CA LEU A 255 12.25 -30.95 8.14
CA LEU A 255 12.25 -30.94 8.13
C LEU A 255 11.18 -31.41 7.13
N ASN A 256 11.53 -31.50 5.84
CA ASN A 256 10.59 -32.05 4.88
C ASN A 256 10.19 -33.47 5.26
N GLN A 257 11.15 -34.27 5.69
CA GLN A 257 10.82 -35.64 6.06
C GLN A 257 9.89 -35.66 7.28
N LYS A 258 10.28 -34.97 8.35
CA LYS A 258 9.47 -34.96 9.57
CA LYS A 258 9.47 -34.96 9.57
C LYS A 258 8.08 -34.36 9.31
N ALA A 259 8.03 -33.17 8.72
CA ALA A 259 6.70 -32.57 8.54
C ALA A 259 5.88 -33.31 7.48
N GLY A 260 6.53 -33.90 6.49
CA GLY A 260 5.80 -34.70 5.52
C GLY A 260 5.16 -35.93 6.15
N GLN A 261 5.90 -36.59 7.04
CA GLN A 261 5.36 -37.73 7.77
C GLN A 261 4.10 -37.37 8.56
N HIS A 262 4.04 -36.14 9.07
CA HIS A 262 2.89 -35.68 9.85
C HIS A 262 1.85 -34.96 8.99
N GLY A 263 1.95 -35.08 7.66
CA GLY A 263 0.89 -34.62 6.78
C GLY A 263 0.78 -33.12 6.60
N ILE A 264 1.86 -32.38 6.88
CA ILE A 264 1.82 -30.92 6.95
C ILE A 264 2.11 -30.29 5.59
N GLY A 265 1.36 -29.23 5.25
CA GLY A 265 1.79 -28.29 4.24
C GLY A 265 1.15 -28.41 2.86
N VAL A 266 0.07 -29.18 2.72
CA VAL A 266 -0.53 -29.36 1.40
C VAL A 266 -1.45 -28.18 1.15
N ALA A 267 -1.31 -27.55 -0.02
CA ALA A 267 -2.19 -26.45 -0.40
C ALA A 267 -2.90 -26.82 -1.69
N ASP A 268 -4.21 -26.67 -1.71
CA ASP A 268 -5.03 -26.95 -2.88
C ASP A 268 -5.67 -25.62 -3.27
N ILE A 269 -5.17 -24.99 -4.34
CA ILE A 269 -5.50 -23.58 -4.59
C ILE A 269 -5.86 -23.33 -6.05
N VAL A 270 -6.60 -22.25 -6.28
CA VAL A 270 -6.76 -21.67 -7.61
C VAL A 270 -5.98 -20.37 -7.61
N GLU A 271 -5.06 -20.20 -8.55
CA GLU A 271 -4.20 -19.03 -8.57
C GLU A 271 -4.36 -18.32 -9.92
N ASN A 272 -4.05 -17.02 -9.95
CA ASN A 272 -4.04 -16.28 -11.20
C ASN A 272 -2.67 -16.36 -11.84
N ARG A 273 -2.61 -16.86 -13.06
CA ARG A 273 -1.35 -16.85 -13.76
C ARG A 273 -1.05 -15.43 -14.23
N LEU A 274 0.24 -15.17 -14.46
CA LEU A 274 0.62 -13.93 -15.12
C LEU A 274 0.14 -13.95 -16.58
N VAL A 275 0.18 -15.11 -17.24
CA VAL A 275 -0.26 -15.16 -18.63
C VAL A 275 -1.77 -15.00 -18.80
N GLY A 276 -2.49 -14.65 -17.74
CA GLY A 276 -3.84 -14.11 -17.87
C GLY A 276 -5.00 -15.04 -17.55
N MET A 277 -4.77 -16.25 -17.03
CA MET A 277 -5.87 -17.14 -16.69
C MET A 277 -5.60 -17.84 -15.36
N LYS A 278 -6.63 -18.46 -14.81
CA LYS A 278 -6.54 -19.16 -13.53
CA LYS A 278 -6.53 -19.16 -13.53
C LYS A 278 -6.16 -20.61 -13.75
N ILE A 279 -5.44 -21.20 -12.77
CA ILE A 279 -5.07 -22.62 -12.79
C ILE A 279 -5.25 -23.20 -11.39
N ARG A 280 -5.72 -24.45 -11.33
CA ARG A 280 -5.87 -25.18 -10.08
C ARG A 280 -4.61 -26.01 -9.85
N GLY A 281 -3.95 -25.80 -8.72
CA GLY A 281 -2.71 -26.51 -8.42
C GLY A 281 -2.73 -27.12 -7.03
N ILE A 282 -2.00 -28.21 -6.88
CA ILE A 282 -1.74 -28.82 -5.58
C ILE A 282 -0.28 -28.60 -5.25
N TYR A 283 0.02 -28.10 -4.06
CA TYR A 283 1.40 -27.84 -3.69
C TYR A 283 1.74 -28.51 -2.37
N GLU A 284 2.86 -29.24 -2.37
CA GLU A 284 3.38 -29.85 -1.16
C GLU A 284 4.63 -29.08 -0.80
N ALA A 285 4.75 -28.71 0.47
CA ALA A 285 5.95 -28.03 0.94
C ALA A 285 5.96 -28.10 2.46
N PRO A 286 6.30 -29.27 3.04
CA PRO A 286 6.20 -29.44 4.50
C PRO A 286 7.17 -28.57 5.28
N ALA A 287 8.47 -28.62 4.93
CA ALA A 287 9.44 -27.79 5.64
C ALA A 287 9.12 -26.30 5.50
N ALA A 288 8.70 -25.90 4.29
CA ALA A 288 8.36 -24.49 4.05
C ALA A 288 7.22 -24.02 4.96
N ALA A 289 6.18 -24.86 5.12
CA ALA A 289 5.10 -24.46 6.02
C ALA A 289 5.60 -24.29 7.45
N VAL A 290 6.47 -25.20 7.92
CA VAL A 290 6.97 -25.11 9.29
C VAL A 290 7.86 -23.88 9.43
N LEU A 291 8.74 -23.64 8.46
CA LEU A 291 9.63 -22.48 8.57
C LEU A 291 8.85 -21.17 8.52
N TYR A 292 7.84 -21.10 7.66
CA TYR A 292 7.00 -19.92 7.59
C TYR A 292 6.30 -19.67 8.92
N LYS A 293 5.78 -20.72 9.55
CA LYS A 293 5.11 -20.54 10.84
C LYS A 293 6.11 -20.07 11.90
N ALA A 294 7.27 -20.72 11.98
CA ALA A 294 8.27 -20.32 12.98
C ALA A 294 8.75 -18.90 12.74
N HIS A 295 9.00 -18.55 11.47
CA HIS A 295 9.47 -17.21 11.16
C HIS A 295 8.44 -16.16 11.56
N LYS A 296 7.17 -16.42 11.25
CA LYS A 296 6.08 -15.51 11.62
C LYS A 296 5.97 -15.33 13.14
N LEU A 297 6.12 -16.43 13.89
CA LEU A 297 6.09 -16.33 15.35
C LEU A 297 7.24 -15.48 15.87
N LEU A 298 8.47 -15.74 15.40
CA LEU A 298 9.61 -14.95 15.85
C LEU A 298 9.47 -13.48 15.49
N GLU A 299 8.98 -13.18 14.27
CA GLU A 299 8.76 -11.77 13.93
C GLU A 299 7.78 -11.12 14.89
N SER A 300 6.76 -11.87 15.34
CA SER A 300 5.75 -11.27 16.19
C SER A 300 6.32 -10.94 17.55
N LEU A 301 7.40 -11.62 17.94
CA LEU A 301 8.09 -11.39 19.20
C LEU A 301 9.11 -10.26 19.10
N CYS A 302 9.78 -10.12 17.95
CA CYS A 302 11.00 -9.34 17.89
C CYS A 302 10.87 -8.01 17.16
N LEU A 303 9.84 -7.83 16.33
CA LEU A 303 9.67 -6.58 15.60
C LEU A 303 8.72 -5.66 16.35
N THR A 304 8.93 -4.35 16.23
CA THR A 304 7.94 -3.43 16.75
C THR A 304 6.70 -3.47 15.85
N ARG A 305 5.61 -2.88 16.36
CA ARG A 305 4.36 -2.88 15.63
C ARG A 305 4.51 -2.16 14.29
N SER A 306 5.14 -0.98 14.30
CA SER A 306 5.22 -0.25 13.03
C SER A 306 6.08 -1.02 12.04
N THR A 307 7.17 -1.66 12.50
CA THR A 307 7.97 -2.44 11.55
C THR A 307 7.20 -3.66 11.02
N LEU A 308 6.53 -4.37 11.92
CA LEU A 308 5.76 -5.54 11.51
C LEU A 308 4.70 -5.15 10.48
N HIS A 309 3.99 -4.06 10.74
CA HIS A 309 2.90 -3.69 9.84
C HIS A 309 3.44 -3.27 8.47
N LEU A 310 4.51 -2.47 8.45
CA LEU A 310 5.07 -2.07 7.15
C LEU A 310 5.60 -3.28 6.40
N LYS A 311 6.29 -4.18 7.11
CA LYS A 311 6.85 -5.34 6.41
C LYS A 311 5.75 -6.23 5.86
N GLN A 312 4.68 -6.44 6.64
CA GLN A 312 3.57 -7.26 6.17
C GLN A 312 2.91 -6.64 4.94
N SER A 313 2.88 -5.31 4.86
CA SER A 313 2.31 -4.62 3.72
C SER A 313 3.14 -4.80 2.44
N LEU A 314 4.40 -5.24 2.52
CA LEU A 314 5.20 -5.44 1.33
C LEU A 314 5.31 -6.89 0.92
N GLN A 315 4.71 -7.82 1.67
CA GLN A 315 4.77 -9.23 1.32
C GLN A 315 4.15 -9.49 -0.04
N GLN A 316 2.99 -8.89 -0.33
CA GLN A 316 2.36 -9.13 -1.63
C GLN A 316 3.23 -8.62 -2.77
N THR A 317 3.82 -7.43 -2.61
CA THR A 317 4.76 -6.95 -3.63
C THR A 317 5.86 -7.96 -3.87
N TYR A 318 6.43 -8.49 -2.79
CA TYR A 318 7.52 -9.46 -2.96
C TYR A 318 7.01 -10.73 -3.63
N ALA A 319 5.82 -11.19 -3.22
CA ALA A 319 5.31 -12.45 -3.77
C ALA A 319 5.06 -12.31 -5.27
N ASN A 320 4.47 -11.17 -5.68
CA ASN A 320 4.17 -10.96 -7.09
C ASN A 320 5.46 -10.90 -7.90
N LEU A 321 6.47 -10.22 -7.37
CA LEU A 321 7.76 -10.16 -8.05
C LEU A 321 8.33 -11.56 -8.28
N VAL A 322 8.33 -12.39 -7.24
CA VAL A 322 8.86 -13.76 -7.39
C VAL A 322 8.02 -14.54 -8.39
N TYR A 323 6.69 -14.51 -8.23
CA TYR A 323 5.80 -15.26 -9.12
C TYR A 323 6.02 -14.88 -10.58
N GLU A 324 6.25 -13.61 -10.85
CA GLU A 324 6.33 -13.10 -12.22
C GLU A 324 7.72 -13.25 -12.83
N GLY A 325 8.68 -13.79 -12.08
CA GLY A 325 10.00 -14.00 -12.65
C GLY A 325 10.91 -12.79 -12.60
N ARG A 326 10.57 -11.77 -11.79
CA ARG A 326 11.30 -10.50 -11.79
C ARG A 326 12.42 -10.46 -10.74
N TRP A 327 12.96 -11.64 -10.40
CA TRP A 327 14.02 -11.76 -9.40
C TRP A 327 15.23 -10.88 -9.71
N PHE A 328 15.68 -10.87 -10.96
CA PHE A 328 16.88 -10.11 -11.32
C PHE A 328 16.45 -8.71 -11.68
N SER A 329 16.17 -7.91 -10.64
CA SER A 329 15.73 -6.54 -10.86
C SER A 329 16.19 -5.65 -9.71
N GLN A 330 16.35 -4.36 -9.99
CA GLN A 330 16.66 -3.42 -8.91
C GLN A 330 15.53 -3.36 -7.88
N THR A 331 14.28 -3.51 -8.32
CA THR A 331 13.16 -3.53 -7.39
C THR A 331 13.34 -4.62 -6.34
N LYS A 332 13.78 -5.80 -6.76
CA LYS A 332 14.02 -6.89 -5.82
C LYS A 332 15.17 -6.55 -4.88
N GLN A 333 16.26 -5.97 -5.43
CA GLN A 333 17.39 -5.61 -4.58
C GLN A 333 16.97 -4.63 -3.48
N ALA A 334 16.11 -3.67 -3.84
CA ALA A 334 15.67 -2.70 -2.84
C ALA A 334 14.80 -3.35 -1.78
N LEU A 335 13.90 -4.25 -2.18
CA LEU A 335 13.10 -4.96 -1.19
C LEU A 335 13.98 -5.81 -0.28
N ASP A 336 14.99 -6.48 -0.85
CA ASP A 336 15.87 -7.30 -0.02
C ASP A 336 16.60 -6.45 1.00
N ALA A 337 16.99 -5.23 0.62
CA ALA A 337 17.70 -4.37 1.57
C ALA A 337 16.80 -3.96 2.73
N PHE A 338 15.55 -3.61 2.42
CA PHE A 338 14.55 -3.36 3.45
C PHE A 338 14.38 -4.57 4.35
N ILE A 339 14.15 -5.73 3.73
CA ILE A 339 13.86 -6.93 4.51
C ILE A 339 15.03 -7.26 5.43
N ASP A 340 16.26 -7.15 4.92
CA ASP A 340 17.42 -7.57 5.73
C ASP A 340 17.54 -6.72 7.00
N VAL A 341 17.27 -5.41 6.91
CA VAL A 341 17.24 -4.60 8.13
C VAL A 341 16.22 -5.16 9.12
N THR A 342 15.00 -5.45 8.66
CA THR A 342 13.98 -5.93 9.59
C THR A 342 14.35 -7.26 10.22
N GLN A 343 15.27 -8.01 9.61
CA GLN A 343 15.58 -9.33 10.12
C GLN A 343 16.77 -9.35 11.09
N GLN A 344 17.34 -8.19 11.42
CA GLN A 344 18.60 -8.18 12.18
C GLN A 344 18.46 -8.80 13.56
N HIS A 345 17.29 -8.65 14.20
CA HIS A 345 17.05 -9.21 15.53
C HIS A 345 16.10 -10.39 15.53
N VAL A 346 15.80 -10.95 14.36
CA VAL A 346 14.83 -12.05 14.29
C VAL A 346 15.64 -13.31 14.58
N THR A 347 15.97 -13.47 15.86
CA THR A 347 16.95 -14.45 16.29
C THR A 347 16.42 -15.07 17.56
N GLY A 348 16.36 -16.39 17.61
CA GLY A 348 15.79 -17.01 18.78
C GLY A 348 15.36 -18.44 18.46
N CYS A 349 14.53 -18.97 19.36
CA CYS A 349 14.21 -20.38 19.40
C CYS A 349 12.69 -20.52 19.33
N VAL A 350 12.20 -21.36 18.42
CA VAL A 350 10.77 -21.64 18.29
C VAL A 350 10.57 -23.13 18.42
N LYS A 351 9.72 -23.53 19.37
CA LYS A 351 9.34 -24.94 19.56
C LYS A 351 7.95 -25.14 18.97
N LEU A 352 7.81 -26.18 18.17
CA LEU A 352 6.57 -26.46 17.46
C LEU A 352 6.21 -27.93 17.61
N LYS A 353 4.91 -28.21 17.69
CA LYS A 353 4.43 -29.58 17.70
C LYS A 353 3.82 -29.90 16.34
N LEU A 354 4.34 -30.93 15.68
CA LEU A 354 3.82 -31.38 14.41
C LEU A 354 2.86 -32.53 14.68
N PHE A 355 1.64 -32.42 14.17
CA PHE A 355 0.65 -33.41 14.56
C PHE A 355 -0.53 -33.34 13.59
N LYS A 356 -0.70 -34.39 12.80
CA LYS A 356 -1.91 -34.60 12.01
C LYS A 356 -2.24 -33.39 11.13
N GLY A 357 -1.21 -32.89 10.44
CA GLY A 357 -1.38 -31.76 9.52
C GLY A 357 -1.26 -30.39 10.17
N ASN A 358 -1.17 -30.32 11.50
CA ASN A 358 -1.12 -29.07 12.25
C ASN A 358 0.30 -28.73 12.66
N ILE A 359 0.61 -27.44 12.67
CA ILE A 359 1.85 -26.94 13.23
C ILE A 359 1.44 -26.15 14.46
N ILE A 360 1.66 -26.70 15.64
CA ILE A 360 1.09 -26.16 16.87
C ILE A 360 2.17 -25.42 17.63
N PRO A 361 2.00 -24.14 17.95
CA PRO A 361 2.97 -23.43 18.77
C PRO A 361 3.21 -24.13 20.11
N ALA A 362 4.49 -24.29 20.46
CA ALA A 362 4.82 -24.92 21.74
C ALA A 362 5.83 -24.09 22.53
N GLY A 363 5.96 -22.80 22.22
CA GLY A 363 6.81 -21.90 22.98
C GLY A 363 7.85 -21.26 22.11
N MET A 364 8.21 -20.00 22.38
CA MET A 364 9.32 -19.39 21.69
C MET A 364 10.05 -18.46 22.65
N HIS A 365 11.32 -18.18 22.35
CA HIS A 365 12.03 -17.19 23.13
C HIS A 365 13.10 -16.53 22.26
N SER A 366 13.51 -15.33 22.68
CA SER A 366 14.53 -14.60 21.94
C SER A 366 15.26 -13.66 22.88
N PRO A 367 16.59 -13.54 22.79
CA PRO A 367 17.27 -12.47 23.54
C PRO A 367 16.79 -11.07 23.15
N TYR A 368 16.13 -10.93 22.00
CA TYR A 368 15.63 -9.63 21.53
C TYR A 368 14.11 -9.55 21.60
N SER A 369 13.49 -10.38 22.43
CA SER A 369 12.04 -10.32 22.58
C SER A 369 11.62 -8.96 23.07
N LEU A 370 10.56 -8.42 22.50
CA LEU A 370 9.97 -7.16 22.94
C LEU A 370 8.80 -7.39 23.89
N HIS A 371 8.50 -8.65 24.21
CA HIS A 371 7.42 -8.99 25.12
C HIS A 371 7.93 -8.93 26.56
N HIS A 372 7.26 -8.15 27.39
CA HIS A 372 7.73 -8.00 28.77
C HIS A 372 6.54 -7.73 29.69
N GLN A 386 -2.34 4.44 34.66
CA GLN A 386 -3.76 4.71 34.52
C GLN A 386 -4.00 6.08 33.90
N LYS A 387 -3.18 7.06 34.31
CA LYS A 387 -3.36 8.41 33.80
C LYS A 387 -2.97 8.53 32.33
N ASP A 388 -2.00 7.74 31.88
CA ASP A 388 -1.58 7.83 30.48
C ASP A 388 -2.71 7.44 29.54
N ALA A 389 -3.50 6.42 29.91
CA ALA A 389 -4.50 5.89 28.97
C ALA A 389 -5.57 6.92 28.63
N GLU A 390 -6.03 7.72 29.62
CA GLU A 390 -7.07 8.70 29.31
C GLU A 390 -6.57 9.71 28.27
N GLY A 391 -5.36 10.22 28.46
CA GLY A 391 -4.82 11.18 27.49
C GLY A 391 -4.61 10.56 26.11
N PHE A 392 -4.11 9.32 26.07
CA PHE A 392 -3.97 8.67 24.77
C PHE A 392 -5.31 8.50 24.10
N ILE A 393 -6.33 8.08 24.85
CA ILE A 393 -7.66 7.88 24.29
C ILE A 393 -8.21 9.17 23.73
N ASN A 394 -8.07 10.26 24.49
CA ASN A 394 -8.67 11.52 24.08
C ASN A 394 -8.05 12.03 22.81
N LEU A 395 -6.74 11.88 22.65
CA LEU A 395 -6.12 12.42 21.45
C LEU A 395 -6.23 11.47 20.27
N PHE A 396 -6.17 10.15 20.52
CA PHE A 396 -6.39 9.18 19.46
C PHE A 396 -7.77 9.34 18.83
N SER A 397 -8.76 9.73 19.64
CA SER A 397 -10.16 9.80 19.22
CA SER A 397 -10.15 9.80 19.19
C SER A 397 -10.61 11.23 18.94
N LEU A 398 -9.70 12.21 19.02
CA LEU A 398 -10.11 13.60 18.89
C LEU A 398 -10.70 13.89 17.51
N SER A 399 -10.04 13.37 16.46
CA SER A 399 -10.54 13.56 15.10
CA SER A 399 -10.57 13.62 15.13
C SER A 399 -11.96 13.02 14.95
N ALA A 400 -12.25 11.88 15.60
CA ALA A 400 -13.60 11.32 15.55
C ALA A 400 -14.61 12.20 16.27
N LYS A 401 -14.21 12.76 17.43
CA LYS A 401 -15.12 13.65 18.14
C LYS A 401 -15.39 14.92 17.32
N ILE A 402 -14.36 15.51 16.73
CA ILE A 402 -14.55 16.71 15.92
CA ILE A 402 -14.55 16.71 15.92
C ILE A 402 -15.47 16.40 14.73
N TYR A 403 -15.21 15.28 14.05
CA TYR A 403 -16.06 14.87 12.93
C TYR A 403 -17.52 14.72 13.35
N SER A 404 -17.76 14.06 14.48
CA SER A 404 -19.13 13.81 14.90
CA SER A 404 -19.13 13.81 14.90
C SER A 404 -19.81 15.09 15.40
N GLN A 405 -19.04 16.06 15.88
CA GLN A 405 -19.66 17.33 16.24
C GLN A 405 -20.03 18.13 15.00
N VAL A 406 -19.18 18.09 13.97
CA VAL A 406 -19.51 18.77 12.72
C VAL A 406 -20.69 18.10 12.05
N HIS A 407 -20.71 16.77 12.00
CA HIS A 407 -21.81 16.03 11.39
C HIS A 407 -22.76 15.50 12.46
N GLN A 408 -23.38 16.48 13.14
CA GLN A 408 -24.07 16.22 14.40
C GLN A 408 -25.26 15.27 14.20
N GLY A 409 -25.28 14.19 14.97
CA GLY A 409 -26.34 13.21 14.85
C GLY A 409 -26.21 12.28 13.67
N GLY A 410 -25.20 12.46 12.82
CA GLY A 410 -25.02 11.59 11.68
C GLY A 410 -24.69 10.17 12.08
N ASN A 411 -24.82 9.27 11.11
CA ASN A 411 -24.54 7.85 11.32
C ASN A 411 -23.35 7.43 10.45
N TYR A 412 -22.93 6.18 10.61
CA TYR A 412 -21.81 5.62 9.84
C TYR A 412 -22.24 4.37 9.08
N ASP A 413 -23.48 4.35 8.61
CA ASP A 413 -24.03 3.21 7.88
C ASP A 413 -23.50 3.14 6.45
N VAL B 12 -24.37 18.99 35.27
CA VAL B 12 -24.63 18.10 36.39
C VAL B 12 -24.93 16.70 35.88
N ILE B 13 -24.23 15.70 36.44
CA ILE B 13 -24.43 14.30 36.08
C ILE B 13 -25.45 13.72 37.05
N LYS B 14 -26.71 13.66 36.62
CA LYS B 14 -27.77 13.09 37.44
C LYS B 14 -28.05 11.62 37.12
N LYS B 15 -27.61 11.12 35.97
CA LYS B 15 -28.02 9.80 35.50
C LYS B 15 -26.94 9.23 34.59
N ILE B 16 -26.57 7.96 34.83
CA ILE B 16 -25.44 7.31 34.18
C ILE B 16 -25.91 5.98 33.62
N ALA B 17 -25.52 5.67 32.37
CA ALA B 17 -25.74 4.35 31.80
C ALA B 17 -24.41 3.60 31.83
N LEU B 18 -24.41 2.40 32.43
CA LEU B 18 -23.21 1.59 32.61
C LEU B 18 -23.29 0.33 31.76
N ALA B 19 -22.27 0.08 30.95
CA ALA B 19 -22.18 -1.18 30.21
C ALA B 19 -21.84 -2.27 31.22
N TYR B 20 -22.76 -3.19 31.42
CA TYR B 20 -22.71 -4.07 32.59
C TYR B 20 -22.61 -5.52 32.15
N SER B 21 -21.53 -6.19 32.55
CA SER B 21 -21.26 -7.56 32.18
C SER B 21 -21.59 -8.56 33.28
N GLY B 22 -21.81 -8.11 34.51
CA GLY B 22 -22.19 -8.96 35.62
C GLY B 22 -21.07 -9.46 36.51
N GLY B 23 -19.82 -9.20 36.19
CA GLY B 23 -18.77 -9.57 37.12
C GLY B 23 -18.78 -8.72 38.39
N LEU B 24 -17.92 -9.11 39.34
CA LEU B 24 -17.76 -8.32 40.57
C LEU B 24 -17.42 -6.87 40.28
N ASP B 25 -16.53 -6.64 39.31
CA ASP B 25 -16.01 -5.29 39.07
C ASP B 25 -17.12 -4.34 38.61
N THR B 26 -17.92 -4.74 37.61
CA THR B 26 -19.00 -3.83 37.20
C THR B 26 -20.09 -3.75 38.25
N SER B 27 -20.25 -4.78 39.09
CA SER B 27 -21.20 -4.68 40.18
C SER B 27 -20.79 -3.59 41.18
N ILE B 28 -19.50 -3.56 41.58
CA ILE B 28 -19.12 -2.55 42.56
C ILE B 28 -19.04 -1.16 41.94
N MET B 29 -18.93 -1.08 40.61
CA MET B 29 -18.98 0.23 39.96
C MET B 29 -20.32 0.93 40.16
N ILE B 30 -21.40 0.18 40.39
CA ILE B 30 -22.69 0.85 40.57
C ILE B 30 -22.67 1.68 41.85
N PRO B 31 -22.39 1.12 43.04
CA PRO B 31 -22.29 2.01 44.21
C PRO B 31 -21.16 3.01 44.09
N TRP B 32 -20.07 2.66 43.40
CA TRP B 32 -18.96 3.60 43.30
C TRP B 32 -19.38 4.83 42.48
N LEU B 33 -20.12 4.61 41.39
CA LEU B 33 -20.62 5.73 40.58
C LEU B 33 -21.58 6.61 41.38
N LYS B 34 -22.43 6.00 42.21
CA LYS B 34 -23.34 6.79 43.03
C LYS B 34 -22.62 7.60 44.09
N GLU B 35 -21.52 7.07 44.64
CA GLU B 35 -20.72 7.84 45.59
C GLU B 35 -20.08 9.04 44.91
N HIS B 36 -19.45 8.82 43.76
CA HIS B 36 -18.60 9.83 43.14
C HIS B 36 -19.37 10.82 42.27
N TYR B 37 -20.61 10.51 41.91
CA TYR B 37 -21.48 11.45 41.21
C TYR B 37 -22.74 11.57 42.06
N GLU B 38 -22.67 12.46 43.06
CA GLU B 38 -23.67 12.66 44.11
C GLU B 38 -25.09 12.28 43.75
N HIS B 39 -25.56 11.13 44.27
CA HIS B 39 -26.94 10.67 44.15
C HIS B 39 -27.33 10.36 42.72
N ALA B 40 -26.37 10.07 41.84
CA ALA B 40 -26.72 9.76 40.46
C ALA B 40 -27.49 8.45 40.40
N GLU B 41 -28.50 8.42 39.54
CA GLU B 41 -29.13 7.18 39.14
C GLU B 41 -28.25 6.43 38.14
N VAL B 42 -28.15 5.10 38.27
CA VAL B 42 -27.37 4.27 37.35
C VAL B 42 -28.29 3.26 36.69
N ILE B 43 -28.30 3.23 35.36
CA ILE B 43 -29.00 2.15 34.66
C ILE B 43 -27.94 1.25 34.03
N ALA B 44 -28.26 -0.04 33.94
CA ALA B 44 -27.33 -1.01 33.41
C ALA B 44 -27.77 -1.42 32.01
N VAL B 45 -26.80 -1.59 31.11
CA VAL B 45 -27.06 -2.09 29.76
C VAL B 45 -26.25 -3.37 29.59
N ILE B 46 -26.95 -4.48 29.31
CA ILE B 46 -26.37 -5.81 29.19
C ILE B 46 -26.64 -6.32 27.79
N CYS B 47 -25.59 -6.65 27.04
CA CYS B 47 -25.78 -7.17 25.68
C CYS B 47 -25.62 -8.68 25.66
N ASP B 48 -26.53 -9.36 24.95
CA ASP B 48 -26.39 -10.78 24.66
C ASP B 48 -25.67 -10.87 23.33
N LEU B 49 -24.38 -11.18 23.39
CA LEU B 49 -23.53 -11.36 22.24
C LEU B 49 -23.25 -12.84 21.95
N GLY B 50 -23.85 -13.74 22.72
CA GLY B 50 -23.51 -15.16 22.67
C GLY B 50 -22.55 -15.62 23.74
N GLN B 51 -22.36 -14.86 24.83
CA GLN B 51 -21.45 -15.30 25.87
C GLN B 51 -21.97 -16.50 26.64
N GLN B 52 -23.23 -16.90 26.40
CA GLN B 52 -23.81 -18.12 26.95
C GLN B 52 -23.83 -18.07 28.47
N GLU B 53 -24.19 -16.92 29.01
CA GLU B 53 -24.36 -16.76 30.44
C GLU B 53 -25.83 -16.57 30.76
N ASP B 54 -26.13 -16.65 32.06
CA ASP B 54 -27.49 -16.49 32.54
C ASP B 54 -27.78 -15.01 32.62
N LEU B 55 -28.43 -14.48 31.58
CA LEU B 55 -28.63 -13.05 31.52
C LEU B 55 -29.71 -12.59 32.50
N ASP B 56 -30.65 -13.46 32.86
CA ASP B 56 -31.59 -13.13 33.92
C ASP B 56 -30.87 -12.92 35.24
N ALA B 57 -29.89 -13.77 35.56
CA ALA B 57 -29.12 -13.60 36.79
C ALA B 57 -28.31 -12.31 36.74
N ILE B 58 -27.76 -11.97 35.58
CA ILE B 58 -26.97 -10.75 35.46
C ILE B 58 -27.86 -9.54 35.64
N LYS B 59 -29.04 -9.56 35.01
CA LYS B 59 -30.00 -8.47 35.17
C LYS B 59 -30.39 -8.29 36.64
N ASN B 60 -30.70 -9.39 37.33
CA ASN B 60 -31.07 -9.28 38.73
CA ASN B 60 -31.06 -9.29 38.73
C ASN B 60 -29.90 -8.77 39.57
N LYS B 61 -28.67 -9.17 39.23
CA LYS B 61 -27.53 -8.71 40.02
C LYS B 61 -27.29 -7.22 39.84
N ALA B 62 -27.54 -6.68 38.63
CA ALA B 62 -27.45 -5.24 38.44
C ALA B 62 -28.47 -4.51 39.31
N LEU B 63 -29.71 -4.99 39.35
CA LEU B 63 -30.71 -4.34 40.18
C LEU B 63 -30.37 -4.47 41.67
N LYS B 64 -29.96 -5.66 42.11
CA LYS B 64 -29.58 -5.82 43.50
C LYS B 64 -28.40 -4.93 43.86
N SER B 65 -27.54 -4.62 42.89
CA SER B 65 -26.37 -3.81 43.16
C SER B 65 -26.69 -2.32 43.22
N GLY B 66 -27.93 -1.92 42.92
CA GLY B 66 -28.32 -0.52 42.99
C GLY B 66 -28.73 0.11 41.65
N ALA B 67 -28.70 -0.60 40.53
CA ALA B 67 -29.18 -0.02 39.28
C ALA B 67 -30.70 0.17 39.35
N SER B 68 -31.17 1.32 38.84
CA SER B 68 -32.63 1.54 38.84
C SER B 68 -33.31 0.67 37.80
N LYS B 69 -32.60 0.38 36.70
CA LYS B 69 -33.08 -0.41 35.57
C LYS B 69 -31.92 -1.23 35.03
N ALA B 70 -32.24 -2.38 34.46
CA ALA B 70 -31.21 -3.20 33.81
C ALA B 70 -31.81 -3.70 32.50
N TYR B 71 -31.39 -3.09 31.39
CA TYR B 71 -31.80 -3.54 30.07
C TYR B 71 -30.96 -4.74 29.63
N VAL B 72 -31.61 -5.77 29.08
CA VAL B 72 -30.91 -6.86 28.41
C VAL B 72 -31.35 -6.82 26.95
N VAL B 73 -30.39 -6.66 26.04
CA VAL B 73 -30.72 -6.54 24.62
CA VAL B 73 -30.73 -6.56 24.62
C VAL B 73 -30.07 -7.70 23.89
N ASP B 74 -30.88 -8.48 23.17
CA ASP B 74 -30.35 -9.59 22.37
C ASP B 74 -29.81 -8.99 21.08
N VAL B 75 -28.49 -9.00 20.92
CA VAL B 75 -27.91 -8.37 19.74
C VAL B 75 -27.20 -9.38 18.85
N LYS B 76 -27.50 -10.67 19.02
CA LYS B 76 -26.78 -11.69 18.27
C LYS B 76 -27.00 -11.53 16.77
N ASN B 77 -28.26 -11.31 16.34
CA ASN B 77 -28.48 -11.16 14.89
C ASN B 77 -27.86 -9.87 14.36
N GLU B 78 -28.01 -8.78 15.11
CA GLU B 78 -27.39 -7.51 14.71
C GLU B 78 -25.87 -7.65 14.60
N PHE B 79 -25.25 -8.31 15.59
CA PHE B 79 -23.81 -8.58 15.57
C PHE B 79 -23.41 -9.36 14.32
N ALA B 80 -24.11 -10.46 14.03
CA ALA B 80 -23.73 -11.27 12.88
C ALA B 80 -23.92 -10.50 11.57
N THR B 81 -25.09 -9.84 11.40
CA THR B 81 -25.40 -9.26 10.09
CA THR B 81 -25.41 -9.26 10.10
C THR B 81 -24.65 -7.95 9.86
N GLN B 82 -24.47 -7.14 10.90
CA GLN B 82 -23.91 -5.82 10.70
CA GLN B 82 -23.91 -5.82 10.71
C GLN B 82 -22.41 -5.73 11.03
N TYR B 83 -21.85 -6.73 11.70
CA TYR B 83 -20.43 -6.73 12.06
C TYR B 83 -19.70 -7.94 11.51
N LEU B 84 -20.13 -9.17 11.83
CA LEU B 84 -19.36 -10.33 11.40
C LEU B 84 -19.44 -10.53 9.89
N TRP B 85 -20.59 -10.23 9.28
CA TRP B 85 -20.69 -10.41 7.83
C TRP B 85 -19.77 -9.44 7.09
N PRO B 86 -19.73 -8.14 7.43
CA PRO B 86 -18.72 -7.27 6.79
C PRO B 86 -17.31 -7.75 7.05
N LEU B 87 -17.04 -8.30 8.23
CA LEU B 87 -15.70 -8.79 8.52
C LEU B 87 -15.35 -9.99 7.63
N VAL B 88 -16.28 -10.94 7.50
CA VAL B 88 -16.07 -12.06 6.57
C VAL B 88 -15.80 -11.55 5.15
N LYS B 89 -16.59 -10.58 4.69
CA LYS B 89 -16.39 -10.05 3.34
C LYS B 89 -15.01 -9.43 3.18
N SER B 90 -14.48 -8.82 4.26
CA SER B 90 -13.17 -8.15 4.17
C SER B 90 -12.01 -9.13 4.09
N GLY B 91 -12.16 -10.34 4.65
CA GLY B 91 -11.06 -11.27 4.80
C GLY B 91 -9.93 -10.82 5.72
N ALA B 92 -10.19 -9.84 6.58
CA ALA B 92 -9.13 -9.19 7.35
C ALA B 92 -8.76 -10.03 8.56
N LEU B 93 -7.44 -10.14 8.80
CA LEU B 93 -6.91 -10.77 10.01
C LEU B 93 -5.86 -9.83 10.56
N TYR B 94 -6.01 -9.43 11.83
CA TYR B 94 -5.07 -8.50 12.40
C TYR B 94 -3.70 -9.14 12.54
N GLU B 95 -2.66 -8.46 12.02
CA GLU B 95 -1.28 -8.96 11.96
C GLU B 95 -1.20 -10.36 11.38
N ASP B 96 -2.13 -10.65 10.46
CA ASP B 96 -2.16 -11.88 9.67
C ASP B 96 -2.51 -13.08 10.52
N GLN B 97 -3.07 -12.87 11.74
CA GLN B 97 -3.34 -14.00 12.64
C GLN B 97 -4.64 -13.90 13.42
N TYR B 98 -5.11 -12.71 13.80
CA TYR B 98 -6.15 -12.57 14.80
C TYR B 98 -7.50 -12.29 14.14
N ILE B 99 -8.51 -13.10 14.52
CA ILE B 99 -9.86 -13.12 13.98
C ILE B 99 -10.75 -11.99 14.50
N LEU B 100 -10.24 -11.13 15.39
CA LEU B 100 -10.87 -9.82 15.68
C LEU B 100 -12.24 -9.96 16.37
N GLY B 101 -12.36 -10.89 17.30
CA GLY B 101 -13.62 -11.03 18.04
C GLY B 101 -14.03 -9.79 18.82
N THR B 102 -13.09 -8.88 19.11
CA THR B 102 -13.45 -7.62 19.80
C THR B 102 -14.10 -6.59 18.87
N ILE B 103 -14.44 -7.01 17.65
CA ILE B 103 -15.38 -6.25 16.83
C ILE B 103 -16.71 -6.05 17.56
N SER B 104 -16.96 -6.80 18.63
CA SER B 104 -18.16 -6.58 19.44
C SER B 104 -18.17 -5.24 20.18
N ARG B 105 -17.00 -4.66 20.46
CA ARG B 105 -16.98 -3.48 21.34
C ARG B 105 -17.73 -2.29 20.74
N PRO B 106 -17.59 -1.94 19.46
CA PRO B 106 -18.41 -0.85 18.92
C PRO B 106 -19.89 -1.14 18.99
N LEU B 107 -20.30 -2.42 18.90
CA LEU B 107 -21.72 -2.72 19.03
C LEU B 107 -22.19 -2.50 20.46
N ILE B 108 -21.40 -2.92 21.45
CA ILE B 108 -21.75 -2.66 22.85
C ILE B 108 -21.90 -1.17 23.05
N ALA B 109 -20.96 -0.40 22.51
CA ALA B 109 -21.03 1.05 22.66
C ALA B 109 -22.28 1.60 21.99
N GLN B 110 -22.63 1.05 20.82
CA GLN B 110 -23.80 1.51 20.09
C GLN B 110 -25.08 1.31 20.88
N LYS B 111 -25.24 0.13 21.49
CA LYS B 111 -26.43 -0.11 22.32
C LYS B 111 -26.43 0.75 23.59
N LEU B 112 -25.24 0.93 24.19
CA LEU B 112 -25.11 1.80 25.36
C LEU B 112 -25.60 3.20 25.04
N VAL B 113 -25.20 3.73 23.88
CA VAL B 113 -25.59 5.09 23.48
C VAL B 113 -27.06 5.16 23.10
N GLU B 114 -27.54 4.20 22.30
CA GLU B 114 -28.95 4.16 21.91
C GLU B 114 -29.86 4.23 23.14
N ILE B 115 -29.55 3.42 24.15
CA ILE B 115 -30.37 3.37 25.35
C ILE B 115 -30.17 4.65 26.18
N ALA B 116 -28.93 5.10 26.32
CA ALA B 116 -28.68 6.34 27.07
C ALA B 116 -29.49 7.51 26.52
N LEU B 117 -29.61 7.60 25.21
CA LEU B 117 -30.38 8.69 24.59
C LEU B 117 -31.89 8.49 24.67
N THR B 118 -32.38 7.34 25.12
CA THR B 118 -33.80 7.19 25.44
C THR B 118 -34.07 7.40 26.92
N GLU B 119 -33.02 7.56 27.73
CA GLU B 119 -33.13 7.57 29.19
C GLU B 119 -32.62 8.87 29.81
N GLN B 120 -32.40 9.92 29.00
CA GLN B 120 -31.98 11.23 29.52
C GLN B 120 -30.69 11.11 30.34
N VAL B 121 -29.79 10.29 29.87
CA VAL B 121 -28.53 10.02 30.56
C VAL B 121 -27.51 11.09 30.21
N ASN B 122 -26.74 11.53 31.21
CA ASN B 122 -25.71 12.56 31.04
C ASN B 122 -24.33 11.97 30.76
N ALA B 123 -24.06 10.77 31.27
CA ALA B 123 -22.75 10.16 31.16
C ALA B 123 -22.93 8.66 30.97
N VAL B 124 -22.00 8.04 30.25
CA VAL B 124 -21.99 6.61 30.08
C VAL B 124 -20.70 6.09 30.69
N ALA B 125 -20.73 4.83 31.13
CA ALA B 125 -19.61 4.24 31.87
C ALA B 125 -19.36 2.83 31.39
N HIS B 126 -18.12 2.37 31.54
CA HIS B 126 -17.77 1.01 31.16
C HIS B 126 -16.68 0.51 32.09
N GLY B 127 -16.50 -0.82 32.11
CA GLY B 127 -15.59 -1.44 33.04
C GLY B 127 -14.29 -1.98 32.42
N ALA B 128 -13.93 -1.48 31.24
CA ALA B 128 -12.65 -1.88 30.63
C ALA B 128 -11.48 -1.39 31.47
N THR B 129 -10.42 -2.21 31.53
CA THR B 129 -9.28 -1.84 32.36
C THR B 129 -8.47 -0.70 31.73
N GLY B 130 -7.64 -0.07 32.55
CA GLY B 130 -6.79 1.01 32.10
C GLY B 130 -5.59 0.61 31.29
N LYS B 131 -5.33 -0.68 31.10
CA LYS B 131 -4.12 -1.09 30.41
C LYS B 131 -4.38 -1.70 29.03
N GLY B 132 -5.63 -1.92 28.65
CA GLY B 132 -5.97 -2.70 27.48
C GLY B 132 -6.44 -1.87 26.32
N ASN B 133 -6.91 -2.59 25.30
CA ASN B 133 -7.44 -2.00 24.08
C ASN B 133 -8.90 -1.62 24.19
N ASP B 134 -9.66 -2.34 25.02
CA ASP B 134 -11.11 -2.23 24.99
C ASP B 134 -11.57 -0.83 25.36
N GLN B 135 -10.83 -0.16 26.23
CA GLN B 135 -11.21 1.20 26.62
C GLN B 135 -11.13 2.16 25.44
N VAL B 136 -10.12 2.00 24.59
CA VAL B 136 -10.04 2.80 23.38
C VAL B 136 -11.22 2.49 22.46
N ARG B 137 -11.54 1.21 22.29
CA ARG B 137 -12.63 0.84 21.40
C ARG B 137 -13.95 1.44 21.88
N PHE B 138 -14.22 1.34 23.19
CA PHE B 138 -15.47 1.91 23.70
C PHE B 138 -15.48 3.42 23.52
N GLU B 139 -14.38 4.07 23.85
CA GLU B 139 -14.48 5.53 23.95
C GLU B 139 -14.36 6.22 22.59
N TYR B 140 -13.59 5.65 21.65
CA TYR B 140 -13.66 6.12 20.27
C TYR B 140 -15.11 6.01 19.76
N SER B 141 -15.74 4.86 19.96
CA SER B 141 -17.10 4.65 19.45
C SER B 141 -18.07 5.64 20.07
N ILE B 142 -18.01 5.80 21.40
CA ILE B 142 -18.93 6.73 22.07
C ILE B 142 -18.75 8.14 21.55
N LYS B 143 -17.50 8.58 21.35
CA LYS B 143 -17.28 9.93 20.82
C LYS B 143 -17.78 10.06 19.39
N ALA B 144 -17.65 8.98 18.60
CA ALA B 144 -18.11 9.03 17.21
C ALA B 144 -19.63 9.08 17.14
N LEU B 145 -20.31 8.45 18.10
CA LEU B 145 -21.76 8.37 18.09
C LEU B 145 -22.45 9.48 18.84
N ALA B 146 -21.84 9.97 19.91
CA ALA B 146 -22.51 10.90 20.80
C ALA B 146 -21.45 11.71 21.52
N PRO B 147 -20.83 12.68 20.82
CA PRO B 147 -19.73 13.43 21.44
C PRO B 147 -20.15 14.25 22.64
N GLN B 148 -21.45 14.48 22.83
CA GLN B 148 -21.94 15.27 23.94
C GLN B 148 -21.99 14.48 25.26
N LEU B 149 -21.92 13.15 25.21
CA LEU B 149 -22.01 12.35 26.42
C LEU B 149 -20.67 12.31 27.13
N GLU B 150 -20.67 12.52 28.44
CA GLU B 150 -19.47 12.31 29.23
CA GLU B 150 -19.45 12.31 29.21
C GLU B 150 -19.20 10.81 29.37
N ILE B 151 -17.92 10.45 29.46
CA ILE B 151 -17.50 9.05 29.58
C ILE B 151 -16.81 8.86 30.93
N ILE B 152 -17.16 7.80 31.64
CA ILE B 152 -16.58 7.50 32.94
C ILE B 152 -16.00 6.10 32.89
N ALA B 153 -14.72 5.96 33.22
CA ALA B 153 -14.03 4.67 33.25
C ALA B 153 -13.48 4.47 34.65
N PRO B 154 -14.21 3.79 35.54
CA PRO B 154 -13.75 3.69 36.93
C PRO B 154 -12.36 3.08 37.09
N TRP B 155 -11.96 2.14 36.23
CA TRP B 155 -10.64 1.56 36.41
C TRP B 155 -9.53 2.59 36.27
N ARG B 156 -9.80 3.69 35.56
CA ARG B 156 -8.80 4.74 35.39
C ARG B 156 -8.81 5.75 36.53
N THR B 157 -9.82 5.73 37.38
CA THR B 157 -10.07 6.76 38.39
C THR B 157 -10.00 6.23 39.81
N TRP B 158 -10.45 5.00 40.06
CA TRP B 158 -10.63 4.59 41.44
C TRP B 158 -9.34 3.98 42.00
N ASP B 159 -9.31 3.82 43.32
CA ASP B 159 -8.12 3.31 43.98
C ASP B 159 -8.14 1.80 44.16
N ILE B 160 -9.14 1.12 43.59
CA ILE B 160 -9.15 -0.33 43.63
C ILE B 160 -8.12 -0.87 42.64
N LYS B 161 -7.16 -1.64 43.13
CA LYS B 161 -6.08 -2.13 42.28
C LYS B 161 -6.00 -3.65 42.20
N SER B 162 -6.73 -4.38 43.03
CA SER B 162 -6.64 -5.82 43.08
C SER B 162 -8.02 -6.42 43.31
N ARG B 163 -8.14 -7.72 43.06
CA ARG B 163 -9.37 -8.43 43.38
C ARG B 163 -9.68 -8.35 44.87
N GLN B 164 -8.67 -8.53 45.72
CA GLN B 164 -8.96 -8.48 47.15
C GLN B 164 -9.43 -7.10 47.57
N GLU B 165 -8.93 -6.05 46.92
CA GLU B 165 -9.42 -4.71 47.22
C GLU B 165 -10.85 -4.54 46.71
N ALA B 166 -11.18 -5.16 45.57
CA ALA B 166 -12.55 -5.13 45.09
C ALA B 166 -13.48 -5.84 46.06
N ILE B 167 -13.01 -6.93 46.67
CA ILE B 167 -13.84 -7.68 47.61
C ILE B 167 -14.09 -6.86 48.87
N VAL B 168 -13.04 -6.22 49.39
CA VAL B 168 -13.20 -5.34 50.54
C VAL B 168 -14.24 -4.27 50.25
N TYR B 169 -14.14 -3.65 49.08
CA TYR B 169 -15.09 -2.61 48.70
C TYR B 169 -16.50 -3.18 48.56
N ALA B 170 -16.64 -4.36 47.93
CA ALA B 170 -17.97 -4.95 47.80
C ALA B 170 -18.61 -5.18 49.16
N LYS B 171 -17.82 -5.70 50.12
CA LYS B 171 -18.35 -5.99 51.43
C LYS B 171 -18.84 -4.73 52.12
N ALA B 172 -18.11 -3.63 51.98
CA ALA B 172 -18.51 -2.38 52.60
C ALA B 172 -19.66 -1.69 51.87
N HIS B 173 -20.11 -2.20 50.71
CA HIS B 173 -21.17 -1.55 49.95
C HIS B 173 -22.30 -2.50 49.58
N GLY B 174 -22.46 -3.60 50.32
CA GLY B 174 -23.63 -4.43 50.13
C GLY B 174 -23.68 -5.17 48.81
N ILE B 175 -22.52 -5.42 48.20
CA ILE B 175 -22.43 -6.13 46.93
C ILE B 175 -21.99 -7.56 47.23
N GLU B 176 -22.78 -8.53 46.77
CA GLU B 176 -22.47 -9.93 47.05
C GLU B 176 -21.24 -10.38 46.28
N VAL B 177 -20.37 -11.09 46.96
CA VAL B 177 -19.15 -11.63 46.36
C VAL B 177 -19.41 -13.07 45.92
N PRO B 178 -19.17 -13.43 44.67
CA PRO B 178 -19.39 -14.82 44.23
C PRO B 178 -18.48 -15.79 44.96
N VAL B 179 -19.00 -17.00 45.22
CA VAL B 179 -18.20 -18.03 45.87
C VAL B 179 -17.02 -18.44 44.99
N THR B 180 -17.28 -18.64 43.69
CA THR B 180 -16.25 -19.16 42.80
C THR B 180 -15.20 -18.08 42.52
N PRO B 181 -13.93 -18.45 42.39
CA PRO B 181 -12.87 -17.44 42.28
C PRO B 181 -12.82 -16.85 40.88
N LYS B 182 -11.95 -15.85 40.74
CA LYS B 182 -11.61 -15.35 39.42
C LYS B 182 -11.00 -16.47 38.59
N ALA B 183 -11.49 -16.64 37.36
CA ALA B 183 -10.92 -17.61 36.43
C ALA B 183 -9.42 -17.36 36.29
N PRO B 184 -8.63 -18.39 35.99
CA PRO B 184 -7.18 -18.16 35.84
C PRO B 184 -6.80 -17.30 34.64
N TYR B 185 -7.72 -17.08 33.71
CA TYR B 185 -7.44 -16.33 32.49
C TYR B 185 -8.51 -15.25 32.30
N SER B 186 -8.11 -14.13 31.70
CA SER B 186 -9.07 -13.11 31.32
CA SER B 186 -9.06 -13.10 31.30
C SER B 186 -9.73 -13.52 30.01
N ARG B 187 -11.06 -13.64 30.02
CA ARG B 187 -11.75 -14.20 28.87
C ARG B 187 -12.79 -13.25 28.31
N ASP B 188 -13.02 -13.41 27.01
CA ASP B 188 -14.12 -12.76 26.32
C ASP B 188 -14.77 -13.81 25.43
N HIS B 189 -16.10 -13.77 25.32
CA HIS B 189 -16.81 -14.84 24.65
C HIS B 189 -18.01 -14.24 23.92
N ASN B 190 -18.14 -14.53 22.63
CA ASN B 190 -19.34 -14.16 21.86
C ASN B 190 -19.55 -15.25 20.81
N ILE B 191 -20.55 -15.07 19.94
CA ILE B 191 -20.87 -16.12 18.96
C ILE B 191 -19.73 -16.37 17.98
N TRP B 192 -18.79 -15.44 17.86
CA TRP B 192 -17.70 -15.54 16.90
C TRP B 192 -16.44 -16.15 17.46
N TYR B 193 -16.13 -15.95 18.74
CA TYR B 193 -14.84 -16.39 19.25
C TYR B 193 -14.87 -16.52 20.76
N ILE B 194 -13.82 -17.13 21.29
CA ILE B 194 -13.48 -17.04 22.70
C ILE B 194 -12.03 -16.64 22.78
N SER B 195 -11.72 -15.67 23.63
CA SER B 195 -10.37 -15.17 23.82
CA SER B 195 -10.37 -15.17 23.82
C SER B 195 -9.91 -15.49 25.23
N HIS B 196 -8.63 -15.83 25.36
CA HIS B 196 -8.02 -16.13 26.67
C HIS B 196 -6.69 -15.40 26.73
N GLU B 197 -6.43 -14.69 27.84
CA GLU B 197 -5.14 -14.03 27.99
C GLU B 197 -4.89 -13.77 29.48
N GLY B 198 -3.67 -13.32 29.78
CA GLY B 198 -3.27 -13.08 31.16
C GLY B 198 -2.92 -14.34 31.93
N GLY B 199 -2.58 -14.15 33.21
CA GLY B 199 -2.17 -15.31 34.00
C GLY B 199 -0.90 -15.90 33.44
N VAL B 200 -0.81 -17.23 33.46
CA VAL B 200 0.39 -17.90 32.96
C VAL B 200 0.50 -17.86 31.45
N LEU B 201 -0.55 -17.42 30.76
CA LEU B 201 -0.43 -17.22 29.32
C LEU B 201 0.54 -16.10 28.96
N GLU B 202 0.86 -15.19 29.91
CA GLU B 202 1.74 -14.08 29.53
CA GLU B 202 1.75 -14.07 29.69
C GLU B 202 3.19 -14.49 29.49
N ASP B 203 3.48 -15.78 29.35
CA ASP B 203 4.84 -16.26 29.08
C ASP B 203 4.83 -16.96 27.72
N PRO B 204 5.27 -16.29 26.64
CA PRO B 204 5.27 -16.93 25.31
C PRO B 204 6.23 -18.12 25.19
N SER B 205 7.09 -18.37 26.18
CA SER B 205 8.01 -19.48 26.09
C SER B 205 7.34 -20.81 26.43
N GLN B 206 6.13 -20.77 26.96
CA GLN B 206 5.44 -21.95 27.44
C GLN B 206 4.31 -22.33 26.49
N GLU B 207 4.09 -23.62 26.30
CA GLU B 207 2.96 -23.96 25.47
C GLU B 207 1.66 -23.71 26.20
N MET B 208 0.59 -23.65 25.44
CA MET B 208 -0.74 -23.41 25.98
C MET B 208 -1.08 -24.49 27.00
N PRO B 209 -1.53 -24.14 28.20
CA PRO B 209 -1.93 -25.14 29.18
C PRO B 209 -3.14 -25.93 28.72
N ASN B 210 -3.38 -27.07 29.38
CA ASN B 210 -4.43 -27.97 28.94
C ASN B 210 -5.81 -27.60 29.49
N ASP B 211 -5.94 -26.51 30.22
CA ASP B 211 -7.25 -26.10 30.76
C ASP B 211 -7.74 -24.78 30.17
N VAL B 212 -7.22 -24.37 29.02
CA VAL B 212 -7.60 -23.11 28.40
C VAL B 212 -8.85 -23.27 27.55
N LEU B 213 -8.85 -24.26 26.65
CA LEU B 213 -9.86 -24.31 25.59
C LEU B 213 -11.25 -24.54 26.15
N LEU B 214 -12.23 -23.83 25.60
CA LEU B 214 -13.59 -23.95 26.09
C LEU B 214 -14.61 -24.43 25.06
N MET B 215 -14.34 -24.32 23.75
CA MET B 215 -15.32 -24.74 22.74
C MET B 215 -14.69 -25.55 21.63
N THR B 216 -13.41 -25.89 21.74
CA THR B 216 -12.70 -26.58 20.68
C THR B 216 -12.05 -27.82 21.29
N ALA B 217 -12.24 -28.97 20.65
CA ALA B 217 -11.60 -30.18 21.13
C ALA B 217 -10.10 -30.13 20.85
N PRO B 218 -9.25 -30.59 21.77
CA PRO B 218 -7.84 -30.80 21.42
C PRO B 218 -7.74 -31.74 20.23
N VAL B 219 -6.76 -31.49 19.35
CA VAL B 219 -6.63 -32.30 18.12
C VAL B 219 -6.53 -33.79 18.41
N SER B 220 -5.87 -34.16 19.51
CA SER B 220 -5.78 -35.59 19.82
C SER B 220 -7.13 -36.20 20.17
N GLN B 221 -8.14 -35.40 20.48
CA GLN B 221 -9.43 -35.91 20.91
C GLN B 221 -10.52 -35.60 19.89
N THR B 222 -10.17 -35.66 18.62
CA THR B 222 -11.10 -35.37 17.54
C THR B 222 -11.50 -36.66 16.82
N PRO B 223 -12.63 -36.66 16.14
CA PRO B 223 -13.10 -37.89 15.48
C PRO B 223 -12.10 -38.43 14.48
N ASP B 224 -12.12 -39.75 14.32
CA ASP B 224 -11.23 -40.41 13.38
C ASP B 224 -11.79 -40.47 11.97
N GLU B 225 -13.04 -40.04 11.75
CA GLU B 225 -13.60 -39.87 10.43
C GLU B 225 -13.81 -38.38 10.13
N GLU B 226 -13.49 -37.97 8.91
CA GLU B 226 -13.70 -36.59 8.50
C GLU B 226 -15.19 -36.30 8.37
N GLU B 227 -15.53 -35.02 8.38
CA GLU B 227 -16.91 -34.59 8.16
C GLU B 227 -16.92 -33.59 7.02
N VAL B 228 -17.80 -33.80 6.05
CA VAL B 228 -17.97 -32.87 4.93
C VAL B 228 -18.98 -31.81 5.33
N VAL B 229 -18.64 -30.53 5.10
CA VAL B 229 -19.64 -29.46 5.16
C VAL B 229 -19.71 -28.79 3.79
N VAL B 230 -20.90 -28.31 3.46
CA VAL B 230 -21.16 -27.63 2.19
C VAL B 230 -21.71 -26.26 2.52
N LEU B 231 -21.02 -25.23 2.06
CA LEU B 231 -21.40 -23.86 2.37
C LEU B 231 -21.81 -23.17 1.08
N ASP B 232 -23.03 -22.65 1.05
CA ASP B 232 -23.45 -21.78 -0.05
C ASP B 232 -23.23 -20.33 0.39
N PHE B 233 -22.63 -19.54 -0.49
CA PHE B 233 -22.41 -18.12 -0.28
C PHE B 233 -23.22 -17.32 -1.30
N LYS B 234 -23.71 -16.15 -0.87
CA LYS B 234 -24.29 -15.16 -1.75
C LYS B 234 -23.69 -13.80 -1.44
N LYS B 235 -23.09 -13.18 -2.45
CA LYS B 235 -22.43 -11.87 -2.32
C LYS B 235 -21.51 -11.81 -1.10
N GLY B 236 -20.71 -12.86 -0.93
CA GLY B 236 -19.63 -12.84 0.04
C GLY B 236 -19.96 -13.38 1.42
N VAL B 237 -21.22 -13.72 1.68
CA VAL B 237 -21.63 -14.19 3.02
C VAL B 237 -22.33 -15.54 2.93
N PRO B 238 -22.18 -16.38 3.95
CA PRO B 238 -22.78 -17.73 3.88
C PRO B 238 -24.28 -17.67 4.17
N VAL B 239 -25.05 -18.37 3.35
CA VAL B 239 -26.51 -18.38 3.49
C VAL B 239 -27.06 -19.77 3.75
N ALA B 240 -26.28 -20.83 3.54
CA ALA B 240 -26.79 -22.18 3.79
C ALA B 240 -25.63 -23.10 4.15
N LEU B 241 -25.95 -24.10 4.95
CA LEU B 241 -25.00 -25.09 5.44
C LEU B 241 -25.61 -26.46 5.17
N ASN B 242 -24.89 -27.30 4.42
CA ASN B 242 -25.36 -28.66 4.08
C ASN B 242 -26.73 -28.64 3.41
N GLY B 243 -26.94 -27.67 2.53
CA GLY B 243 -28.20 -27.56 1.80
C GLY B 243 -29.36 -26.95 2.57
N GLN B 244 -29.16 -26.49 3.80
CA GLN B 244 -30.23 -25.91 4.60
C GLN B 244 -29.97 -24.42 4.76
N GLU B 245 -30.91 -23.60 4.33
CA GLU B 245 -30.80 -22.18 4.59
C GLU B 245 -30.93 -21.94 6.09
N LEU B 246 -30.02 -21.15 6.63
CA LEU B 246 -29.92 -20.90 8.06
C LEU B 246 -29.68 -19.41 8.28
N SER B 247 -30.29 -18.86 9.32
CA SER B 247 -29.97 -17.51 9.73
C SER B 247 -28.48 -17.42 10.05
N PRO B 248 -27.91 -16.20 10.02
CA PRO B 248 -26.48 -16.08 10.39
C PRO B 248 -26.18 -16.66 11.75
N VAL B 249 -27.04 -16.42 12.75
CA VAL B 249 -26.76 -16.95 14.08
C VAL B 249 -26.85 -18.47 14.09
N ASP B 250 -27.84 -19.05 13.42
CA ASP B 250 -27.96 -20.51 13.40
C ASP B 250 -26.80 -21.15 12.63
N LEU B 251 -26.37 -20.51 11.56
CA LEU B 251 -25.26 -21.06 10.79
C LEU B 251 -23.96 -21.02 11.61
N LEU B 252 -23.68 -19.90 12.27
CA LEU B 252 -22.50 -19.83 13.12
C LEU B 252 -22.55 -20.84 14.26
N ASN B 253 -23.71 -20.96 14.91
CA ASN B 253 -23.84 -21.92 16.01
CA ASN B 253 -23.82 -21.93 16.01
C ASN B 253 -23.56 -23.34 15.53
N SER B 254 -24.15 -23.71 14.39
CA SER B 254 -23.97 -25.06 13.88
C SER B 254 -22.52 -25.30 13.45
N LEU B 255 -21.94 -24.34 12.76
CA LEU B 255 -20.56 -24.51 12.30
CA LEU B 255 -20.56 -24.49 12.29
C LEU B 255 -19.58 -24.46 13.46
N ASN B 256 -19.86 -23.64 14.49
CA ASN B 256 -18.99 -23.67 15.66
C ASN B 256 -19.01 -25.05 16.31
N GLN B 257 -20.17 -25.67 16.41
CA GLN B 257 -20.24 -27.00 17.01
C GLN B 257 -19.45 -28.01 16.17
N LYS B 258 -19.70 -28.04 14.86
CA LYS B 258 -19.06 -29.03 14.01
CA LYS B 258 -19.06 -29.03 14.01
C LYS B 258 -17.56 -28.82 13.94
N ALA B 259 -17.12 -27.60 13.62
CA ALA B 259 -15.69 -27.37 13.49
C ALA B 259 -14.99 -27.47 14.85
N GLY B 260 -15.66 -27.07 15.93
CA GLY B 260 -15.05 -27.20 17.25
C GLY B 260 -14.83 -28.66 17.62
N GLN B 261 -15.79 -29.51 17.26
CA GLN B 261 -15.63 -30.94 17.56
C GLN B 261 -14.46 -31.56 16.81
N HIS B 262 -14.13 -31.01 15.63
CA HIS B 262 -12.98 -31.47 14.86
C HIS B 262 -11.71 -30.67 15.16
N GLY B 263 -11.70 -29.88 16.24
CA GLY B 263 -10.47 -29.28 16.70
C GLY B 263 -10.01 -28.09 15.91
N ILE B 264 -10.89 -27.45 15.15
CA ILE B 264 -10.48 -26.42 14.18
C ILE B 264 -10.48 -25.04 14.82
N GLY B 265 -9.46 -24.25 14.46
CA GLY B 265 -9.52 -22.79 14.60
C GLY B 265 -8.78 -22.19 15.78
N VAL B 266 -7.95 -22.94 16.48
CA VAL B 266 -7.26 -22.38 17.63
C VAL B 266 -6.04 -21.60 17.16
N ALA B 267 -5.91 -20.36 17.62
CA ALA B 267 -4.74 -19.53 17.31
C ALA B 267 -4.03 -19.20 18.61
N ASP B 268 -2.72 -19.38 18.64
CA ASP B 268 -1.90 -19.03 19.79
C ASP B 268 -0.90 -18.00 19.29
N ILE B 269 -1.07 -16.73 19.68
CA ILE B 269 -0.34 -15.65 19.00
C ILE B 269 0.19 -14.64 20.01
N VAL B 270 1.20 -13.90 19.57
CA VAL B 270 1.64 -12.69 20.26
C VAL B 270 1.25 -11.54 19.34
N GLU B 271 0.51 -10.58 19.86
CA GLU B 271 -0.01 -9.48 19.07
C GLU B 271 0.42 -8.17 19.68
N ASN B 272 0.46 -7.12 18.85
CA ASN B 272 0.75 -5.79 19.32
C ASN B 272 -0.53 -5.08 19.72
N ARG B 273 -0.61 -4.65 20.97
CA ARG B 273 -1.77 -3.86 21.37
C ARG B 273 -1.66 -2.45 20.78
N LEU B 274 -2.81 -1.79 20.66
CA LEU B 274 -2.77 -0.36 20.33
C LEU B 274 -2.11 0.43 21.45
N VAL B 275 -2.34 0.04 22.72
CA VAL B 275 -1.83 0.84 23.83
C VAL B 275 -0.33 0.69 24.05
N GLY B 276 0.40 -0.05 23.21
CA GLY B 276 1.85 0.07 23.14
C GLY B 276 2.67 -1.16 23.52
N MET B 277 2.06 -2.28 23.89
CA MET B 277 2.80 -3.43 24.37
C MET B 277 2.27 -4.70 23.70
N LYS B 278 3.07 -5.77 23.73
CA LYS B 278 2.66 -7.05 23.17
CA LYS B 278 2.65 -7.05 23.17
C LYS B 278 1.90 -7.87 24.22
N ILE B 279 0.96 -8.68 23.74
CA ILE B 279 0.25 -9.61 24.63
C ILE B 279 0.16 -10.98 23.94
N ARG B 280 0.24 -12.03 24.74
CA ARG B 280 0.05 -13.40 24.27
C ARG B 280 -1.41 -13.80 24.47
N GLY B 281 -2.08 -14.20 23.40
CA GLY B 281 -3.48 -14.57 23.47
C GLY B 281 -3.74 -15.92 22.82
N ILE B 282 -4.76 -16.61 23.33
CA ILE B 282 -5.30 -17.82 22.72
C ILE B 282 -6.69 -17.47 22.21
N TYR B 283 -6.96 -17.78 20.95
CA TYR B 283 -8.25 -17.45 20.35
C TYR B 283 -8.86 -18.69 19.75
N GLU B 284 -10.10 -18.96 20.12
CA GLU B 284 -10.86 -20.06 19.55
C GLU B 284 -11.91 -19.44 18.67
N ALA B 285 -12.03 -19.94 17.45
CA ALA B 285 -13.08 -19.47 16.53
C ALA B 285 -13.25 -20.49 15.42
N PRO B 286 -13.89 -21.63 15.70
CA PRO B 286 -13.99 -22.69 14.68
C PRO B 286 -14.74 -22.28 13.43
N ALA B 287 -15.98 -21.78 13.58
CA ALA B 287 -16.75 -21.37 12.41
C ALA B 287 -16.05 -20.27 11.63
N ALA B 288 -15.43 -19.32 12.34
CA ALA B 288 -14.75 -18.23 11.64
C ALA B 288 -13.64 -18.76 10.75
N ALA B 289 -12.87 -19.73 11.24
CA ALA B 289 -11.81 -20.33 10.43
C ALA B 289 -12.39 -20.98 9.17
N VAL B 290 -13.48 -21.71 9.34
CA VAL B 290 -14.11 -22.38 8.20
C VAL B 290 -14.66 -21.35 7.22
N LEU B 291 -15.37 -20.32 7.73
CA LEU B 291 -15.92 -19.30 6.82
C LEU B 291 -14.83 -18.51 6.11
N TYR B 292 -13.75 -18.15 6.82
CA TYR B 292 -12.64 -17.46 6.16
C TYR B 292 -12.05 -18.29 5.04
N LYS B 293 -11.89 -19.59 5.28
CA LYS B 293 -11.32 -20.46 4.25
C LYS B 293 -12.24 -20.53 3.06
N ALA B 294 -13.55 -20.79 3.30
CA ALA B 294 -14.47 -20.89 2.18
C ALA B 294 -14.54 -19.58 1.41
N HIS B 295 -14.55 -18.46 2.13
CA HIS B 295 -14.62 -17.17 1.46
C HIS B 295 -13.39 -16.91 0.60
N LYS B 296 -12.21 -17.24 1.13
CA LYS B 296 -10.98 -17.08 0.37
C LYS B 296 -11.00 -17.91 -0.92
N LEU B 297 -11.46 -19.18 -0.82
CA LEU B 297 -11.55 -20.03 -1.98
C LEU B 297 -12.48 -19.45 -3.04
N LEU B 298 -13.67 -19.01 -2.62
CA LEU B 298 -14.59 -18.47 -3.61
C LEU B 298 -14.06 -17.19 -4.24
N GLU B 299 -13.38 -16.32 -3.46
CA GLU B 299 -12.79 -15.12 -4.05
C GLU B 299 -11.74 -15.50 -5.09
N SER B 300 -11.00 -16.58 -4.85
CA SER B 300 -9.97 -17.00 -5.79
C SER B 300 -10.58 -17.46 -7.11
N LEU B 301 -11.85 -17.87 -7.09
CA LEU B 301 -12.56 -18.32 -8.27
C LEU B 301 -13.28 -17.18 -9.00
N CYS B 302 -13.77 -16.17 -8.26
CA CYS B 302 -14.74 -15.23 -8.82
C CYS B 302 -14.18 -13.84 -9.08
N LEU B 303 -13.02 -13.50 -8.53
CA LEU B 303 -12.43 -12.17 -8.71
C LEU B 303 -11.35 -12.23 -9.80
N THR B 304 -11.24 -11.14 -10.57
CA THR B 304 -10.10 -11.06 -11.45
C THR B 304 -8.82 -10.86 -10.63
N ARG B 305 -7.67 -11.06 -11.29
CA ARG B 305 -6.40 -10.89 -10.60
C ARG B 305 -6.26 -9.47 -10.05
N SER B 306 -6.53 -8.44 -10.86
CA SER B 306 -6.30 -7.10 -10.35
C SER B 306 -7.22 -6.80 -9.17
N THR B 307 -8.47 -7.26 -9.21
CA THR B 307 -9.36 -7.00 -8.07
C THR B 307 -8.90 -7.77 -6.84
N LEU B 308 -8.52 -9.03 -7.01
CA LEU B 308 -8.04 -9.80 -5.86
C LEU B 308 -6.83 -9.13 -5.24
N HIS B 309 -5.86 -8.76 -6.06
CA HIS B 309 -4.64 -8.18 -5.49
C HIS B 309 -4.94 -6.87 -4.78
N LEU B 310 -5.76 -6.00 -5.38
CA LEU B 310 -6.09 -4.73 -4.72
C LEU B 310 -6.82 -4.99 -3.40
N LYS B 311 -7.82 -5.87 -3.42
CA LYS B 311 -8.59 -6.16 -2.21
C LYS B 311 -7.69 -6.75 -1.12
N GLN B 312 -6.84 -7.72 -1.50
CA GLN B 312 -5.94 -8.30 -0.50
C GLN B 312 -5.03 -7.23 0.12
N SER B 313 -4.62 -6.22 -0.68
CA SER B 313 -3.77 -5.15 -0.18
C SER B 313 -4.49 -4.22 0.82
N LEU B 314 -5.83 -4.27 0.90
CA LEU B 314 -6.56 -3.45 1.85
C LEU B 314 -6.96 -4.22 3.11
N GLN B 315 -6.64 -5.53 3.18
CA GLN B 315 -7.09 -6.31 4.33
C GLN B 315 -6.44 -5.80 5.61
N GLN B 316 -5.14 -5.46 5.56
CA GLN B 316 -4.46 -4.98 6.75
C GLN B 316 -5.09 -3.69 7.26
N THR B 317 -5.36 -2.74 6.34
CA THR B 317 -6.02 -1.50 6.72
C THR B 317 -7.34 -1.78 7.43
N TYR B 318 -8.15 -2.68 6.89
CA TYR B 318 -9.43 -3.02 7.52
C TYR B 318 -9.19 -3.68 8.88
N ALA B 319 -8.22 -4.59 8.96
CA ALA B 319 -7.99 -5.29 10.22
C ALA B 319 -7.57 -4.30 11.31
N ASN B 320 -6.65 -3.38 10.97
CA ASN B 320 -6.18 -2.41 11.95
C ASN B 320 -7.31 -1.51 12.40
N LEU B 321 -8.18 -1.13 11.46
CA LEU B 321 -9.30 -0.27 11.81
C LEU B 321 -10.22 -0.96 12.82
N VAL B 322 -10.53 -2.22 12.57
CA VAL B 322 -11.37 -2.97 13.52
C VAL B 322 -10.66 -3.11 14.86
N TYR B 323 -9.38 -3.51 14.83
CA TYR B 323 -8.65 -3.77 16.06
C TYR B 323 -8.57 -2.54 16.95
N GLU B 324 -8.44 -1.37 16.32
CA GLU B 324 -8.24 -0.10 17.00
C GLU B 324 -9.55 0.54 17.44
N GLY B 325 -10.68 -0.09 17.14
CA GLY B 325 -11.95 0.47 17.58
C GLY B 325 -12.51 1.56 16.70
N ARG B 326 -12.01 1.72 15.45
CA ARG B 326 -12.41 2.82 14.57
C ARG B 326 -13.58 2.45 13.65
N TRP B 327 -14.41 1.50 14.06
CA TRP B 327 -15.56 1.04 13.29
C TRP B 327 -16.45 2.18 12.81
N PHE B 328 -16.81 3.09 13.72
CA PHE B 328 -17.72 4.18 13.36
C PHE B 328 -16.88 5.32 12.82
N SER B 329 -16.50 5.20 11.54
CA SER B 329 -15.71 6.25 10.91
C SER B 329 -16.03 6.28 9.41
N GLN B 330 -15.84 7.45 8.80
CA GLN B 330 -16.01 7.52 7.36
C GLN B 330 -14.99 6.64 6.64
N THR B 331 -13.81 6.49 7.21
CA THR B 331 -12.81 5.60 6.62
C THR B 331 -13.35 4.17 6.48
N LYS B 332 -13.97 3.67 7.53
CA LYS B 332 -14.61 2.36 7.45
C LYS B 332 -15.73 2.35 6.42
N GLN B 333 -16.55 3.41 6.36
CA GLN B 333 -17.63 3.42 5.37
C GLN B 333 -17.08 3.33 3.95
N ALA B 334 -15.99 4.04 3.67
CA ALA B 334 -15.43 3.99 2.32
C ALA B 334 -14.86 2.61 2.01
N LEU B 335 -14.22 1.96 2.99
CA LEU B 335 -13.72 0.60 2.78
C LEU B 335 -14.86 -0.37 2.55
N ASP B 336 -15.96 -0.22 3.30
CA ASP B 336 -17.10 -1.10 3.10
C ASP B 336 -17.68 -0.94 1.70
N ALA B 337 -17.67 0.28 1.17
CA ALA B 337 -18.20 0.49 -0.17
C ALA B 337 -17.34 -0.23 -1.21
N PHE B 338 -16.02 -0.12 -1.06
CA PHE B 338 -15.10 -0.83 -1.92
C PHE B 338 -15.35 -2.33 -1.84
N ILE B 339 -15.38 -2.85 -0.62
CA ILE B 339 -15.54 -4.29 -0.41
C ILE B 339 -16.85 -4.78 -1.02
N ASP B 340 -17.96 -4.07 -0.76
CA ASP B 340 -19.25 -4.55 -1.28
C ASP B 340 -19.26 -4.70 -2.80
N VAL B 341 -18.62 -3.76 -3.52
CA VAL B 341 -18.49 -3.97 -4.96
C VAL B 341 -17.76 -5.29 -5.27
N THR B 342 -16.65 -5.55 -4.59
CA THR B 342 -15.86 -6.75 -4.89
C THR B 342 -16.63 -8.03 -4.57
N GLN B 343 -17.64 -7.96 -3.72
CA GLN B 343 -18.37 -9.16 -3.30
C GLN B 343 -19.57 -9.45 -4.18
N GLN B 344 -19.87 -8.61 -5.17
CA GLN B 344 -21.11 -8.77 -5.94
C GLN B 344 -21.25 -10.17 -6.55
N HIS B 345 -20.14 -10.79 -6.97
CA HIS B 345 -20.19 -12.08 -7.65
C HIS B 345 -19.62 -13.21 -6.81
N VAL B 346 -19.36 -12.99 -5.52
CA VAL B 346 -18.74 -14.01 -4.69
C VAL B 346 -19.86 -14.89 -4.19
N THR B 347 -20.35 -15.74 -5.09
CA THR B 347 -21.60 -16.46 -4.90
C THR B 347 -21.36 -17.86 -5.43
N GLY B 348 -21.62 -18.86 -4.61
CA GLY B 348 -21.37 -20.22 -5.07
C GLY B 348 -21.31 -21.16 -3.88
N CYS B 349 -20.72 -22.33 -4.14
CA CYS B 349 -20.79 -23.45 -3.23
C CYS B 349 -19.35 -23.90 -2.94
N VAL B 350 -19.02 -24.06 -1.66
CA VAL B 350 -17.71 -24.58 -1.25
C VAL B 350 -17.94 -25.81 -0.37
N LYS B 351 -17.32 -26.92 -0.76
CA LYS B 351 -17.33 -28.15 0.03
C LYS B 351 -15.99 -28.27 0.75
N LEU B 352 -16.02 -28.53 2.06
CA LEU B 352 -14.79 -28.63 2.83
C LEU B 352 -14.83 -29.86 3.70
N LYS B 353 -13.68 -30.50 3.88
CA LYS B 353 -13.55 -31.60 4.83
C LYS B 353 -12.93 -31.08 6.11
N LEU B 354 -13.58 -31.37 7.24
CA LEU B 354 -13.11 -31.00 8.56
C LEU B 354 -12.54 -32.26 9.22
N PHE B 355 -11.28 -32.18 9.64
CA PHE B 355 -10.62 -33.41 10.06
C PHE B 355 -9.35 -33.09 10.84
N LYS B 356 -9.34 -33.45 12.13
CA LYS B 356 -8.12 -33.40 12.92
C LYS B 356 -7.49 -32.00 12.94
N GLY B 357 -8.33 -30.98 13.01
CA GLY B 357 -7.87 -29.60 13.04
C GLY B 357 -7.64 -28.97 11.68
N ASN B 358 -7.82 -29.72 10.61
CA ASN B 358 -7.61 -29.23 9.24
C ASN B 358 -8.94 -28.90 8.58
N ILE B 359 -8.89 -27.91 7.70
CA ILE B 359 -9.99 -27.55 6.82
C ILE B 359 -9.49 -27.85 5.41
N ILE B 360 -9.96 -28.92 4.81
CA ILE B 360 -9.39 -29.45 3.57
C ILE B 360 -10.33 -29.12 2.43
N PRO B 361 -9.89 -28.42 1.37
CA PRO B 361 -10.78 -28.17 0.24
C PRO B 361 -11.29 -29.48 -0.35
N ALA B 362 -12.58 -29.50 -0.66
CA ALA B 362 -13.19 -30.68 -1.24
C ALA B 362 -13.99 -30.32 -2.49
N GLY B 363 -13.75 -29.15 -3.07
CA GLY B 363 -14.37 -28.75 -4.32
C GLY B 363 -15.15 -27.46 -4.16
N MET B 364 -15.24 -26.67 -5.23
CA MET B 364 -16.07 -25.47 -5.19
C MET B 364 -16.58 -25.17 -6.59
N HIS B 365 -17.68 -24.43 -6.65
CA HIS B 365 -18.17 -23.98 -7.93
C HIS B 365 -18.99 -22.69 -7.77
N SER B 366 -19.11 -21.96 -8.88
CA SER B 366 -19.80 -20.68 -8.89
C SER B 366 -20.33 -20.45 -10.28
N PRO B 367 -21.58 -19.97 -10.43
CA PRO B 367 -22.03 -19.51 -11.74
C PRO B 367 -21.21 -18.35 -12.29
N TYR B 368 -20.42 -17.67 -11.44
CA TYR B 368 -19.57 -16.56 -11.86
C TYR B 368 -18.10 -16.92 -11.84
N SER B 369 -17.78 -18.22 -11.84
CA SER B 369 -16.39 -18.64 -11.90
C SER B 369 -15.70 -18.06 -13.12
N LEU B 370 -14.48 -17.56 -12.93
CA LEU B 370 -13.67 -17.12 -14.07
C LEU B 370 -12.69 -18.18 -14.53
N HIS B 371 -12.72 -19.36 -13.94
CA HIS B 371 -11.84 -20.46 -14.35
C HIS B 371 -12.48 -21.21 -15.50
N HIS B 372 -11.75 -21.36 -16.60
CA HIS B 372 -12.29 -22.06 -17.76
C HIS B 372 -11.19 -22.81 -18.49
N ASN B 385 -3.06 -18.35 -27.58
CA ASN B 385 -2.20 -19.04 -28.53
C ASN B 385 -0.73 -18.97 -28.12
N GLN B 386 0.11 -19.79 -28.76
CA GLN B 386 1.54 -19.69 -28.53
C GLN B 386 2.11 -18.40 -29.13
N LYS B 387 1.46 -17.87 -30.17
CA LYS B 387 1.94 -16.65 -30.80
C LYS B 387 1.79 -15.45 -29.86
N ASP B 388 0.71 -15.41 -29.08
CA ASP B 388 0.51 -14.28 -28.17
C ASP B 388 1.60 -14.22 -27.11
N ALA B 389 2.07 -15.39 -26.64
CA ALA B 389 2.99 -15.41 -25.51
C ALA B 389 4.29 -14.67 -25.82
N GLU B 390 4.82 -14.84 -27.02
CA GLU B 390 6.11 -14.23 -27.32
C GLU B 390 6.04 -12.71 -27.25
N GLY B 391 4.98 -12.12 -27.82
CA GLY B 391 4.83 -10.68 -27.73
C GLY B 391 4.65 -10.20 -26.30
N PHE B 392 3.84 -10.93 -25.52
CA PHE B 392 3.67 -10.54 -24.13
C PHE B 392 5.00 -10.57 -23.39
N ILE B 393 5.75 -11.67 -23.55
CA ILE B 393 7.05 -11.80 -22.89
C ILE B 393 7.98 -10.66 -23.25
N ASN B 394 8.06 -10.33 -24.56
CA ASN B 394 9.01 -9.31 -24.98
C ASN B 394 8.66 -7.95 -24.42
N LEU B 395 7.37 -7.60 -24.39
CA LEU B 395 7.02 -6.29 -23.86
C LEU B 395 7.02 -6.27 -22.33
N PHE B 396 6.64 -7.39 -21.69
CA PHE B 396 6.70 -7.44 -20.23
C PHE B 396 8.13 -7.28 -19.74
N SER B 397 9.09 -7.79 -20.48
CA SER B 397 10.49 -7.80 -20.07
CA SER B 397 10.49 -7.82 -20.09
C SER B 397 11.31 -6.70 -20.72
N LEU B 398 10.69 -5.83 -21.52
CA LEU B 398 11.47 -4.83 -22.24
C LEU B 398 12.21 -3.90 -21.28
N SER B 399 11.54 -3.45 -20.23
CA SER B 399 12.17 -2.60 -19.23
CA SER B 399 12.20 -2.58 -19.27
C SER B 399 13.42 -3.27 -18.65
N ALA B 400 13.34 -4.58 -18.40
CA ALA B 400 14.51 -5.28 -17.87
C ALA B 400 15.63 -5.33 -18.89
N LYS B 401 15.28 -5.55 -20.17
CA LYS B 401 16.30 -5.59 -21.21
C LYS B 401 16.98 -4.23 -21.37
N ILE B 402 16.22 -3.14 -21.32
CA ILE B 402 16.83 -1.82 -21.45
C ILE B 402 17.76 -1.55 -20.28
N TYR B 403 17.33 -1.89 -19.06
CA TYR B 403 18.14 -1.63 -17.87
C TYR B 403 19.45 -2.41 -17.93
N SER B 404 19.39 -3.66 -18.36
CA SER B 404 20.61 -4.48 -18.43
CA SER B 404 20.60 -4.49 -18.43
C SER B 404 21.53 -4.04 -19.56
N GLN B 405 20.97 -3.48 -20.64
CA GLN B 405 21.83 -2.91 -21.66
C GLN B 405 22.54 -1.66 -21.16
N VAL B 406 21.84 -0.83 -20.39
CA VAL B 406 22.45 0.37 -19.83
C VAL B 406 23.52 0.00 -18.80
N HIS B 407 23.21 -0.91 -17.90
CA HIS B 407 24.13 -1.35 -16.86
C HIS B 407 24.83 -2.65 -17.25
N GLN B 408 25.54 -2.59 -18.37
CA GLN B 408 26.21 -3.77 -18.93
C GLN B 408 27.27 -4.27 -17.94
N GLY B 409 27.26 -5.58 -17.69
CA GLY B 409 28.20 -6.16 -16.78
C GLY B 409 27.81 -6.09 -15.32
N GLY B 410 26.62 -5.58 -15.01
CA GLY B 410 26.19 -5.48 -13.64
C GLY B 410 25.60 -6.78 -13.14
N ASN B 411 25.24 -6.76 -11.86
CA ASN B 411 24.59 -7.90 -11.24
C ASN B 411 23.39 -7.40 -10.47
N TYR B 412 22.65 -8.33 -9.87
CA TYR B 412 21.51 -8.00 -9.03
C TYR B 412 21.68 -8.61 -7.64
N ASP B 413 22.91 -8.60 -7.14
CA ASP B 413 23.23 -9.16 -5.83
C ASP B 413 22.85 -8.19 -4.71
N VAL C 12 -18.38 -14.50 -42.00
CA VAL C 12 -17.78 -13.54 -42.92
C VAL C 12 -17.85 -12.14 -42.34
N ILE C 13 -16.74 -11.40 -42.43
CA ILE C 13 -16.71 -10.00 -41.99
C ILE C 13 -17.32 -9.16 -43.11
N LYS C 14 -18.59 -8.79 -42.95
CA LYS C 14 -19.29 -7.98 -43.94
C LYS C 14 -19.35 -6.49 -43.57
N LYS C 15 -19.11 -6.13 -42.31
CA LYS C 15 -19.32 -4.77 -41.84
C LYS C 15 -18.32 -4.48 -40.74
N ILE C 16 -17.67 -3.32 -40.82
CA ILE C 16 -16.64 -2.91 -39.86
C ILE C 16 -16.95 -1.50 -39.41
N ALA C 17 -16.88 -1.26 -38.09
CA ALA C 17 -16.97 0.08 -37.52
C ALA C 17 -15.56 0.58 -37.22
N LEU C 18 -15.24 1.76 -37.72
CA LEU C 18 -13.89 2.32 -37.62
C LEU C 18 -13.92 3.59 -36.77
N ALA C 19 -13.09 3.63 -35.74
CA ALA C 19 -12.91 4.85 -34.96
C ALA C 19 -12.10 5.81 -35.83
N TYR C 20 -12.72 6.90 -36.25
CA TYR C 20 -12.21 7.72 -37.34
C TYR C 20 -11.96 9.14 -36.83
N SER C 21 -10.70 9.54 -36.85
CA SER C 21 -10.27 10.84 -36.32
CA SER C 21 -10.30 10.85 -36.33
C SER C 21 -10.13 11.90 -37.42
N GLY C 22 -10.12 11.49 -38.69
CA GLY C 22 -10.02 12.41 -39.79
C GLY C 22 -8.63 12.62 -40.37
N GLY C 23 -7.59 12.06 -39.77
CA GLY C 23 -6.28 12.19 -40.38
C GLY C 23 -6.15 11.40 -41.69
N LEU C 24 -5.01 11.61 -42.38
CA LEU C 24 -4.72 10.81 -43.58
C LEU C 24 -4.76 9.32 -43.27
N ASP C 25 -4.23 8.92 -42.12
CA ASP C 25 -4.06 7.50 -41.82
C ASP C 25 -5.41 6.78 -41.70
N THR C 26 -6.33 7.30 -40.89
CA THR C 26 -7.63 6.64 -40.82
C THR C 26 -8.42 6.80 -42.11
N SER C 27 -8.14 7.82 -42.92
CA SER C 27 -8.80 7.93 -44.22
C SER C 27 -8.40 6.79 -45.14
N ILE C 28 -7.10 6.47 -45.19
CA ILE C 28 -6.69 5.37 -46.09
C ILE C 28 -7.00 4.01 -45.48
N MET C 29 -7.27 3.93 -44.17
CA MET C 29 -7.72 2.66 -43.63
C MET C 29 -9.07 2.25 -44.20
N ILE C 30 -9.87 3.18 -44.69
CA ILE C 30 -11.19 2.83 -45.21
C ILE C 30 -11.03 1.97 -46.47
N PRO C 31 -10.38 2.43 -47.56
CA PRO C 31 -10.13 1.50 -48.67
C PRO C 31 -9.29 0.30 -48.26
N TRP C 32 -8.36 0.46 -47.31
CA TRP C 32 -7.53 -0.67 -46.93
C TRP C 32 -8.36 -1.79 -46.34
N LEU C 33 -9.30 -1.43 -45.46
CA LEU C 33 -10.18 -2.42 -44.84
C LEU C 33 -11.07 -3.08 -45.89
N LYS C 34 -11.64 -2.29 -46.80
CA LYS C 34 -12.46 -2.86 -47.87
C LYS C 34 -11.64 -3.78 -48.76
N GLU C 35 -10.34 -3.52 -48.88
CA GLU C 35 -9.49 -4.38 -49.72
C GLU C 35 -9.20 -5.70 -49.03
N HIS C 36 -8.92 -5.68 -47.73
CA HIS C 36 -8.51 -6.89 -47.03
C HIS C 36 -9.68 -7.68 -46.48
N TYR C 37 -10.88 -7.10 -46.46
CA TYR C 37 -12.11 -7.81 -46.10
C TYR C 37 -13.09 -7.59 -47.25
N GLU C 38 -13.03 -8.46 -48.25
CA GLU C 38 -13.73 -8.26 -49.51
C GLU C 38 -15.21 -7.99 -49.30
N HIS C 39 -15.72 -6.96 -49.98
CA HIS C 39 -17.12 -6.53 -49.94
C HIS C 39 -17.55 -6.03 -48.55
N ALA C 40 -16.61 -5.69 -47.66
CA ALA C 40 -16.98 -5.17 -46.36
C ALA C 40 -17.34 -3.69 -46.46
N GLU C 41 -18.43 -3.34 -45.82
CA GLU C 41 -18.84 -1.95 -45.66
C GLU C 41 -18.21 -1.39 -44.39
N VAL C 42 -17.75 -0.13 -44.43
CA VAL C 42 -17.08 0.50 -43.30
C VAL C 42 -17.90 1.68 -42.82
N ILE C 43 -18.23 1.67 -41.53
CA ILE C 43 -18.95 2.76 -40.86
CA ILE C 43 -18.93 2.79 -40.91
C ILE C 43 -17.95 3.52 -40.00
N ALA C 44 -17.95 4.86 -40.12
CA ALA C 44 -17.02 5.70 -39.39
C ALA C 44 -17.69 6.22 -38.14
N VAL C 45 -16.93 6.25 -37.04
CA VAL C 45 -17.42 6.75 -35.76
C VAL C 45 -16.47 7.86 -35.33
N ILE C 46 -16.97 9.10 -35.27
CA ILE C 46 -16.19 10.29 -34.92
C ILE C 46 -16.73 10.84 -33.60
N CYS C 47 -15.85 10.97 -32.60
CA CYS C 47 -16.24 11.53 -31.32
C CYS C 47 -15.80 12.98 -31.20
N ASP C 48 -16.71 13.83 -30.69
CA ASP C 48 -16.37 15.20 -30.31
C ASP C 48 -15.98 15.19 -28.84
N LEU C 49 -14.68 15.30 -28.59
CA LEU C 49 -14.11 15.32 -27.26
C LEU C 49 -13.61 16.71 -26.88
N GLY C 50 -13.85 17.70 -27.72
CA GLY C 50 -13.26 19.01 -27.51
C GLY C 50 -11.98 19.25 -28.29
N GLN C 51 -11.73 18.50 -29.36
CA GLN C 51 -10.50 18.67 -30.12
C GLN C 51 -10.53 19.92 -31.00
N GLN C 52 -11.68 20.60 -31.04
CA GLN C 52 -11.83 21.90 -31.70
C GLN C 52 -11.51 21.82 -33.19
N GLU C 53 -11.99 20.76 -33.83
CA GLU C 53 -11.84 20.58 -35.26
C GLU C 53 -13.21 20.66 -35.92
N ASP C 54 -13.19 20.83 -37.24
CA ASP C 54 -14.43 20.91 -38.01
C ASP C 54 -14.93 19.49 -38.21
N LEU C 55 -15.89 19.07 -37.37
CA LEU C 55 -16.32 17.68 -37.41
C LEU C 55 -17.20 17.40 -38.62
N ASP C 56 -17.93 18.39 -39.12
CA ASP C 56 -18.69 18.16 -40.34
C ASP C 56 -17.77 17.92 -41.53
N ALA C 57 -16.61 18.60 -41.58
CA ALA C 57 -15.63 18.30 -42.60
C ALA C 57 -15.08 16.89 -42.45
N ILE C 58 -14.80 16.48 -41.21
CA ILE C 58 -14.28 15.13 -40.99
C ILE C 58 -15.30 14.10 -41.38
N LYS C 59 -16.58 14.33 -41.00
CA LYS C 59 -17.65 13.42 -41.43
C LYS C 59 -17.68 13.30 -42.95
N ASN C 60 -17.67 14.44 -43.65
CA ASN C 60 -17.72 14.38 -45.11
C ASN C 60 -16.51 13.68 -45.70
N LYS C 61 -15.35 13.84 -45.09
CA LYS C 61 -14.17 13.15 -45.60
C LYS C 61 -14.28 11.64 -45.41
N ALA C 62 -14.87 11.21 -44.29
CA ALA C 62 -15.11 9.78 -44.09
C ALA C 62 -15.97 9.23 -45.22
N LEU C 63 -17.04 9.94 -45.59
CA LEU C 63 -17.91 9.48 -46.66
C LEU C 63 -17.22 9.54 -48.01
N LYS C 64 -16.50 10.62 -48.29
CA LYS C 64 -15.76 10.70 -49.54
C LYS C 64 -14.73 9.58 -49.65
N SER C 65 -14.21 9.13 -48.52
CA SER C 65 -13.18 8.10 -48.51
C SER C 65 -13.73 6.69 -48.65
N GLY C 66 -15.05 6.52 -48.73
CA GLY C 66 -15.66 5.20 -48.89
C GLY C 66 -16.46 4.67 -47.73
N ALA C 67 -16.59 5.43 -46.62
CA ALA C 67 -17.45 4.98 -45.54
C ALA C 67 -18.91 5.05 -45.95
N SER C 68 -19.68 4.01 -45.58
CA SER C 68 -21.10 4.01 -45.96
C SER C 68 -21.92 4.90 -45.06
N LYS C 69 -21.48 5.10 -43.82
CA LYS C 69 -22.13 5.95 -42.85
C LYS C 69 -21.04 6.59 -42.01
N ALA C 70 -21.29 7.79 -41.55
CA ALA C 70 -20.33 8.47 -40.69
C ALA C 70 -21.10 9.15 -39.57
N TYR C 71 -20.94 8.65 -38.35
CA TYR C 71 -21.56 9.19 -37.16
C TYR C 71 -20.64 10.20 -36.51
N VAL C 72 -21.19 11.33 -36.09
CA VAL C 72 -20.49 12.27 -35.24
C VAL C 72 -21.24 12.30 -33.92
N VAL C 73 -20.58 11.86 -32.85
CA VAL C 73 -21.20 11.79 -31.53
CA VAL C 73 -21.19 11.78 -31.54
C VAL C 73 -20.58 12.86 -30.66
N ASP C 74 -21.41 13.76 -30.14
CA ASP C 74 -20.97 14.83 -29.25
C ASP C 74 -20.94 14.25 -27.83
N VAL C 75 -19.75 13.92 -27.33
CA VAL C 75 -19.62 13.29 -26.03
C VAL C 75 -18.93 14.20 -25.00
N LYS C 76 -18.84 15.51 -25.27
CA LYS C 76 -18.12 16.38 -24.36
C LYS C 76 -18.73 16.37 -22.96
N ASN C 77 -20.07 16.51 -22.87
CA ASN C 77 -20.69 16.57 -21.56
C ASN C 77 -20.47 15.28 -20.78
N GLU C 78 -20.60 14.14 -21.47
CA GLU C 78 -20.46 12.84 -20.82
C GLU C 78 -19.01 12.54 -20.48
N PHE C 79 -18.07 12.96 -21.33
CA PHE C 79 -16.66 12.91 -20.99
C PHE C 79 -16.41 13.66 -19.67
N ALA C 80 -16.96 14.87 -19.55
CA ALA C 80 -16.76 15.64 -18.33
C ALA C 80 -17.39 14.94 -17.11
N THR C 81 -18.66 14.55 -17.22
CA THR C 81 -19.39 14.05 -16.05
CA THR C 81 -19.35 14.06 -16.03
C THR C 81 -19.00 12.61 -15.68
N GLN C 82 -18.69 11.77 -16.67
CA GLN C 82 -18.49 10.36 -16.40
CA GLN C 82 -18.49 10.36 -16.40
C GLN C 82 -17.03 9.95 -16.32
N TYR C 83 -16.12 10.78 -16.79
CA TYR C 83 -14.68 10.47 -16.76
C TYR C 83 -13.90 11.53 -16.00
N LEU C 84 -14.01 12.80 -16.39
CA LEU C 84 -13.17 13.82 -15.77
C LEU C 84 -13.59 14.09 -14.32
N TRP C 85 -14.88 14.03 -14.04
CA TRP C 85 -15.30 14.27 -12.66
C TRP C 85 -14.85 13.15 -11.72
N PRO C 86 -15.00 11.87 -12.10
CA PRO C 86 -14.37 10.83 -11.25
C PRO C 86 -12.87 11.01 -11.13
N LEU C 87 -12.21 11.45 -12.20
CA LEU C 87 -10.78 11.68 -12.12
C LEU C 87 -10.46 12.82 -11.13
N VAL C 88 -11.18 13.94 -11.21
CA VAL C 88 -10.98 15.03 -10.25
C VAL C 88 -11.18 14.51 -8.82
N LYS C 89 -12.25 13.75 -8.60
CA LYS C 89 -12.51 13.22 -7.26
C LYS C 89 -11.37 12.33 -6.78
N SER C 90 -10.76 11.54 -7.69
CA SER C 90 -9.67 10.65 -7.29
C SER C 90 -8.41 11.39 -6.86
N GLY C 91 -8.17 12.58 -7.42
CA GLY C 91 -6.91 13.29 -7.26
C GLY C 91 -5.69 12.61 -7.85
N ALA C 92 -5.88 11.66 -8.76
CA ALA C 92 -4.80 10.81 -9.24
C ALA C 92 -3.96 11.50 -10.32
N LEU C 93 -2.65 11.34 -10.24
CA LEU C 93 -1.70 11.80 -11.25
C LEU C 93 -0.75 10.64 -11.54
N TYR C 94 -0.66 10.26 -12.81
CA TYR C 94 0.22 9.15 -13.15
C TYR C 94 1.66 9.51 -12.88
N GLU C 95 2.36 8.64 -12.13
CA GLU C 95 3.75 8.85 -11.68
C GLU C 95 3.94 10.24 -11.06
N ASP C 96 2.89 10.71 -10.39
CA ASP C 96 2.86 11.95 -9.63
C ASP C 96 3.02 13.16 -10.52
N GLN C 97 2.77 13.03 -11.83
CA GLN C 97 3.00 14.16 -12.74
C GLN C 97 1.95 14.33 -13.82
N TYR C 98 1.41 13.23 -14.35
CA TYR C 98 0.63 13.27 -15.58
C TYR C 98 -0.88 13.29 -15.30
N ILE C 99 -1.56 14.26 -15.92
CA ILE C 99 -2.98 14.57 -15.73
C ILE C 99 -3.90 13.65 -16.53
N LEU C 100 -3.36 12.67 -17.28
CA LEU C 100 -4.14 11.50 -17.75
C LEU C 100 -5.22 11.89 -18.78
N GLY C 101 -4.89 12.77 -19.73
CA GLY C 101 -5.88 13.17 -20.73
C GLY C 101 -6.35 12.05 -21.64
N THR C 102 -5.58 10.96 -21.73
CA THR C 102 -6.02 9.78 -22.50
C THR C 102 -7.04 8.93 -21.74
N ILE C 103 -7.59 9.44 -20.65
CA ILE C 103 -8.83 8.89 -20.10
C ILE C 103 -9.95 8.91 -21.16
N SER C 104 -9.77 9.66 -22.24
CA SER C 104 -10.77 9.66 -23.32
C SER C 104 -10.82 8.34 -24.09
N ARG C 105 -9.76 7.53 -24.08
CA ARG C 105 -9.75 6.37 -24.97
C ARG C 105 -10.84 5.35 -24.64
N PRO C 106 -11.11 4.99 -23.39
CA PRO C 106 -12.26 4.12 -23.13
C PRO C 106 -13.58 4.71 -23.59
N LEU C 107 -13.77 6.03 -23.51
CA LEU C 107 -15.01 6.62 -24.02
C LEU C 107 -15.12 6.46 -25.53
N ILE C 108 -14.03 6.73 -26.27
CA ILE C 108 -14.04 6.47 -27.71
C ILE C 108 -14.41 5.02 -27.97
N ALA C 109 -13.79 4.10 -27.22
CA ALA C 109 -14.09 2.70 -27.44
C ALA C 109 -15.55 2.40 -27.13
N GLN C 110 -16.11 3.07 -26.11
CA GLN C 110 -17.50 2.83 -25.73
C GLN C 110 -18.47 3.26 -26.84
N LYS C 111 -18.25 4.44 -27.42
CA LYS C 111 -19.13 4.87 -28.50
C LYS C 111 -18.95 3.98 -29.74
N LEU C 112 -17.71 3.57 -30.04
CA LEU C 112 -17.47 2.66 -31.16
C LEU C 112 -18.26 1.37 -30.99
N VAL C 113 -18.20 0.79 -29.80
CA VAL C 113 -18.89 -0.48 -29.56
C VAL C 113 -20.41 -0.29 -29.60
N GLU C 114 -20.91 0.77 -28.97
CA GLU C 114 -22.35 1.03 -29.00
C GLU C 114 -22.85 1.06 -30.44
N ILE C 115 -22.17 1.82 -31.28
CA ILE C 115 -22.57 1.91 -32.68
C ILE C 115 -22.31 0.57 -33.39
N ALA C 116 -21.20 -0.09 -33.07
CA ALA C 116 -20.95 -1.42 -33.63
C ALA C 116 -22.10 -2.37 -33.37
N LEU C 117 -22.64 -2.35 -32.15
CA LEU C 117 -23.75 -3.25 -31.84
C LEU C 117 -25.05 -2.82 -32.50
N THR C 118 -25.34 -1.51 -32.50
CA THR C 118 -26.52 -1.01 -33.21
C THR C 118 -26.48 -1.39 -34.70
N GLU C 119 -25.33 -1.31 -35.32
CA GLU C 119 -25.21 -1.54 -36.76
C GLU C 119 -24.90 -2.98 -37.10
N GLN C 120 -24.79 -3.85 -36.10
CA GLN C 120 -24.55 -5.29 -36.29
C GLN C 120 -23.31 -5.53 -37.15
N VAL C 121 -22.24 -4.80 -36.86
CA VAL C 121 -20.99 -5.04 -37.55
C VAL C 121 -20.32 -6.30 -37.00
N ASN C 122 -19.40 -6.84 -37.79
CA ASN C 122 -18.65 -8.03 -37.40
C ASN C 122 -17.30 -7.70 -36.76
N ALA C 123 -16.81 -6.48 -36.91
CA ALA C 123 -15.49 -6.15 -36.42
C ALA C 123 -15.43 -4.65 -36.20
N VAL C 124 -14.54 -4.24 -35.30
CA VAL C 124 -14.25 -2.84 -35.08
C VAL C 124 -12.77 -2.62 -35.36
N ALA C 125 -12.43 -1.38 -35.71
CA ALA C 125 -11.08 -1.02 -36.11
C ALA C 125 -10.75 0.34 -35.52
N HIS C 126 -9.45 0.55 -35.28
CA HIS C 126 -8.94 1.82 -34.78
C HIS C 126 -7.58 2.05 -35.42
N GLY C 127 -7.13 3.31 -35.39
CA GLY C 127 -5.88 3.67 -36.01
C GLY C 127 -4.77 4.00 -35.05
N ALA C 128 -4.83 3.50 -33.82
CA ALA C 128 -3.71 3.66 -32.89
C ALA C 128 -2.47 2.97 -33.43
N THR C 129 -1.31 3.53 -33.14
CA THR C 129 -0.09 2.95 -33.68
C THR C 129 0.33 1.71 -32.90
N GLY C 130 1.21 0.92 -33.49
CA GLY C 130 1.67 -0.31 -32.90
C GLY C 130 2.70 -0.17 -31.81
N LYS C 131 3.14 1.05 -31.49
CA LYS C 131 4.20 1.22 -30.51
C LYS C 131 3.75 1.91 -29.24
N GLY C 132 2.50 2.41 -29.17
CA GLY C 132 2.06 3.24 -28.07
C GLY C 132 1.15 2.52 -27.09
N ASN C 133 0.59 3.33 -26.19
CA ASN C 133 -0.37 2.87 -25.19
C ASN C 133 -1.80 2.83 -25.70
N ASP C 134 -2.14 3.65 -26.70
CA ASP C 134 -3.56 3.82 -27.05
C ASP C 134 -4.17 2.53 -27.58
N GLN C 135 -3.37 1.71 -28.27
CA GLN C 135 -3.87 0.44 -28.77
C GLN C 135 -4.30 -0.47 -27.62
N VAL C 136 -3.54 -0.45 -26.51
CA VAL C 136 -3.96 -1.23 -25.34
C VAL C 136 -5.26 -0.68 -24.79
N ARG C 137 -5.34 0.65 -24.63
CA ARG C 137 -6.54 1.25 -24.05
C ARG C 137 -7.78 0.89 -24.87
N PHE C 138 -7.70 1.05 -26.19
CA PHE C 138 -8.84 0.72 -27.04
C PHE C 138 -9.20 -0.75 -26.91
N GLU C 139 -8.20 -1.62 -26.95
CA GLU C 139 -8.54 -3.03 -27.12
C GLU C 139 -8.92 -3.69 -25.80
N TYR C 140 -8.32 -3.27 -24.68
CA TYR C 140 -8.84 -3.69 -23.38
C TYR C 140 -10.31 -3.27 -23.24
N SER C 141 -10.64 -2.02 -23.58
CA SER C 141 -12.02 -1.54 -23.44
C SER C 141 -12.97 -2.32 -24.33
N ILE C 142 -12.59 -2.54 -25.60
CA ILE C 142 -13.45 -3.29 -26.51
C ILE C 142 -13.72 -4.70 -25.97
N LYS C 143 -12.68 -5.36 -25.47
CA LYS C 143 -12.89 -6.71 -24.94
C LYS C 143 -13.74 -6.70 -23.68
N ALA C 144 -13.62 -5.64 -22.86
CA ALA C 144 -14.42 -5.52 -21.64
C ALA C 144 -15.89 -5.27 -21.97
N LEU C 145 -16.17 -4.60 -23.09
CA LEU C 145 -17.53 -4.22 -23.46
C LEU C 145 -18.19 -5.21 -24.40
N ALA C 146 -17.43 -5.88 -25.23
CA ALA C 146 -17.99 -6.69 -26.30
C ALA C 146 -16.95 -7.73 -26.70
N PRO C 147 -16.76 -8.76 -25.88
CA PRO C 147 -15.67 -9.71 -26.14
C PRO C 147 -15.85 -10.49 -27.43
N GLN C 148 -17.06 -10.51 -27.98
CA GLN C 148 -17.34 -11.22 -29.22
C GLN C 148 -16.85 -10.49 -30.47
N LEU C 149 -16.58 -9.20 -30.39
CA LEU C 149 -16.25 -8.42 -31.59
C LEU C 149 -14.78 -8.61 -31.97
N GLU C 150 -14.53 -8.90 -33.25
CA GLU C 150 -13.16 -8.93 -33.74
CA GLU C 150 -13.16 -8.93 -33.71
C GLU C 150 -12.60 -7.50 -33.80
N ILE C 151 -11.30 -7.38 -33.55
CA ILE C 151 -10.62 -6.09 -33.53
C ILE C 151 -9.57 -6.07 -34.63
N ILE C 152 -9.54 -4.99 -35.42
CA ILE C 152 -8.61 -4.83 -36.51
C ILE C 152 -7.81 -3.58 -36.24
N ALA C 153 -6.49 -3.69 -36.20
CA ALA C 153 -5.63 -2.52 -36.03
C ALA C 153 -4.69 -2.46 -37.22
N PRO C 154 -5.01 -1.67 -38.26
CA PRO C 154 -4.20 -1.72 -39.48
C PRO C 154 -2.71 -1.44 -39.26
N TRP C 155 -2.36 -0.52 -38.36
CA TRP C 155 -0.94 -0.24 -38.12
C TRP C 155 -0.16 -1.47 -37.71
N ARG C 156 -0.83 -2.49 -37.16
CA ARG C 156 -0.16 -3.72 -36.78
C ARG C 156 -0.12 -4.75 -37.90
N THR C 157 -0.86 -4.54 -38.98
CA THR C 157 -1.01 -5.52 -40.06
C THR C 157 -0.45 -5.04 -41.38
N TRP C 158 -0.59 -3.76 -41.71
CA TRP C 158 -0.33 -3.38 -43.08
C TRP C 158 1.15 -3.08 -43.30
N ASP C 159 1.51 -2.86 -44.56
CA ASP C 159 2.89 -2.64 -44.96
C ASP C 159 3.29 -1.17 -44.95
N ILE C 160 2.38 -0.28 -44.60
CA ILE C 160 2.67 1.16 -44.59
C ILE C 160 3.49 1.46 -43.35
N LYS C 161 4.66 2.08 -43.55
CA LYS C 161 5.56 2.39 -42.44
C LYS C 161 5.84 3.88 -42.26
N SER C 162 5.71 4.69 -43.30
CA SER C 162 6.04 6.10 -43.27
C SER C 162 4.88 6.93 -43.80
N ARG C 163 4.93 8.23 -43.57
CA ARG C 163 3.92 9.10 -44.16
C ARG C 163 3.99 9.09 -45.68
N GLN C 164 5.20 9.10 -46.26
CA GLN C 164 5.27 9.05 -47.71
C GLN C 164 4.68 7.75 -48.25
N GLU C 165 4.82 6.65 -47.49
CA GLU C 165 4.21 5.40 -47.92
C GLU C 165 2.69 5.49 -47.83
N ALA C 166 2.16 6.16 -46.80
CA ALA C 166 0.72 6.40 -46.72
C ALA C 166 0.26 7.29 -47.88
N ILE C 167 1.07 8.28 -48.24
CA ILE C 167 0.69 9.16 -49.33
C ILE C 167 0.63 8.39 -50.64
N VAL C 168 1.64 7.54 -50.90
CA VAL C 168 1.60 6.72 -52.10
C VAL C 168 0.34 5.87 -52.14
N TYR C 169 -0.02 5.27 -51.00
CA TYR C 169 -1.22 4.45 -50.94
C TYR C 169 -2.48 5.29 -51.18
N ALA C 170 -2.54 6.48 -50.59
CA ALA C 170 -3.72 7.33 -50.77
C ALA C 170 -3.94 7.67 -52.23
N LYS C 171 -2.86 7.96 -52.95
CA LYS C 171 -2.98 8.31 -54.37
C LYS C 171 -3.51 7.14 -55.17
N ALA C 172 -3.05 5.93 -54.86
CA ALA C 172 -3.51 4.74 -55.57
C ALA C 172 -4.95 4.37 -55.23
N HIS C 173 -5.53 4.95 -54.17
CA HIS C 173 -6.85 4.54 -53.72
C HIS C 173 -7.83 5.71 -53.61
N GLY C 174 -7.57 6.80 -54.32
CA GLY C 174 -8.56 7.85 -54.43
C GLY C 174 -8.82 8.60 -53.16
N ILE C 175 -7.84 8.63 -52.25
CA ILE C 175 -7.94 9.41 -51.03
C ILE C 175 -7.13 10.68 -51.22
N GLU C 176 -7.75 11.83 -50.98
CA GLU C 176 -7.07 13.10 -51.15
C GLU C 176 -6.05 13.31 -50.03
N VAL C 177 -4.88 13.82 -50.40
CA VAL C 177 -3.81 14.09 -49.44
C VAL C 177 -3.89 15.56 -49.05
N PRO C 178 -4.00 15.89 -47.77
CA PRO C 178 -4.10 17.31 -47.39
C PRO C 178 -2.85 18.09 -47.75
N VAL C 179 -3.05 19.38 -48.06
CA VAL C 179 -1.91 20.22 -48.45
C VAL C 179 -0.93 20.38 -47.28
N THR C 180 -1.45 20.69 -46.10
CA THR C 180 -0.57 20.98 -44.97
C THR C 180 0.03 19.70 -44.42
N PRO C 181 1.31 19.70 -44.04
CA PRO C 181 1.95 18.47 -43.58
C PRO C 181 1.53 18.14 -42.15
N LYS C 182 1.91 16.94 -41.71
CA LYS C 182 1.72 16.57 -40.32
C LYS C 182 2.49 17.52 -39.42
N ALA C 183 1.92 17.84 -38.27
CA ALA C 183 2.58 18.72 -37.31
C ALA C 183 3.96 18.15 -36.95
N PRO C 184 4.87 19.01 -36.48
CA PRO C 184 6.18 18.50 -36.00
C PRO C 184 6.07 17.59 -34.78
N TYR C 185 4.90 17.52 -34.13
CA TYR C 185 4.70 16.76 -32.91
C TYR C 185 3.44 15.91 -33.04
N SER C 186 3.45 14.74 -32.42
CA SER C 186 2.25 13.94 -32.30
C SER C 186 1.38 14.52 -31.18
N ARG C 187 0.15 14.88 -31.50
CA ARG C 187 -0.67 15.61 -30.56
C ARG C 187 -2.00 14.92 -30.28
N ASP C 188 -2.52 15.18 -29.10
CA ASP C 188 -3.87 14.79 -28.75
C ASP C 188 -4.49 15.96 -28.02
N HIS C 189 -5.78 16.21 -28.27
CA HIS C 189 -6.45 17.42 -27.82
C HIS C 189 -7.88 17.08 -27.42
N ASN C 190 -8.28 17.42 -26.19
CA ASN C 190 -9.69 17.32 -25.79
C ASN C 190 -9.94 18.44 -24.77
N ILE C 191 -11.16 18.49 -24.21
CA ILE C 191 -11.51 19.60 -23.30
C ILE C 191 -10.58 19.65 -22.09
N TRP C 192 -9.90 18.55 -21.78
CA TRP C 192 -9.10 18.46 -20.55
C TRP C 192 -7.64 18.80 -20.74
N TYR C 193 -7.04 18.52 -21.90
CA TYR C 193 -5.60 18.66 -22.02
C TYR C 193 -5.21 18.76 -23.48
N ILE C 194 -3.95 19.13 -23.69
CA ILE C 194 -3.31 18.92 -24.98
C ILE C 194 -2.00 18.22 -24.71
N SER C 195 -1.72 17.17 -25.48
CA SER C 195 -0.49 16.40 -25.35
CA SER C 195 -0.49 16.43 -25.34
C SER C 195 0.36 16.61 -26.59
N HIS C 196 1.68 16.65 -26.38
CA HIS C 196 2.67 16.79 -27.44
C HIS C 196 3.79 15.81 -27.16
N GLU C 197 4.14 14.98 -28.14
CA GLU C 197 5.28 14.10 -28.01
C GLU C 197 5.83 13.80 -29.39
N GLY C 198 7.00 13.15 -29.42
CA GLY C 198 7.64 12.81 -30.67
C GLY C 198 8.49 13.93 -31.27
N GLY C 199 9.05 13.66 -32.44
CA GLY C 199 9.95 14.63 -33.07
C GLY C 199 11.13 14.93 -32.17
N VAL C 200 11.53 16.21 -32.14
CA VAL C 200 12.65 16.62 -31.31
C VAL C 200 12.33 16.60 -29.82
N LEU C 201 11.05 16.45 -29.45
CA LEU C 201 10.73 16.28 -28.03
C LEU C 201 11.32 15.01 -27.44
N GLU C 202 11.72 14.05 -28.28
CA GLU C 202 12.21 12.79 -27.75
C GLU C 202 13.66 12.86 -27.27
N ASP C 203 14.14 14.07 -26.98
CA ASP C 203 15.46 14.25 -26.38
C ASP C 203 15.28 15.00 -25.07
N PRO C 204 15.26 14.31 -23.92
CA PRO C 204 15.05 15.00 -22.64
C PRO C 204 16.18 15.92 -22.23
N SER C 205 17.26 15.97 -22.99
CA SER C 205 18.34 16.87 -22.62
C SER C 205 18.09 18.30 -23.08
N GLN C 206 17.07 18.51 -23.90
CA GLN C 206 16.77 19.81 -24.48
C GLN C 206 15.53 20.41 -23.81
N GLU C 207 15.50 21.72 -23.68
CA GLU C 207 14.29 22.31 -23.16
C GLU C 207 13.18 22.29 -24.22
N MET C 208 11.97 22.50 -23.76
CA MET C 208 10.82 22.51 -24.66
C MET C 208 10.99 23.60 -25.72
N PRO C 209 10.82 23.28 -27.00
CA PRO C 209 10.89 24.32 -28.04
C PRO C 209 9.79 25.37 -27.88
N ASN C 210 10.01 26.52 -28.52
CA ASN C 210 9.06 27.63 -28.32
C ASN C 210 7.84 27.53 -29.24
N ASP C 211 7.69 26.46 -30.03
CA ASP C 211 6.53 26.32 -30.91
C ASP C 211 5.62 25.16 -30.48
N VAL C 212 5.73 24.72 -29.25
CA VAL C 212 4.97 23.56 -28.78
C VAL C 212 3.59 23.98 -28.32
N LEU C 213 3.52 24.97 -27.42
CA LEU C 213 2.30 25.22 -26.67
C LEU C 213 1.19 25.74 -27.55
N LEU C 214 -0.03 25.26 -27.31
CA LEU C 214 -1.16 25.65 -28.13
C LEU C 214 -2.29 26.36 -27.39
N MET C 215 -2.40 26.21 -26.07
CA MET C 215 -3.49 26.83 -25.32
C MET C 215 -3.00 27.50 -24.06
N THR C 216 -1.69 27.60 -23.85
CA THR C 216 -1.15 28.15 -22.62
C THR C 216 -0.16 29.22 -23.01
N ALA C 217 -0.28 30.40 -22.41
CA ALA C 217 0.70 31.45 -22.66
C ALA C 217 2.03 31.11 -22.00
N PRO C 218 3.16 31.40 -22.64
CA PRO C 218 4.43 31.34 -21.91
C PRO C 218 4.39 32.30 -20.73
N VAL C 219 5.05 31.91 -19.63
CA VAL C 219 4.98 32.70 -18.39
C VAL C 219 5.48 34.12 -18.58
N SER C 220 6.47 34.32 -19.45
CA SER C 220 6.93 35.67 -19.70
C SER C 220 5.87 36.54 -20.36
N GLN C 221 4.83 35.93 -20.96
CA GLN C 221 3.80 36.66 -21.68
C GLN C 221 2.45 36.61 -20.96
N THR C 222 2.46 36.58 -19.67
CA THR C 222 1.26 36.50 -18.87
C THR C 222 0.96 37.87 -18.26
N PRO C 223 -0.30 38.13 -17.90
CA PRO C 223 -0.65 39.45 -17.34
C PRO C 223 0.16 39.79 -16.11
N ASP C 224 0.41 41.07 -15.93
CA ASP C 224 1.15 41.55 -14.76
C ASP C 224 0.27 41.77 -13.54
N GLU C 225 -1.05 41.59 -13.68
CA GLU C 225 -1.97 41.63 -12.56
C GLU C 225 -2.58 40.24 -12.36
N GLU C 226 -2.66 39.81 -11.10
CA GLU C 226 -3.25 38.52 -10.77
C GLU C 226 -4.75 38.52 -11.06
N GLU C 227 -5.31 37.32 -11.20
CA GLU C 227 -6.74 37.15 -11.38
C GLU C 227 -7.27 36.22 -10.31
N VAL C 228 -8.33 36.64 -9.63
CA VAL C 228 -8.95 35.81 -8.60
C VAL C 228 -10.03 34.96 -9.24
N VAL C 229 -10.04 33.67 -8.93
CA VAL C 229 -11.17 32.82 -9.30
C VAL C 229 -11.74 32.21 -8.02
N VAL C 230 -13.05 32.02 -8.01
CA VAL C 230 -13.76 31.40 -6.88
C VAL C 230 -14.44 30.16 -7.41
N LEU C 231 -14.11 29.01 -6.82
CA LEU C 231 -14.71 27.76 -7.25
C LEU C 231 -15.56 27.20 -6.12
N ASP C 232 -16.82 26.89 -6.44
CA ASP C 232 -17.69 26.18 -5.52
C ASP C 232 -17.75 24.72 -5.94
N PHE C 233 -17.61 23.85 -4.96
CA PHE C 233 -17.58 22.40 -5.13
C PHE C 233 -18.76 21.80 -4.36
N LYS C 234 -19.32 20.72 -4.92
CA LYS C 234 -20.32 19.91 -4.24
C LYS C 234 -19.93 18.46 -4.42
N LYS C 235 -19.74 17.77 -3.30
CA LYS C 235 -19.37 16.36 -3.30
C LYS C 235 -18.18 16.10 -4.23
N GLY C 236 -17.17 16.95 -4.14
CA GLY C 236 -15.89 16.72 -4.80
C GLY C 236 -15.72 17.28 -6.19
N VAL C 237 -16.78 17.85 -6.79
CA VAL C 237 -16.68 18.35 -8.17
C VAL C 237 -17.11 19.81 -8.23
N PRO C 238 -16.58 20.59 -9.16
CA PRO C 238 -16.90 22.02 -9.20
C PRO C 238 -18.25 22.25 -9.88
N VAL C 239 -19.06 23.12 -9.28
CA VAL C 239 -20.39 23.40 -9.79
C VAL C 239 -20.56 24.87 -10.18
N ALA C 240 -19.68 25.77 -9.75
CA ALA C 240 -19.79 27.19 -10.05
C ALA C 240 -18.41 27.81 -10.13
N LEU C 241 -18.30 28.84 -10.96
CA LEU C 241 -17.08 29.61 -11.11
C LEU C 241 -17.46 31.08 -10.97
N ASN C 242 -16.79 31.79 -10.06
CA ASN C 242 -17.06 33.22 -9.82
C ASN C 242 -18.53 33.49 -9.50
N GLY C 243 -19.14 32.56 -8.78
CA GLY C 243 -20.54 32.72 -8.37
C GLY C 243 -21.56 32.34 -9.41
N GLN C 244 -21.15 31.79 -10.55
CA GLN C 244 -22.08 31.47 -11.63
C GLN C 244 -22.08 29.98 -11.84
N GLU C 245 -23.25 29.35 -11.65
CA GLU C 245 -23.32 27.92 -11.89
C GLU C 245 -23.10 27.68 -13.36
N LEU C 246 -22.24 26.72 -13.68
CA LEU C 246 -21.89 26.39 -15.06
C LEU C 246 -21.92 24.89 -15.21
N SER C 247 -22.33 24.44 -16.40
CA SER C 247 -22.18 23.04 -16.75
C SER C 247 -20.71 22.66 -16.67
N PRO C 248 -20.40 21.37 -16.52
CA PRO C 248 -18.98 20.99 -16.51
C PRO C 248 -18.21 21.44 -17.74
N VAL C 249 -18.79 21.35 -18.93
CA VAL C 249 -18.04 21.76 -20.12
C VAL C 249 -17.83 23.28 -20.14
N ASP C 250 -18.85 24.04 -19.74
CA ASP C 250 -18.70 25.50 -19.74
C ASP C 250 -17.69 25.94 -18.68
N LEU C 251 -17.70 25.25 -17.54
CA LEU C 251 -16.75 25.58 -16.49
C LEU C 251 -15.32 25.25 -16.91
N LEU C 252 -15.10 24.05 -17.48
CA LEU C 252 -13.78 23.73 -17.99
C LEU C 252 -13.33 24.72 -19.08
N ASN C 253 -14.23 25.08 -19.99
CA ASN C 253 -13.87 26.01 -21.06
CA ASN C 253 -13.85 25.99 -21.05
C ASN C 253 -13.41 27.34 -20.48
N SER C 254 -14.21 27.88 -19.56
CA SER C 254 -13.88 29.18 -18.98
C SER C 254 -12.57 29.11 -18.21
N LEU C 255 -12.42 28.09 -17.36
CA LEU C 255 -11.20 27.97 -16.56
CA LEU C 255 -11.21 27.96 -16.56
C LEU C 255 -9.98 27.70 -17.43
N ASN C 256 -10.14 26.93 -18.52
CA ASN C 256 -9.01 26.72 -19.43
C ASN C 256 -8.56 28.04 -20.03
N GLN C 257 -9.51 28.88 -20.41
CA GLN C 257 -9.14 30.18 -20.98
C GLN C 257 -8.43 31.04 -19.93
N LYS C 258 -9.03 31.18 -18.75
CA LYS C 258 -8.44 32.06 -17.72
CA LYS C 258 -8.45 32.05 -17.72
C LYS C 258 -7.07 31.54 -17.28
N ALA C 259 -6.99 30.26 -16.93
CA ALA C 259 -5.71 29.77 -16.41
C ALA C 259 -4.68 29.69 -17.52
N GLY C 260 -5.09 29.40 -18.76
CA GLY C 260 -4.12 29.38 -19.85
C GLY C 260 -3.57 30.76 -20.14
N GLN C 261 -4.40 31.78 -20.01
CA GLN C 261 -3.90 33.14 -20.23
CA GLN C 261 -3.94 33.16 -20.20
C GLN C 261 -2.86 33.51 -19.19
N HIS C 262 -2.96 32.95 -17.98
CA HIS C 262 -1.97 33.16 -16.92
C HIS C 262 -0.87 32.09 -16.91
N GLY C 263 -0.74 31.31 -17.97
CA GLY C 263 0.43 30.47 -18.13
C GLY C 263 0.43 29.21 -17.29
N ILE C 264 -0.72 28.78 -16.78
CA ILE C 264 -0.78 27.74 -15.76
C ILE C 264 -0.86 26.35 -16.38
N GLY C 265 -0.15 25.40 -15.78
CA GLY C 265 -0.47 23.99 -15.98
C GLY C 265 0.37 23.22 -16.99
N VAL C 266 1.51 23.76 -17.42
CA VAL C 266 2.32 23.04 -18.41
C VAL C 266 3.21 22.05 -17.66
N ALA C 267 3.17 20.78 -18.07
CA ALA C 267 4.02 19.75 -17.48
C ALA C 267 4.98 19.23 -18.54
N ASP C 268 6.27 19.16 -18.23
CA ASP C 268 7.26 18.63 -19.16
C ASP C 268 7.86 17.42 -18.45
N ILE C 269 7.51 16.21 -18.90
CA ILE C 269 7.82 15.02 -18.09
C ILE C 269 8.37 13.89 -18.94
N VAL C 270 9.07 12.98 -18.27
CA VAL C 270 9.40 11.68 -18.84
C VAL C 270 8.56 10.66 -18.08
N GLU C 271 7.78 9.86 -18.81
CA GLU C 271 6.89 8.89 -18.19
C GLU C 271 7.22 7.50 -18.71
N ASN C 272 6.84 6.50 -17.92
CA ASN C 272 6.95 5.11 -18.34
C ASN C 272 5.69 4.67 -19.07
N ARG C 273 5.85 4.25 -20.31
CA ARG C 273 4.71 3.71 -21.03
C ARG C 273 4.37 2.32 -20.47
N LEU C 274 3.15 1.88 -20.73
CA LEU C 274 2.84 0.50 -20.42
C LEU C 274 3.59 -0.45 -21.36
N VAL C 275 3.79 -0.06 -22.62
CA VAL C 275 4.43 -0.95 -23.59
C VAL C 275 5.95 -1.09 -23.38
N GLY C 276 6.49 -0.50 -22.31
CA GLY C 276 7.79 -0.90 -21.81
C GLY C 276 8.93 0.09 -22.00
N MET C 277 8.66 1.29 -22.51
CA MET C 277 9.71 2.26 -22.75
C MET C 277 9.26 3.63 -22.25
N LYS C 278 10.24 4.51 -22.02
CA LYS C 278 9.97 5.86 -21.56
CA LYS C 278 9.98 5.87 -21.57
C LYS C 278 9.73 6.79 -22.75
N ILE C 279 8.91 7.82 -22.52
CA ILE C 279 8.64 8.83 -23.53
C ILE C 279 8.63 10.20 -22.85
N ARG C 280 9.14 11.20 -23.56
CA ARG C 280 9.12 12.58 -23.09
C ARG C 280 7.88 13.27 -23.67
N GLY C 281 7.00 13.77 -22.80
CA GLY C 281 5.78 14.42 -23.23
C GLY C 281 5.65 15.82 -22.65
N ILE C 282 4.94 16.68 -23.39
CA ILE C 282 4.54 18.00 -22.91
C ILE C 282 3.03 17.99 -22.79
N TYR C 283 2.51 18.38 -21.62
CA TYR C 283 1.08 18.32 -21.37
C TYR C 283 0.59 19.68 -20.91
N GLU C 284 -0.42 20.19 -21.60
CA GLU C 284 -1.06 21.44 -21.21
C GLU C 284 -2.40 21.08 -20.63
N ALA C 285 -2.71 21.62 -19.45
CA ALA C 285 -4.04 21.39 -18.90
C ALA C 285 -4.31 22.45 -17.83
N PRO C 286 -4.61 23.68 -18.25
CA PRO C 286 -4.73 24.78 -17.26
C PRO C 286 -5.86 24.58 -16.27
N ALA C 287 -7.09 24.33 -16.73
CA ALA C 287 -8.20 24.10 -15.80
C ALA C 287 -7.95 22.88 -14.92
N ALA C 288 -7.39 21.80 -15.48
CA ALA C 288 -7.14 20.62 -14.66
C ALA C 288 -6.22 20.94 -13.48
N ALA C 289 -5.17 21.73 -13.72
CA ALA C 289 -4.27 22.11 -12.64
C ALA C 289 -5.01 22.91 -11.57
N VAL C 290 -5.86 23.84 -11.98
CA VAL C 290 -6.61 24.65 -11.02
C VAL C 290 -7.60 23.80 -10.25
N LEU C 291 -8.33 22.92 -10.93
CA LEU C 291 -9.28 22.07 -10.22
C LEU C 291 -8.58 21.09 -9.29
N TYR C 292 -7.44 20.52 -9.70
CA TYR C 292 -6.70 19.62 -8.82
C TYR C 292 -6.27 20.33 -7.55
N LYS C 293 -5.77 21.57 -7.69
CA LYS C 293 -5.35 22.34 -6.53
C LYS C 293 -6.54 22.62 -5.61
N ALA C 294 -7.65 23.13 -6.17
CA ALA C 294 -8.81 23.44 -5.34
C ALA C 294 -9.35 22.20 -4.65
N HIS C 295 -9.40 21.08 -5.38
CA HIS C 295 -9.92 19.85 -4.79
C HIS C 295 -9.04 19.37 -3.63
N LYS C 296 -7.72 19.40 -3.83
CA LYS C 296 -6.78 19.01 -2.77
C LYS C 296 -6.94 19.88 -1.53
N LEU C 297 -7.12 21.21 -1.72
CA LEU C 297 -7.32 22.10 -0.59
C LEU C 297 -8.59 21.78 0.17
N LEU C 298 -9.69 21.58 -0.56
CA LEU C 298 -10.94 21.27 0.12
C LEU C 298 -10.88 19.91 0.83
N GLU C 299 -10.22 18.90 0.23
CA GLU C 299 -10.06 17.64 0.96
C GLU C 299 -9.30 17.84 2.25
N SER C 300 -8.30 18.73 2.24
CA SER C 300 -7.50 18.94 3.43
C SER C 300 -8.33 19.56 4.55
N LEU C 301 -9.42 20.24 4.19
CA LEU C 301 -10.30 20.83 5.19
C LEU C 301 -11.39 19.86 5.66
N CYS C 302 -11.84 18.95 4.77
CA CYS C 302 -13.09 18.26 4.99
C CYS C 302 -12.93 16.78 5.37
N LEU C 303 -11.77 16.17 5.11
CA LEU C 303 -11.54 14.77 5.43
C LEU C 303 -10.79 14.65 6.74
N THR C 304 -11.09 13.59 7.50
CA THR C 304 -10.25 13.29 8.65
C THR C 304 -8.87 12.81 8.18
N ARG C 305 -7.92 12.82 9.12
CA ARG C 305 -6.57 12.36 8.79
C ARG C 305 -6.58 10.93 8.24
N SER C 306 -7.24 10.00 8.92
CA SER C 306 -7.17 8.61 8.44
C SER C 306 -7.82 8.46 7.06
N THR C 307 -8.93 9.18 6.80
CA THR C 307 -9.52 9.07 5.46
C THR C 307 -8.62 9.69 4.40
N LEU C 308 -8.05 10.87 4.71
CA LEU C 308 -7.13 11.50 3.76
C LEU C 308 -5.96 10.58 3.46
N HIS C 309 -5.37 10.00 4.50
CA HIS C 309 -4.16 9.21 4.26
C HIS C 309 -4.51 7.96 3.46
N LEU C 310 -5.62 7.32 3.78
CA LEU C 310 -5.99 6.11 3.03
C LEU C 310 -6.30 6.46 1.57
N LYS C 311 -7.06 7.53 1.36
CA LYS C 311 -7.39 7.91 -0.01
C LYS C 311 -6.13 8.28 -0.80
N GLN C 312 -5.23 9.08 -0.21
CA GLN C 312 -4.00 9.42 -0.92
C GLN C 312 -3.22 8.16 -1.30
N SER C 313 -3.26 7.11 -0.47
CA SER C 313 -2.51 5.89 -0.75
C SER C 313 -3.10 5.10 -1.91
N LEU C 314 -4.32 5.38 -2.33
CA LEU C 314 -4.93 4.71 -3.46
C LEU C 314 -4.82 5.52 -4.76
N GLN C 315 -4.26 6.74 -4.71
CA GLN C 315 -4.23 7.55 -5.92
C GLN C 315 -3.40 6.90 -7.01
N GLN C 316 -2.24 6.34 -6.64
CA GLN C 316 -1.39 5.70 -7.64
C GLN C 316 -2.12 4.55 -8.31
N THR C 317 -2.81 3.72 -7.51
CA THR C 317 -3.59 2.62 -8.08
C THR C 317 -4.58 3.14 -9.10
N TYR C 318 -5.29 4.21 -8.75
CA TYR C 318 -6.26 4.78 -9.69
C TYR C 318 -5.56 5.32 -10.93
N ALA C 319 -4.45 6.04 -10.74
CA ALA C 319 -3.76 6.63 -11.88
C ALA C 319 -3.27 5.55 -12.84
N ASN C 320 -2.71 4.45 -12.31
CA ASN C 320 -2.18 3.39 -13.17
C ASN C 320 -3.31 2.72 -13.93
N LEU C 321 -4.44 2.54 -13.26
CA LEU C 321 -5.59 1.92 -13.92
C LEU C 321 -6.07 2.77 -15.08
N VAL C 322 -6.19 4.08 -14.88
CA VAL C 322 -6.59 4.97 -15.96
C VAL C 322 -5.55 4.93 -17.09
N TYR C 323 -4.27 5.05 -16.72
CA TYR C 323 -3.19 5.12 -17.72
C TYR C 323 -3.15 3.86 -18.58
N GLU C 324 -3.38 2.71 -17.97
CA GLU C 324 -3.30 1.42 -18.65
C GLU C 324 -4.59 1.06 -19.41
N GLY C 325 -5.61 1.91 -19.36
CA GLY C 325 -6.80 1.64 -20.14
C GLY C 325 -7.80 0.71 -19.46
N ARG C 326 -7.68 0.48 -18.15
CA ARG C 326 -8.50 -0.50 -17.44
C ARG C 326 -9.76 0.13 -16.83
N TRP C 327 -10.29 1.19 -17.46
CA TRP C 327 -11.47 1.89 -16.96
C TRP C 327 -12.67 0.94 -16.78
N PHE C 328 -12.94 0.11 -17.77
CA PHE C 328 -14.09 -0.78 -17.71
C PHE C 328 -13.67 -2.06 -16.99
N SER C 329 -13.64 -1.99 -15.67
CA SER C 329 -13.26 -3.15 -14.86
C SER C 329 -13.96 -3.08 -13.51
N GLN C 330 -14.16 -4.23 -12.89
CA GLN C 330 -14.71 -4.23 -11.54
C GLN C 330 -13.76 -3.54 -10.56
N THR C 331 -12.45 -3.64 -10.79
CA THR C 331 -11.49 -2.95 -9.94
C THR C 331 -11.76 -1.44 -9.92
N LYS C 332 -12.00 -0.85 -11.09
CA LYS C 332 -12.32 0.56 -11.15
C LYS C 332 -13.65 0.84 -10.43
N GLN C 333 -14.65 -0.02 -10.63
CA GLN C 333 -15.93 0.18 -9.94
C GLN C 333 -15.74 0.21 -8.43
N ALA C 334 -14.90 -0.68 -7.90
CA ALA C 334 -14.69 -0.73 -6.45
C ALA C 334 -13.98 0.53 -5.96
N LEU C 335 -12.96 1.00 -6.70
CA LEU C 335 -12.29 2.25 -6.34
C LEU C 335 -13.26 3.43 -6.37
N ASP C 336 -14.12 3.50 -7.38
CA ASP C 336 -15.07 4.58 -7.48
C ASP C 336 -16.02 4.59 -6.28
N ALA C 337 -16.42 3.41 -5.80
CA ALA C 337 -17.32 3.33 -4.65
C ALA C 337 -16.63 3.88 -3.39
N PHE C 338 -15.36 3.51 -3.19
CA PHE C 338 -14.56 4.05 -2.11
C PHE C 338 -14.47 5.57 -2.22
N ILE C 339 -14.08 6.05 -3.40
CA ILE C 339 -13.87 7.49 -3.60
C ILE C 339 -15.15 8.26 -3.34
N ASP C 340 -16.29 7.76 -3.86
CA ASP C 340 -17.54 8.51 -3.71
C ASP C 340 -17.92 8.69 -2.24
N VAL C 341 -17.66 7.71 -1.39
CA VAL C 341 -17.89 7.90 0.05
C VAL C 341 -17.04 9.05 0.58
N THR C 342 -15.74 9.05 0.27
CA THR C 342 -14.85 10.08 0.78
C THR C 342 -15.24 11.47 0.29
N GLN C 343 -15.98 11.58 -0.81
CA GLN C 343 -16.29 12.88 -1.38
C GLN C 343 -17.62 13.44 -0.87
N GLN C 344 -18.32 12.73 0.01
CA GLN C 344 -19.67 13.15 0.40
CA GLN C 344 -19.67 13.15 0.40
C GLN C 344 -19.69 14.55 1.00
N HIS C 345 -18.64 14.94 1.72
CA HIS C 345 -18.61 16.25 2.38
C HIS C 345 -17.59 17.22 1.77
N VAL C 346 -17.05 16.91 0.60
CA VAL C 346 -16.05 17.76 -0.02
C VAL C 346 -16.83 18.84 -0.77
N THR C 347 -17.38 19.78 -0.01
CA THR C 347 -18.35 20.75 -0.47
C THR C 347 -17.97 22.09 0.16
N GLY C 348 -17.84 23.11 -0.66
CA GLY C 348 -17.41 24.39 -0.13
C GLY C 348 -16.84 25.24 -1.25
N CYS C 349 -16.08 26.25 -0.83
CA CYS C 349 -15.70 27.37 -1.69
C CYS C 349 -14.19 27.53 -1.61
N VAL C 350 -13.51 27.59 -2.76
CA VAL C 350 -12.07 27.81 -2.79
C VAL C 350 -11.77 29.03 -3.66
N LYS C 351 -11.07 30.01 -3.10
CA LYS C 351 -10.61 31.18 -3.85
C LYS C 351 -9.13 30.99 -4.19
N LEU C 352 -8.77 31.22 -5.46
CA LEU C 352 -7.38 31.07 -5.87
C LEU C 352 -6.98 32.28 -6.68
N LYS C 353 -5.71 32.66 -6.56
CA LYS C 353 -5.13 33.70 -7.41
C LYS C 353 -4.31 33.04 -8.51
N LEU C 354 -4.61 33.39 -9.76
CA LEU C 354 -3.86 32.92 -10.91
C LEU C 354 -2.89 34.02 -11.34
N PHE C 355 -1.60 33.68 -11.41
CA PHE C 355 -0.62 34.72 -11.61
C PHE C 355 0.72 34.12 -12.02
N LYS C 356 1.17 34.46 -13.23
CA LYS C 356 2.51 34.12 -13.69
C LYS C 356 2.82 32.64 -13.56
N GLY C 357 1.84 31.80 -13.91
CA GLY C 357 1.99 30.35 -13.85
C GLY C 357 1.72 29.73 -12.49
N ASN C 358 1.41 30.53 -11.49
CA ASN C 358 1.15 30.06 -10.13
C ASN C 358 -0.35 30.00 -9.86
N ILE C 359 -0.74 29.04 -9.03
CA ILE C 359 -2.08 28.92 -8.47
C ILE C 359 -1.93 29.14 -6.97
N ILE C 360 -2.33 30.28 -6.48
CA ILE C 360 -2.00 30.74 -5.13
C ILE C 360 -3.26 30.66 -4.28
N PRO C 361 -3.23 29.89 -3.19
CA PRO C 361 -4.38 29.85 -2.29
C PRO C 361 -4.77 31.26 -1.83
N ALA C 362 -6.07 31.55 -1.89
CA ALA C 362 -6.55 32.85 -1.44
C ALA C 362 -7.70 32.70 -0.44
N GLY C 363 -7.84 31.53 0.17
CA GLY C 363 -8.88 31.30 1.16
C GLY C 363 -9.83 30.19 0.76
N MET C 364 -10.33 29.42 1.75
CA MET C 364 -11.34 28.43 1.46
C MET C 364 -12.27 28.29 2.66
N HIS C 365 -13.48 27.79 2.40
CA HIS C 365 -14.38 27.50 3.52
C HIS C 365 -15.34 26.38 3.13
N SER C 366 -15.93 25.77 4.16
CA SER C 366 -16.79 24.63 3.92
C SER C 366 -17.73 24.51 5.11
N PRO C 367 -19.02 24.29 4.89
CA PRO C 367 -19.89 23.98 6.03
C PRO C 367 -19.48 22.70 6.74
N TYR C 368 -18.62 21.87 6.14
CA TYR C 368 -18.15 20.61 6.74
C TYR C 368 -16.68 20.68 7.10
N SER C 369 -16.11 21.88 7.20
CA SER C 369 -14.75 22.01 7.67
C SER C 369 -14.58 21.33 9.02
N LEU C 370 -13.48 20.60 9.16
CA LEU C 370 -13.08 20.02 10.43
C LEU C 370 -12.05 20.87 11.15
N HIS C 371 -11.73 22.04 10.62
CA HIS C 371 -10.79 22.95 11.26
C HIS C 371 -11.56 23.85 12.21
N HIS C 372 -11.12 23.92 13.46
CA HIS C 372 -11.79 24.72 14.47
C HIS C 372 -10.77 25.27 15.47
N ASN C 385 -6.43 19.14 26.45
CA ASN C 385 -5.74 19.71 27.62
C ASN C 385 -4.25 19.38 27.60
N GLN C 386 -3.50 19.97 28.55
CA GLN C 386 -2.09 19.65 28.67
C GLN C 386 -1.87 18.28 29.29
N LYS C 387 -2.82 17.82 30.10
CA LYS C 387 -2.71 16.48 30.67
C LYS C 387 -2.92 15.40 29.63
N ASP C 388 -3.77 15.66 28.63
CA ASP C 388 -3.98 14.66 27.58
C ASP C 388 -2.68 14.37 26.83
N ALA C 389 -1.86 15.40 26.60
CA ALA C 389 -0.69 15.23 25.73
C ALA C 389 0.34 14.29 26.34
N GLU C 390 0.59 14.39 27.65
CA GLU C 390 1.62 13.53 28.23
C GLU C 390 1.23 12.07 28.13
N GLY C 391 -0.05 11.75 28.39
CA GLY C 391 -0.50 10.37 28.23
C GLY C 391 -0.41 9.88 26.81
N PHE C 392 -0.81 10.72 25.85
CA PHE C 392 -0.68 10.31 24.45
C PHE C 392 0.78 10.09 24.08
N ILE C 393 1.65 11.01 24.49
CA ILE C 393 3.08 10.87 24.19
C ILE C 393 3.62 9.57 24.73
N ASN C 394 3.32 9.25 25.99
CA ASN C 394 3.90 8.06 26.62
C ASN C 394 3.44 6.77 25.94
N LEU C 395 2.17 6.68 25.57
CA LEU C 395 1.72 5.45 24.94
C LEU C 395 2.11 5.39 23.46
N PHE C 396 2.07 6.54 22.76
CA PHE C 396 2.54 6.57 21.38
C PHE C 396 4.00 6.14 21.27
N SER C 397 4.81 6.48 22.27
CA SER C 397 6.24 6.19 22.22
CA SER C 397 6.24 6.21 22.24
C SER C 397 6.63 4.97 23.03
N LEU C 398 5.65 4.25 23.61
CA LEU C 398 5.97 3.14 24.48
C LEU C 398 6.74 2.04 23.74
N SER C 399 6.29 1.71 22.54
CA SER C 399 6.97 0.70 21.72
CA SER C 399 6.98 0.67 21.77
C SER C 399 8.44 1.07 21.52
N ALA C 400 8.71 2.35 21.25
CA ALA C 400 10.08 2.79 21.04
C ALA C 400 10.90 2.69 22.32
N LYS C 401 10.28 3.05 23.45
CA LYS C 401 10.98 2.90 24.73
C LYS C 401 11.28 1.43 25.05
N ILE C 402 10.33 0.51 24.80
CA ILE C 402 10.61 -0.90 25.06
CA ILE C 402 10.60 -0.90 25.05
C ILE C 402 11.74 -1.39 24.16
N TYR C 403 11.72 -1.00 22.88
CA TYR C 403 12.74 -1.44 21.94
C TYR C 403 14.13 -0.97 22.38
N SER C 404 14.24 0.30 22.80
CA SER C 404 15.55 0.82 23.18
CA SER C 404 15.54 0.82 23.19
C SER C 404 16.04 0.23 24.51
N GLN C 405 15.12 -0.19 25.38
CA GLN C 405 15.57 -0.89 26.58
C GLN C 405 16.11 -2.29 26.24
N VAL C 406 15.49 -2.96 25.26
CA VAL C 406 15.97 -4.28 24.87
C VAL C 406 17.32 -4.17 24.16
N HIS C 407 17.41 -3.24 23.23
CA HIS C 407 18.65 -2.98 22.47
C HIS C 407 19.39 -1.80 23.11
N GLN C 408 19.83 -2.04 24.35
CA GLN C 408 20.40 -0.98 25.18
C GLN C 408 21.72 -0.50 24.58
N GLY C 409 21.81 0.80 24.33
CA GLY C 409 22.98 1.38 23.72
C GLY C 409 22.97 1.39 22.21
N GLY C 410 21.94 0.78 21.60
CA GLY C 410 21.92 0.68 20.15
C GLY C 410 21.65 2.02 19.48
N ASN C 411 22.19 2.15 18.27
CA ASN C 411 21.94 3.31 17.43
C ASN C 411 20.88 2.97 16.40
N TYR C 412 20.49 3.98 15.60
CA TYR C 412 19.54 3.81 14.51
C TYR C 412 20.14 4.26 13.20
N ASP C 413 21.45 4.01 13.05
CA ASP C 413 22.20 4.43 11.87
C ASP C 413 21.99 3.48 10.70
N VAL D 12 16.64 11.10 42.04
CA VAL D 12 17.24 12.29 42.63
C VAL D 12 17.74 13.23 41.54
N ILE D 13 16.88 14.16 41.10
CA ILE D 13 17.23 15.08 40.01
C ILE D 13 18.23 16.12 40.51
N LYS D 14 19.52 15.87 40.29
CA LYS D 14 20.55 16.84 40.63
C LYS D 14 20.96 17.69 39.45
N LYS D 15 20.71 17.25 38.22
CA LYS D 15 21.29 17.90 37.05
C LYS D 15 20.39 17.67 35.85
N ILE D 16 20.07 18.75 35.13
CA ILE D 16 19.11 18.73 34.03
C ILE D 16 19.76 19.36 32.81
N ALA D 17 19.62 18.72 31.66
CA ALA D 17 20.00 19.33 30.39
C ALA D 17 18.77 19.84 29.66
N LEU D 18 18.80 21.12 29.27
CA LEU D 18 17.65 21.79 28.65
C LEU D 18 17.99 22.17 27.21
N ALA D 19 17.13 21.73 26.28
CA ALA D 19 17.20 22.19 24.90
C ALA D 19 16.75 23.65 24.87
N TYR D 20 17.69 24.54 24.61
CA TYR D 20 17.54 25.97 24.88
C TYR D 20 17.61 26.73 23.58
N SER D 21 16.55 27.45 23.23
CA SER D 21 16.48 28.13 21.96
C SER D 21 16.76 29.62 22.05
N GLY D 22 16.78 30.18 23.26
CA GLY D 22 17.04 31.58 23.42
C GLY D 22 15.82 32.45 23.56
N GLY D 23 14.63 31.91 23.32
CA GLY D 23 13.43 32.70 23.52
C GLY D 23 13.18 33.02 24.99
N LEU D 24 12.13 33.81 25.23
CA LEU D 24 11.73 34.13 26.59
C LEU D 24 11.37 32.85 27.36
N ASP D 25 10.69 31.91 26.72
CA ASP D 25 10.14 30.75 27.40
C ASP D 25 11.24 29.84 27.93
N THR D 26 12.19 29.42 27.08
CA THR D 26 13.24 28.58 27.62
C THR D 26 14.14 29.34 28.58
N SER D 27 14.22 30.67 28.44
CA SER D 27 14.98 31.43 29.43
C SER D 27 14.37 31.30 30.82
N ILE D 28 13.04 31.47 30.94
CA ILE D 28 12.44 31.40 32.27
C ILE D 28 12.38 29.95 32.77
N MET D 29 12.49 28.95 31.89
CA MET D 29 12.52 27.58 32.38
C MET D 29 13.78 27.26 33.18
N ILE D 30 14.88 27.99 32.98
CA ILE D 30 16.07 27.73 33.77
C ILE D 30 15.78 28.01 35.24
N PRO D 31 15.33 29.22 35.64
CA PRO D 31 14.98 29.40 37.06
C PRO D 31 13.82 28.53 37.50
N TRP D 32 12.84 28.28 36.63
CA TRP D 32 11.73 27.42 37.00
C TRP D 32 12.22 26.02 37.33
N LEU D 33 13.10 25.46 36.48
CA LEU D 33 13.65 24.14 36.76
C LEU D 33 14.43 24.13 38.08
N LYS D 34 15.21 25.18 38.33
CA LYS D 34 15.98 25.25 39.57
C LYS D 34 15.07 25.43 40.77
N GLU D 35 13.89 26.04 40.59
CA GLU D 35 12.93 26.18 41.67
C GLU D 35 12.24 24.85 41.99
N HIS D 36 11.86 24.09 40.96
CA HIS D 36 11.03 22.91 41.19
C HIS D 36 11.84 21.64 41.41
N TYR D 37 13.16 21.67 41.18
CA TYR D 37 14.07 20.58 41.50
C TYR D 37 15.18 21.19 42.35
N GLU D 38 14.96 21.19 43.67
CA GLU D 38 15.84 21.90 44.59
C GLU D 38 17.30 21.56 44.36
N HIS D 39 18.13 22.60 44.27
CA HIS D 39 19.58 22.45 44.08
C HIS D 39 19.92 21.72 42.79
N ALA D 40 19.05 21.77 41.78
CA ALA D 40 19.37 21.18 40.50
C ALA D 40 20.18 22.16 39.66
N GLU D 41 21.28 21.67 39.12
CA GLU D 41 22.06 22.39 38.13
C GLU D 41 21.44 22.20 36.74
N VAL D 42 21.42 23.28 35.95
CA VAL D 42 20.83 23.23 34.61
C VAL D 42 21.91 23.53 33.60
N ILE D 43 22.05 22.66 32.59
CA ILE D 43 22.96 22.86 31.46
CA ILE D 43 22.96 22.95 31.48
C ILE D 43 22.12 23.15 30.24
N ALA D 44 22.49 24.17 29.46
CA ALA D 44 21.75 24.50 28.24
C ALA D 44 22.43 23.89 27.03
N VAL D 45 21.64 23.37 26.11
CA VAL D 45 22.12 22.83 24.84
C VAL D 45 21.46 23.65 23.72
N ILE D 46 22.29 24.28 22.89
CA ILE D 46 21.86 25.19 21.83
C ILE D 46 22.39 24.66 20.51
N CYS D 47 21.49 24.36 19.57
CA CYS D 47 21.87 23.84 18.27
C CYS D 47 21.86 24.96 17.23
N ASP D 48 22.92 25.04 16.44
CA ASP D 48 22.91 25.86 15.23
C ASP D 48 22.37 25.00 14.09
N LEU D 49 21.13 25.31 13.68
CA LEU D 49 20.47 24.63 12.57
C LEU D 49 20.32 25.54 11.37
N GLY D 50 20.86 26.75 11.41
CA GLY D 50 20.64 27.74 10.37
C GLY D 50 19.50 28.70 10.67
N GLN D 51 19.13 28.87 11.94
CA GLN D 51 18.08 29.81 12.28
C GLN D 51 18.55 31.26 12.17
N GLN D 52 19.84 31.47 11.89
CA GLN D 52 20.41 32.79 11.63
C GLN D 52 20.17 33.75 12.79
N GLU D 53 20.42 33.27 14.00
CA GLU D 53 20.39 34.11 15.18
C GLU D 53 21.80 34.21 15.76
N ASP D 54 21.95 35.15 16.69
CA ASP D 54 23.24 35.36 17.36
C ASP D 54 23.37 34.32 18.46
N LEU D 55 24.14 33.28 18.19
CA LEU D 55 24.23 32.18 19.15
C LEU D 55 25.13 32.51 20.34
N ASP D 56 26.12 33.39 20.14
CA ASP D 56 26.88 33.89 21.28
C ASP D 56 25.97 34.58 22.29
N ALA D 57 25.05 35.42 21.80
CA ALA D 57 24.12 36.10 22.69
C ALA D 57 23.20 35.12 23.38
N ILE D 58 22.75 34.08 22.66
CA ILE D 58 21.91 33.06 23.26
C ILE D 58 22.68 32.30 24.32
N LYS D 59 23.94 31.97 24.03
CA LYS D 59 24.78 31.28 25.01
C LYS D 59 24.92 32.12 26.27
N ASN D 60 25.25 33.40 26.11
CA ASN D 60 25.42 34.28 27.26
C ASN D 60 24.11 34.46 28.01
N LYS D 61 22.99 34.51 27.28
CA LYS D 61 21.70 34.65 27.94
C LYS D 61 21.38 33.43 28.80
N ALA D 62 21.69 32.23 28.30
CA ALA D 62 21.51 31.02 29.10
C ALA D 62 22.33 31.08 30.39
N LEU D 63 23.59 31.50 30.28
CA LEU D 63 24.42 31.60 31.48
C LEU D 63 23.90 32.67 32.43
N LYS D 64 23.54 33.83 31.89
CA LYS D 64 23.01 34.89 32.74
C LYS D 64 21.68 34.47 33.36
N SER D 65 20.92 33.61 32.69
CA SER D 65 19.66 33.13 33.21
C SER D 65 19.82 32.08 34.30
N GLY D 66 21.03 31.56 34.51
CA GLY D 66 21.27 30.59 35.58
C GLY D 66 21.84 29.24 35.15
N ALA D 67 22.06 28.96 33.87
CA ALA D 67 22.67 27.70 33.47
C ALA D 67 24.12 27.63 33.94
N SER D 68 24.55 26.46 34.40
CA SER D 68 25.95 26.35 34.80
C SER D 68 26.88 26.29 33.60
N LYS D 69 26.38 25.73 32.49
CA LYS D 69 27.09 25.58 31.23
C LYS D 69 26.09 25.79 30.11
N ALA D 70 26.60 26.25 28.97
CA ALA D 70 25.75 26.47 27.79
C ALA D 70 26.54 25.97 26.58
N TYR D 71 26.17 24.79 26.07
CA TYR D 71 26.81 24.24 24.91
C TYR D 71 26.17 24.81 23.65
N VAL D 72 26.99 25.29 22.70
CA VAL D 72 26.50 25.61 21.36
C VAL D 72 27.10 24.60 20.40
N VAL D 73 26.26 23.84 19.71
CA VAL D 73 26.73 22.83 18.77
CA VAL D 73 26.68 22.80 18.78
C VAL D 73 26.30 23.23 17.37
N ASP D 74 27.29 23.39 16.50
CA ASP D 74 27.02 23.68 15.10
C ASP D 74 26.67 22.36 14.42
N VAL D 75 25.39 22.17 14.09
CA VAL D 75 24.94 20.91 13.50
C VAL D 75 24.44 21.10 12.06
N LYS D 76 24.81 22.20 11.39
CA LYS D 76 24.28 22.47 10.06
C LYS D 76 24.70 21.39 9.08
N ASN D 77 25.98 21.02 9.07
CA ASN D 77 26.42 20.00 8.13
C ASN D 77 25.85 18.62 8.48
N GLU D 78 25.78 18.29 9.77
CA GLU D 78 25.16 17.04 10.18
C GLU D 78 23.67 17.00 9.80
N PHE D 79 22.98 18.13 10.01
CA PHE D 79 21.57 18.23 9.59
C PHE D 79 21.43 17.98 8.08
N ALA D 80 22.25 18.65 7.27
CA ALA D 80 22.10 18.50 5.82
C ALA D 80 22.41 17.08 5.37
N THR D 81 23.52 16.51 5.84
CA THR D 81 23.96 15.21 5.31
C THR D 81 23.22 14.03 5.93
N GLN D 82 22.82 14.12 7.20
CA GLN D 82 22.22 12.97 7.87
CA GLN D 82 22.22 12.95 7.85
C GLN D 82 20.70 13.04 7.93
N TYR D 83 20.11 14.19 7.63
CA TYR D 83 18.66 14.35 7.70
C TYR D 83 18.10 14.83 6.37
N LEU D 84 18.56 15.98 5.87
CA LEU D 84 17.97 16.53 4.67
C LEU D 84 18.29 15.70 3.43
N TRP D 85 19.51 15.16 3.34
CA TRP D 85 19.84 14.33 2.17
C TRP D 85 19.00 13.06 2.13
N PRO D 86 18.84 12.30 3.22
CA PRO D 86 17.91 11.16 3.17
C PRO D 86 16.49 11.59 2.83
N LEU D 87 16.06 12.77 3.30
CA LEU D 87 14.72 13.24 2.98
C LEU D 87 14.60 13.53 1.48
N VAL D 88 15.58 14.23 0.91
CA VAL D 88 15.61 14.45 -0.54
C VAL D 88 15.52 13.13 -1.29
N LYS D 89 16.31 12.15 -0.85
CA LYS D 89 16.30 10.86 -1.53
C LYS D 89 14.92 10.19 -1.43
N SER D 90 14.20 10.39 -0.31
CA SER D 90 12.91 9.75 -0.16
C SER D 90 11.85 10.34 -1.08
N GLY D 91 11.98 11.63 -1.41
CA GLY D 91 10.98 12.38 -2.14
C GLY D 91 9.69 12.60 -1.39
N ALA D 92 9.70 12.45 -0.07
CA ALA D 92 8.49 12.42 0.73
C ALA D 92 7.98 13.84 1.01
N LEU D 93 6.67 14.01 0.88
CA LEU D 93 5.97 15.22 1.29
C LEU D 93 4.82 14.80 2.17
N TYR D 94 4.71 15.39 3.35
CA TYR D 94 3.62 15.01 4.24
C TYR D 94 2.28 15.49 3.68
N GLU D 95 1.32 14.55 3.56
CA GLU D 95 -0.01 14.79 2.96
C GLU D 95 0.11 15.44 1.59
N ASP D 96 1.19 15.10 0.89
CA ASP D 96 1.47 15.54 -0.48
C ASP D 96 1.70 17.04 -0.57
N GLN D 97 2.05 17.71 0.54
CA GLN D 97 2.25 19.18 0.51
C GLN D 97 3.41 19.68 1.35
N TYR D 98 3.75 19.06 2.48
CA TYR D 98 4.59 19.67 3.49
C TYR D 98 6.01 19.12 3.44
N ILE D 99 6.97 20.05 3.39
CA ILE D 99 8.40 19.81 3.21
C ILE D 99 9.12 19.36 4.48
N LEU D 100 8.39 19.22 5.61
CA LEU D 100 8.89 18.50 6.79
C LEU D 100 10.13 19.15 7.42
N GLY D 101 10.12 20.48 7.54
CA GLY D 101 11.21 21.18 8.19
C GLY D 101 11.44 20.78 9.65
N THR D 102 10.42 20.25 10.31
CA THR D 102 10.60 19.78 11.69
C THR D 102 11.32 18.43 11.77
N ILE D 103 11.88 17.96 10.65
CA ILE D 103 12.89 16.92 10.69
C ILE D 103 14.07 17.30 11.58
N SER D 104 14.18 18.58 11.96
CA SER D 104 15.24 19.02 12.87
C SER D 104 15.05 18.53 14.30
N ARG D 105 13.81 18.26 14.71
CA ARG D 105 13.55 17.90 16.11
C ARG D 105 14.31 16.67 16.59
N PRO D 106 14.36 15.55 15.85
CA PRO D 106 15.17 14.42 16.34
C PRO D 106 16.64 14.75 16.43
N LEU D 107 17.15 15.61 15.55
CA LEU D 107 18.55 16.01 15.66
C LEU D 107 18.78 16.83 16.93
N ILE D 108 17.87 17.78 17.24
CA ILE D 108 17.99 18.51 18.50
C ILE D 108 18.01 17.52 19.67
N ALA D 109 17.07 16.56 19.64
CA ALA D 109 16.99 15.55 20.70
C ALA D 109 18.28 14.73 20.78
N GLN D 110 18.84 14.36 19.62
CA GLN D 110 20.08 13.58 19.62
CA GLN D 110 20.07 13.57 19.66
C GLN D 110 21.22 14.34 20.29
N LYS D 111 21.35 15.65 19.98
CA LYS D 111 22.43 16.42 20.60
C LYS D 111 22.20 16.63 22.10
N LEU D 112 20.95 16.87 22.49
CA LEU D 112 20.60 16.98 23.90
C LEU D 112 20.97 15.71 24.67
N VAL D 113 20.64 14.55 24.11
CA VAL D 113 20.92 13.27 24.76
C VAL D 113 22.42 13.00 24.79
N GLU D 114 23.13 13.27 23.70
CA GLU D 114 24.57 13.05 23.68
C GLU D 114 25.25 13.84 24.79
N ILE D 115 24.92 15.12 24.90
CA ILE D 115 25.55 15.98 25.89
C ILE D 115 25.09 15.58 27.29
N ALA D 116 23.81 15.23 27.44
CA ALA D 116 23.29 14.76 28.72
C ALA D 116 24.10 13.56 29.23
N LEU D 117 24.44 12.62 28.34
CA LEU D 117 25.16 11.43 28.79
C LEU D 117 26.61 11.75 29.14
N THR D 118 27.23 12.77 28.53
CA THR D 118 28.58 13.12 28.95
C THR D 118 28.60 13.98 30.20
N GLU D 119 27.44 14.50 30.63
CA GLU D 119 27.34 15.39 31.76
C GLU D 119 26.67 14.75 32.96
N GLN D 120 26.37 13.45 32.88
CA GLN D 120 25.81 12.70 34.00
C GLN D 120 24.53 13.34 34.51
N VAL D 121 23.70 13.82 33.60
CA VAL D 121 22.45 14.46 34.02
C VAL D 121 21.40 13.40 34.31
N ASN D 122 20.47 13.75 35.19
CA ASN D 122 19.38 12.87 35.57
C ASN D 122 18.17 13.02 34.65
N ALA D 123 18.02 14.18 34.03
CA ALA D 123 16.79 14.46 33.30
C ALA D 123 17.11 15.44 32.18
N VAL D 124 16.33 15.37 31.11
CA VAL D 124 16.42 16.35 30.04
C VAL D 124 15.08 17.08 29.95
N ALA D 125 15.12 18.32 29.44
CA ALA D 125 13.95 19.16 29.37
C ALA D 125 13.91 19.85 28.02
N HIS D 126 12.71 20.21 27.59
CA HIS D 126 12.54 20.96 26.36
C HIS D 126 11.37 21.92 26.57
N GLY D 127 11.28 22.92 25.69
CA GLY D 127 10.26 23.94 25.84
C GLY D 127 9.11 23.86 24.85
N ALA D 128 8.92 22.71 24.21
CA ALA D 128 7.81 22.56 23.30
C ALA D 128 6.48 22.65 24.05
N THR D 129 5.47 23.24 23.41
CA THR D 129 4.20 23.46 24.09
C THR D 129 3.41 22.17 24.20
N GLY D 130 2.44 22.17 25.10
CA GLY D 130 1.56 21.05 25.37
C GLY D 130 0.49 20.80 24.33
N LYS D 131 0.46 21.58 23.25
CA LYS D 131 -0.59 21.44 22.24
C LYS D 131 -0.10 21.08 20.85
N GLY D 132 1.21 21.07 20.59
CA GLY D 132 1.73 20.85 19.26
C GLY D 132 2.29 19.45 19.05
N ASN D 133 2.98 19.31 17.92
CA ASN D 133 3.64 18.06 17.54
C ASN D 133 5.04 17.93 18.10
N ASP D 134 5.72 19.06 18.33
CA ASP D 134 7.15 18.99 18.65
C ASP D 134 7.39 18.24 19.95
N GLN D 135 6.47 18.31 20.91
CA GLN D 135 6.67 17.56 22.15
C GLN D 135 6.75 16.06 21.86
N VAL D 136 5.92 15.57 20.94
CA VAL D 136 5.97 14.15 20.56
C VAL D 136 7.30 13.83 19.90
N ARG D 137 7.73 14.67 18.97
CA ARG D 137 8.99 14.44 18.28
C ARG D 137 10.15 14.37 19.26
N PHE D 138 10.23 15.34 20.17
CA PHE D 138 11.32 15.35 21.15
C PHE D 138 11.29 14.10 22.02
N GLU D 139 10.11 13.75 22.52
CA GLU D 139 10.06 12.72 23.55
C GLU D 139 10.10 11.30 22.98
N TYR D 140 9.53 11.07 21.79
CA TYR D 140 9.79 9.80 21.11
C TYR D 140 11.29 9.61 20.88
N SER D 141 11.96 10.66 20.40
CA SER D 141 13.40 10.56 20.14
C SER D 141 14.18 10.28 21.41
N ILE D 142 13.87 11.00 22.48
CA ILE D 142 14.63 10.81 23.71
C ILE D 142 14.45 9.39 24.22
N LYS D 143 13.22 8.87 24.16
CA LYS D 143 12.98 7.51 24.63
C LYS D 143 13.69 6.47 23.75
N ALA D 144 13.77 6.73 22.45
CA ALA D 144 14.45 5.84 21.53
C ALA D 144 15.95 5.85 21.77
N LEU D 145 16.52 6.98 22.17
CA LEU D 145 17.97 7.11 22.37
C LEU D 145 18.42 6.81 23.79
N ALA D 146 17.60 7.11 24.79
CA ALA D 146 18.01 7.01 26.19
C ALA D 146 16.76 6.79 27.04
N PRO D 147 16.20 5.58 27.00
CA PRO D 147 14.95 5.33 27.73
C PRO D 147 15.07 5.56 29.23
N GLN D 148 16.28 5.60 29.78
CA GLN D 148 16.49 5.77 31.21
C GLN D 148 16.41 7.23 31.65
N LEU D 149 16.42 8.19 30.73
CA LEU D 149 16.43 9.60 31.12
C LEU D 149 15.02 10.09 31.40
N GLU D 150 14.85 10.77 32.52
CA GLU D 150 13.57 11.41 32.78
C GLU D 150 13.42 12.60 31.85
N ILE D 151 12.18 12.86 31.42
CA ILE D 151 11.88 13.99 30.55
C ILE D 151 11.02 14.99 31.33
N ILE D 152 11.34 16.27 31.21
CA ILE D 152 10.63 17.34 31.89
C ILE D 152 10.16 18.32 30.81
N ALA D 153 8.85 18.57 30.75
CA ALA D 153 8.28 19.51 29.79
C ALA D 153 7.55 20.58 30.59
N PRO D 154 8.22 21.69 30.91
CA PRO D 154 7.58 22.70 31.79
C PRO D 154 6.24 23.21 31.29
N TRP D 155 6.04 23.35 29.97
CA TRP D 155 4.74 23.83 29.49
C TRP D 155 3.59 22.91 29.89
N ARG D 156 3.87 21.65 30.21
CA ARG D 156 2.82 20.74 30.64
C ARG D 156 2.63 20.74 32.16
N THR D 157 3.51 21.40 32.91
CA THR D 157 3.53 21.34 34.36
C THR D 157 3.21 22.67 35.02
N TRP D 158 3.84 23.76 34.56
CA TRP D 158 3.86 25.01 35.29
C TRP D 158 2.53 25.77 35.13
N ASP D 159 2.39 26.88 35.86
CA ASP D 159 1.18 27.69 35.82
C ASP D 159 1.29 28.89 34.90
N ILE D 160 2.43 29.09 34.23
CA ILE D 160 2.48 30.13 33.22
C ILE D 160 1.54 29.75 32.09
N LYS D 161 0.57 30.62 31.79
CA LYS D 161 -0.43 30.35 30.78
C LYS D 161 -0.36 31.30 29.58
N SER D 162 0.24 32.47 29.72
CA SER D 162 0.27 33.47 28.66
C SER D 162 1.65 34.08 28.55
N ARG D 163 1.88 34.83 27.47
CA ARG D 163 3.14 35.57 27.34
C ARG D 163 3.24 36.65 28.42
N GLN D 164 2.12 37.32 28.74
CA GLN D 164 2.14 38.31 29.81
C GLN D 164 2.55 37.68 31.13
N GLU D 165 2.08 36.47 31.41
CA GLU D 165 2.47 35.79 32.63
C GLU D 165 3.95 35.41 32.60
N ALA D 166 4.44 34.94 31.45
CA ALA D 166 5.86 34.63 31.32
C ALA D 166 6.72 35.87 31.56
N ILE D 167 6.24 37.04 31.11
CA ILE D 167 6.98 38.27 31.29
C ILE D 167 7.02 38.66 32.76
N VAL D 168 5.87 38.59 33.44
CA VAL D 168 5.83 38.83 34.88
C VAL D 168 6.83 37.93 35.60
N TYR D 169 6.82 36.63 35.28
CA TYR D 169 7.71 35.68 35.93
C TYR D 169 9.18 36.01 35.62
N ALA D 170 9.48 36.33 34.36
CA ALA D 170 10.83 36.70 33.96
C ALA D 170 11.35 37.87 34.79
N LYS D 171 10.56 38.94 34.91
CA LYS D 171 10.99 40.09 35.70
C LYS D 171 11.19 39.71 37.15
N ALA D 172 10.34 38.82 37.69
CA ALA D 172 10.49 38.41 39.07
C ALA D 172 11.76 37.61 39.29
N HIS D 173 12.39 37.09 38.24
CA HIS D 173 13.58 36.26 38.38
C HIS D 173 14.78 36.86 37.67
N GLY D 174 14.79 38.18 37.48
CA GLY D 174 15.95 38.87 36.96
C GLY D 174 16.27 38.59 35.51
N ILE D 175 15.31 38.09 34.75
CA ILE D 175 15.47 37.82 33.33
C ILE D 175 14.96 39.03 32.55
N GLU D 176 15.83 39.59 31.72
CA GLU D 176 15.50 40.82 31.00
C GLU D 176 14.37 40.58 30.00
N VAL D 177 13.35 41.43 30.07
CA VAL D 177 12.25 41.40 29.12
C VAL D 177 12.05 42.82 28.59
N PRO D 178 12.72 43.19 27.51
CA PRO D 178 12.51 44.51 26.93
C PRO D 178 11.19 44.57 26.16
N VAL D 179 10.69 45.80 25.99
CA VAL D 179 9.48 45.96 25.18
C VAL D 179 9.83 45.73 23.71
N THR D 180 9.16 44.76 23.11
CA THR D 180 8.98 44.64 21.67
C THR D 180 7.67 43.89 21.54
N PRO D 181 6.83 44.24 20.57
CA PRO D 181 5.50 43.63 20.50
C PRO D 181 5.60 42.12 20.32
N LYS D 182 4.51 41.44 20.67
CA LYS D 182 4.40 40.01 20.40
C LYS D 182 4.50 39.76 18.90
N ALA D 183 5.34 38.80 18.52
CA ALA D 183 5.39 38.35 17.14
C ALA D 183 3.98 38.02 16.67
N PRO D 184 3.57 38.46 15.48
CA PRO D 184 2.24 38.07 14.99
C PRO D 184 2.13 36.59 14.64
N TYR D 185 3.24 35.89 14.43
CA TYR D 185 3.21 34.49 14.01
C TYR D 185 4.23 33.68 14.78
N SER D 186 3.89 32.41 15.01
CA SER D 186 4.83 31.47 15.60
C SER D 186 5.70 30.90 14.50
N ARG D 187 7.02 31.07 14.60
CA ARG D 187 7.90 30.73 13.50
C ARG D 187 8.97 29.72 13.89
N ASP D 188 9.41 28.96 12.89
CA ASP D 188 10.56 28.09 13.03
C ASP D 188 11.42 28.30 11.80
N HIS D 189 12.74 28.28 11.96
CA HIS D 189 13.65 28.63 10.87
C HIS D 189 14.87 27.73 10.95
N ASN D 190 15.19 27.02 9.87
CA ASN D 190 16.49 26.35 9.77
C ASN D 190 16.95 26.45 8.31
N ILE D 191 18.08 25.82 7.98
CA ILE D 191 18.64 25.94 6.64
CA ILE D 191 18.64 25.95 6.62
C ILE D 191 17.67 25.43 5.56
N TRP D 192 16.72 24.57 5.95
CA TRP D 192 15.80 23.92 5.02
C TRP D 192 14.51 24.69 4.79
N TYR D 193 13.96 25.36 5.81
CA TYR D 193 12.64 25.97 5.66
C TYR D 193 12.45 27.11 6.65
N ILE D 194 11.35 27.85 6.45
CA ILE D 194 10.76 28.71 7.48
C ILE D 194 9.29 28.36 7.58
N SER D 195 8.79 28.18 8.79
CA SER D 195 7.39 27.90 9.03
CA SER D 195 7.38 27.90 9.02
C SER D 195 6.75 29.07 9.76
N HIS D 196 5.48 29.34 9.43
CA HIS D 196 4.71 30.38 10.07
C HIS D 196 3.33 29.82 10.40
N GLU D 197 2.89 29.95 11.64
CA GLU D 197 1.53 29.56 11.95
C GLU D 197 1.01 30.44 13.07
N GLY D 198 -0.28 30.28 13.39
CA GLY D 198 -0.88 30.99 14.51
C GLY D 198 -1.37 32.39 14.16
N GLY D 199 -1.95 33.05 15.14
CA GLY D 199 -2.49 34.39 14.86
C GLY D 199 -3.58 34.33 13.82
N VAL D 200 -3.58 35.32 12.93
CA VAL D 200 -4.60 35.40 11.88
C VAL D 200 -4.44 34.31 10.84
N LEU D 201 -3.29 33.64 10.82
CA LEU D 201 -3.13 32.50 9.91
C LEU D 201 -4.06 31.35 10.28
N GLU D 202 -4.56 31.32 11.53
CA GLU D 202 -5.40 30.21 11.99
CA GLU D 202 -5.33 30.11 11.85
C GLU D 202 -6.71 30.11 11.21
N ASP D 203 -7.08 31.16 10.49
CA ASP D 203 -8.36 31.16 9.77
C ASP D 203 -8.13 30.80 8.31
N PRO D 204 -8.46 29.59 7.86
CA PRO D 204 -8.18 29.21 6.46
C PRO D 204 -9.00 29.96 5.41
N SER D 205 -10.03 30.70 5.80
CA SER D 205 -10.81 31.45 4.83
C SER D 205 -10.11 32.73 4.38
N GLN D 206 -9.01 33.11 5.01
CA GLN D 206 -8.31 34.36 4.71
C GLN D 206 -7.05 34.08 3.91
N GLU D 207 -6.73 34.96 2.97
CA GLU D 207 -5.49 34.70 2.26
C GLU D 207 -4.31 35.03 3.15
N MET D 208 -3.14 34.58 2.71
CA MET D 208 -1.92 34.86 3.44
C MET D 208 -1.71 36.37 3.53
N PRO D 209 -1.52 36.94 4.73
CA PRO D 209 -1.20 38.36 4.83
C PRO D 209 0.14 38.69 4.19
N ASN D 210 0.35 39.97 3.90
CA ASN D 210 1.52 40.32 3.09
C ASN D 210 2.79 40.48 3.92
N ASP D 211 2.74 40.32 5.25
CA ASP D 211 3.91 40.44 6.10
C ASP D 211 4.40 39.08 6.62
N VAL D 212 4.02 37.98 5.98
CA VAL D 212 4.38 36.66 6.49
C VAL D 212 5.77 36.26 6.01
N LEU D 213 6.02 36.39 4.70
CA LEU D 213 7.20 35.79 4.08
C LEU D 213 8.49 36.51 4.51
N LEU D 214 9.54 35.72 4.76
CA LEU D 214 10.80 36.27 5.26
C LEU D 214 11.99 35.99 4.36
N MET D 215 11.97 34.95 3.54
CA MET D 215 13.10 34.61 2.69
C MET D 215 12.70 34.42 1.24
N THR D 216 11.44 34.65 0.90
CA THR D 216 10.94 34.36 -0.44
C THR D 216 10.25 35.60 -0.97
N ALA D 217 10.65 36.05 -2.15
CA ALA D 217 10.07 37.26 -2.72
C ALA D 217 8.63 36.98 -3.16
N PRO D 218 7.68 37.85 -2.84
CA PRO D 218 6.38 37.75 -3.51
C PRO D 218 6.56 37.77 -5.02
N VAL D 219 5.71 37.02 -5.73
CA VAL D 219 5.91 36.84 -7.18
C VAL D 219 5.89 38.16 -7.93
N SER D 220 5.08 39.12 -7.47
CA SER D 220 4.97 40.39 -8.17
C SER D 220 6.26 41.20 -8.18
N GLN D 221 7.23 40.89 -7.30
CA GLN D 221 8.49 41.63 -7.31
C GLN D 221 9.67 40.80 -7.80
N THR D 222 9.43 39.61 -8.36
CA THR D 222 10.51 38.76 -8.81
C THR D 222 11.12 39.27 -10.12
N PRO D 223 12.35 38.86 -10.42
CA PRO D 223 13.01 39.34 -11.63
C PRO D 223 12.19 39.02 -12.89
N ASP D 224 12.30 39.89 -13.88
CA ASP D 224 11.66 39.67 -15.17
C ASP D 224 12.49 38.79 -16.10
N GLU D 225 13.72 38.47 -15.75
CA GLU D 225 14.54 37.55 -16.52
C GLU D 225 14.67 36.24 -15.73
N GLU D 226 14.45 35.11 -16.39
CA GLU D 226 14.63 33.81 -15.77
C GLU D 226 16.09 33.59 -15.43
N GLU D 227 16.35 32.66 -14.51
CA GLU D 227 17.71 32.30 -14.13
C GLU D 227 17.88 30.79 -14.29
N VAL D 228 18.92 30.39 -15.01
CA VAL D 228 19.21 28.98 -15.22
C VAL D 228 20.08 28.50 -14.08
N VAL D 229 19.71 27.38 -13.46
CA VAL D 229 20.58 26.68 -12.52
C VAL D 229 20.83 25.29 -13.06
N VAL D 230 22.04 24.79 -12.85
CA VAL D 230 22.46 23.47 -13.29
C VAL D 230 22.86 22.69 -12.05
N LEU D 231 22.14 21.61 -11.77
CA LEU D 231 22.38 20.81 -10.58
C LEU D 231 22.92 19.45 -11.00
N ASP D 232 24.07 19.08 -10.44
CA ASP D 232 24.62 17.74 -10.62
C ASP D 232 24.30 16.93 -9.38
N PHE D 233 23.78 15.73 -9.58
CA PHE D 233 23.44 14.79 -8.51
C PHE D 233 24.36 13.58 -8.60
N LYS D 234 24.69 13.00 -7.45
CA LYS D 234 25.34 11.70 -7.38
C LYS D 234 24.60 10.87 -6.34
N LYS D 235 24.14 9.70 -6.75
CA LYS D 235 23.37 8.80 -5.88
C LYS D 235 22.25 9.51 -5.13
N GLY D 236 21.50 10.35 -5.84
CA GLY D 236 20.28 10.93 -5.33
C GLY D 236 20.43 12.26 -4.61
N VAL D 237 21.65 12.75 -4.38
CA VAL D 237 21.81 14.02 -3.68
C VAL D 237 22.63 14.99 -4.53
N PRO D 238 22.41 16.30 -4.37
CA PRO D 238 23.12 17.26 -5.22
C PRO D 238 24.54 17.50 -4.72
N VAL D 239 25.48 17.53 -5.65
CA VAL D 239 26.89 17.73 -5.31
C VAL D 239 27.47 18.99 -5.93
N ALA D 240 26.80 19.59 -6.91
CA ALA D 240 27.36 20.78 -7.55
C ALA D 240 26.22 21.67 -8.04
N LEU D 241 26.51 22.96 -8.08
CA LEU D 241 25.56 23.96 -8.57
C LEU D 241 26.30 24.85 -9.56
N ASN D 242 25.73 24.97 -10.77
CA ASN D 242 26.35 25.77 -11.85
C ASN D 242 27.81 25.39 -12.06
N GLY D 243 28.10 24.10 -11.96
CA GLY D 243 29.43 23.61 -12.25
C GLY D 243 30.41 23.68 -11.10
N GLN D 244 29.99 24.16 -9.94
CA GLN D 244 30.86 24.31 -8.79
C GLN D 244 30.50 23.24 -7.76
N GLU D 245 31.47 22.41 -7.39
CA GLU D 245 31.26 21.53 -6.25
C GLU D 245 31.06 22.38 -5.01
N LEU D 246 30.01 22.07 -4.26
CA LEU D 246 29.68 22.81 -3.04
C LEU D 246 29.28 21.81 -1.96
N SER D 247 29.64 22.15 -0.72
CA SER D 247 29.15 21.38 0.41
C SER D 247 27.63 21.49 0.47
N PRO D 248 26.98 20.52 1.14
CA PRO D 248 25.51 20.60 1.28
C PRO D 248 25.01 21.92 1.84
N VAL D 249 25.67 22.45 2.87
CA VAL D 249 25.24 23.70 3.47
C VAL D 249 25.43 24.86 2.48
N ASP D 250 26.59 24.92 1.81
CA ASP D 250 26.81 25.99 0.84
C ASP D 250 25.84 25.90 -0.33
N LEU D 251 25.55 24.68 -0.78
CA LEU D 251 24.61 24.52 -1.88
C LEU D 251 23.20 24.91 -1.47
N LEU D 252 22.76 24.48 -0.29
CA LEU D 252 21.45 24.90 0.20
C LEU D 252 21.38 26.42 0.34
N ASN D 253 22.44 27.03 0.90
CA ASN D 253 22.43 28.48 1.11
CA ASN D 253 22.43 28.47 1.12
C ASN D 253 22.32 29.23 -0.21
N SER D 254 23.13 28.83 -1.20
CA SER D 254 23.11 29.48 -2.51
C SER D 254 21.77 29.25 -3.21
N LEU D 255 21.28 28.01 -3.20
CA LEU D 255 20.02 27.73 -3.88
CA LEU D 255 20.02 27.71 -3.87
C LEU D 255 18.85 28.41 -3.17
N ASN D 256 18.86 28.47 -1.83
CA ASN D 256 17.82 29.22 -1.12
C ASN D 256 17.80 30.67 -1.54
N GLN D 257 18.98 31.27 -1.70
CA GLN D 257 19.03 32.68 -2.08
C GLN D 257 18.48 32.87 -3.50
N LYS D 258 18.94 32.05 -4.45
CA LYS D 258 18.50 32.18 -5.84
C LYS D 258 17.01 31.91 -6.00
N ALA D 259 16.54 30.74 -5.52
CA ALA D 259 15.13 30.42 -5.69
C ALA D 259 14.24 31.34 -4.85
N GLY D 260 14.72 31.79 -3.70
CA GLY D 260 13.95 32.77 -2.93
C GLY D 260 13.78 34.08 -3.68
N GLN D 261 14.86 34.56 -4.31
CA GLN D 261 14.77 35.77 -5.12
C GLN D 261 13.73 35.64 -6.23
N HIS D 262 13.54 34.44 -6.77
CA HIS D 262 12.58 34.20 -7.83
C HIS D 262 11.21 33.72 -7.31
N GLY D 263 10.95 33.85 -6.02
CA GLY D 263 9.63 33.65 -5.47
C GLY D 263 9.18 32.21 -5.34
N ILE D 264 10.11 31.25 -5.32
CA ILE D 264 9.79 29.83 -5.43
C ILE D 264 9.60 29.19 -4.06
N GLY D 265 8.63 28.30 -3.96
CA GLY D 265 8.60 27.34 -2.86
C GLY D 265 7.61 27.60 -1.75
N VAL D 266 6.73 28.58 -1.89
CA VAL D 266 5.82 28.92 -0.80
C VAL D 266 4.67 27.92 -0.80
N ALA D 267 4.38 27.34 0.36
CA ALA D 267 3.23 26.44 0.48
C ALA D 267 2.31 27.00 1.55
N ASP D 268 1.02 27.10 1.24
CA ASP D 268 0.00 27.58 2.16
C ASP D 268 -0.99 26.43 2.33
N ILE D 269 -0.95 25.77 3.49
CA ILE D 269 -1.59 24.47 3.61
C ILE D 269 -2.34 24.34 4.93
N VAL D 270 -3.32 23.44 4.92
CA VAL D 270 -3.95 22.96 6.13
C VAL D 270 -3.51 21.51 6.29
N GLU D 271 -2.89 21.19 7.42
CA GLU D 271 -2.35 19.86 7.62
C GLU D 271 -2.98 19.22 8.87
N ASN D 272 -2.96 17.90 8.92
CA ASN D 272 -3.42 17.17 10.11
C ASN D 272 -2.27 16.99 11.08
N ARG D 273 -2.42 17.50 12.29
CA ARG D 273 -1.40 17.26 13.30
C ARG D 273 -1.50 15.83 13.81
N LEU D 274 -0.41 15.37 14.41
CA LEU D 274 -0.47 14.09 15.10
C LEU D 274 -1.37 14.19 16.33
N VAL D 275 -1.26 15.30 17.07
CA VAL D 275 -2.05 15.46 18.29
C VAL D 275 -3.56 15.47 18.04
N GLY D 276 -3.98 15.45 16.77
CA GLY D 276 -5.37 15.18 16.43
C GLY D 276 -6.20 16.34 15.90
N MET D 277 -5.60 17.49 15.62
CA MET D 277 -6.33 18.64 15.07
C MET D 277 -5.64 19.15 13.81
N LYS D 278 -6.36 19.96 13.04
CA LYS D 278 -5.80 20.56 11.83
CA LYS D 278 -5.81 20.57 11.82
C LYS D 278 -5.18 21.93 12.15
N ILE D 279 -4.13 22.28 11.42
CA ILE D 279 -3.49 23.60 11.58
C ILE D 279 -3.19 24.19 10.20
N ARG D 280 -3.35 25.49 10.08
CA ARG D 280 -3.03 26.20 8.84
C ARG D 280 -1.61 26.75 8.95
N GLY D 281 -0.76 26.41 7.99
CA GLY D 281 0.64 26.83 8.05
C GLY D 281 1.07 27.41 6.72
N ILE D 282 2.03 28.33 6.80
CA ILE D 282 2.76 28.82 5.63
C ILE D 282 4.18 28.29 5.70
N TYR D 283 4.66 27.71 4.62
CA TYR D 283 6.02 27.19 4.63
C TYR D 283 6.82 27.76 3.47
N GLU D 284 8.03 28.22 3.75
CA GLU D 284 8.97 28.68 2.74
C GLU D 284 10.10 27.68 2.70
N ALA D 285 10.45 27.20 1.52
CA ALA D 285 11.60 26.31 1.37
C ALA D 285 12.03 26.37 -0.09
N PRO D 286 12.72 27.45 -0.51
CA PRO D 286 13.02 27.60 -1.94
C PRO D 286 13.96 26.52 -2.47
N ALA D 287 15.12 26.31 -1.84
CA ALA D 287 16.04 25.27 -2.32
C ALA D 287 15.39 23.89 -2.29
N ALA D 288 14.66 23.59 -1.21
CA ALA D 288 13.96 22.31 -1.10
C ALA D 288 13.06 22.06 -2.30
N ALA D 289 12.29 23.08 -2.70
CA ALA D 289 11.42 22.89 -3.85
C ALA D 289 12.22 22.57 -5.11
N VAL D 290 13.35 23.27 -5.30
CA VAL D 290 14.17 23.06 -6.48
C VAL D 290 14.81 21.68 -6.45
N LEU D 291 15.34 21.28 -5.27
CA LEU D 291 15.95 19.96 -5.17
C LEU D 291 14.93 18.86 -5.36
N TYR D 292 13.72 19.01 -4.78
CA TYR D 292 12.70 17.99 -4.97
C TYR D 292 12.35 17.85 -6.45
N LYS D 293 12.24 18.97 -7.17
CA LYS D 293 11.91 18.91 -8.59
C LYS D 293 13.01 18.21 -9.37
N ALA D 294 14.27 18.60 -9.13
CA ALA D 294 15.37 18.00 -9.88
C ALA D 294 15.49 16.52 -9.56
N HIS D 295 15.30 16.16 -8.28
CA HIS D 295 15.40 14.75 -7.89
C HIS D 295 14.31 13.92 -8.57
N LYS D 296 13.08 14.45 -8.60
CA LYS D 296 11.98 13.75 -9.26
C LYS D 296 12.24 13.54 -10.75
N LEU D 297 12.77 14.57 -11.43
CA LEU D 297 13.09 14.44 -12.84
C LEU D 297 14.15 13.36 -13.06
N LEU D 298 15.23 13.38 -12.28
CA LEU D 298 16.27 12.35 -12.48
C LEU D 298 15.72 10.97 -12.20
N GLU D 299 14.90 10.81 -11.15
CA GLU D 299 14.31 9.49 -10.91
C GLU D 299 13.46 9.05 -12.10
N SER D 300 12.76 9.99 -12.75
CA SER D 300 11.94 9.58 -13.88
C SER D 300 12.80 9.12 -15.05
N LEU D 301 14.07 9.53 -15.09
CA LEU D 301 14.99 9.12 -16.13
C LEU D 301 15.72 7.82 -15.80
N CYS D 302 16.01 7.57 -14.52
CA CYS D 302 16.99 6.57 -14.17
C CYS D 302 16.44 5.31 -13.51
N LEU D 303 15.19 5.33 -13.05
CA LEU D 303 14.58 4.17 -12.42
C LEU D 303 13.68 3.48 -13.43
N THR D 304 13.57 2.16 -13.30
CA THR D 304 12.58 1.44 -14.09
C THR D 304 11.18 1.74 -13.56
N ARG D 305 10.18 1.39 -14.37
CA ARG D 305 8.79 1.62 -13.95
C ARG D 305 8.47 0.94 -12.63
N SER D 306 8.79 -0.35 -12.51
CA SER D 306 8.45 -1.04 -11.26
C SER D 306 9.16 -0.43 -10.05
N THR D 307 10.44 -0.03 -10.20
CA THR D 307 11.11 0.61 -9.06
C THR D 307 10.49 1.97 -8.74
N LEU D 308 10.25 2.79 -9.76
CA LEU D 308 9.62 4.09 -9.53
C LEU D 308 8.27 3.93 -8.84
N HIS D 309 7.44 3.02 -9.32
CA HIS D 309 6.11 2.89 -8.72
C HIS D 309 6.20 2.43 -7.26
N LEU D 310 7.04 1.43 -6.99
CA LEU D 310 7.15 0.95 -5.61
C LEU D 310 7.71 2.05 -4.70
N LYS D 311 8.75 2.75 -5.15
CA LYS D 311 9.29 3.83 -4.34
C LYS D 311 8.26 4.92 -4.09
N GLN D 312 7.54 5.34 -5.13
CA GLN D 312 6.52 6.36 -4.91
C GLN D 312 5.46 5.91 -3.91
N SER D 313 5.10 4.61 -3.90
CA SER D 313 4.12 4.12 -2.95
C SER D 313 4.60 4.14 -1.50
N LEU D 314 5.89 4.32 -1.25
CA LEU D 314 6.41 4.38 0.12
C LEU D 314 6.71 5.80 0.58
N GLN D 315 6.49 6.81 -0.26
CA GLN D 315 6.77 8.19 0.13
C GLN D 315 5.90 8.62 1.32
N GLN D 316 4.61 8.25 1.30
CA GLN D 316 3.72 8.65 2.38
C GLN D 316 4.15 8.03 3.69
N THR D 317 4.49 6.74 3.68
CA THR D 317 4.99 6.10 4.89
C THR D 317 6.17 6.89 5.45
N TYR D 318 7.11 7.27 4.58
CA TYR D 318 8.29 7.97 5.05
C TYR D 318 7.91 9.34 5.60
N ALA D 319 7.00 10.03 4.88
CA ALA D 319 6.60 11.37 5.30
C ALA D 319 5.95 11.32 6.68
N ASN D 320 5.07 10.32 6.89
CA ASN D 320 4.37 10.21 8.16
C ASN D 320 5.35 9.89 9.28
N LEU D 321 6.31 9.01 9.01
CA LEU D 321 7.33 8.71 10.02
C LEU D 321 8.09 9.97 10.41
N VAL D 322 8.53 10.76 9.43
CA VAL D 322 9.25 11.99 9.76
C VAL D 322 8.35 12.94 10.54
N TYR D 323 7.13 13.18 10.03
CA TYR D 323 6.22 14.13 10.67
C TYR D 323 5.94 13.76 12.12
N GLU D 324 5.78 12.47 12.40
CA GLU D 324 5.41 11.98 13.73
C GLU D 324 6.60 11.87 14.68
N GLY D 325 7.81 12.20 14.22
CA GLY D 325 8.96 12.15 15.11
C GLY D 325 9.57 10.79 15.29
N ARG D 326 9.30 9.84 14.39
CA ARG D 326 9.73 8.45 14.55
C ARG D 326 11.04 8.16 13.81
N TRP D 327 11.87 9.18 13.66
CA TRP D 327 13.13 9.09 12.93
C TRP D 327 14.03 7.99 13.49
N PHE D 328 14.17 7.93 14.82
CA PHE D 328 15.04 6.95 15.46
C PHE D 328 14.25 5.66 15.67
N SER D 329 14.09 4.90 14.57
CA SER D 329 13.37 3.64 14.64
C SER D 329 13.93 2.65 13.61
N GLN D 330 13.77 1.35 13.90
CA GLN D 330 14.15 0.35 12.90
C GLN D 330 13.33 0.50 11.63
N THR D 331 12.08 0.92 11.76
CA THR D 331 11.25 1.12 10.58
C THR D 331 11.91 2.11 9.63
N LYS D 332 12.42 3.20 10.17
CA LYS D 332 13.09 4.19 9.34
C LYS D 332 14.37 3.60 8.74
N GLN D 333 15.13 2.86 9.55
CA GLN D 333 16.36 2.24 9.04
C GLN D 333 16.06 1.35 7.85
N ALA D 334 14.97 0.56 7.94
CA ALA D 334 14.63 -0.33 6.82
C ALA D 334 14.23 0.46 5.58
N LEU D 335 13.44 1.54 5.75
CA LEU D 335 13.11 2.36 4.59
C LEU D 335 14.35 2.99 3.97
N ASP D 336 15.27 3.48 4.81
CA ASP D 336 16.48 4.09 4.26
C ASP D 336 17.28 3.08 3.44
N ALA D 337 17.27 1.80 3.84
CA ALA D 337 18.03 0.80 3.11
C ALA D 337 17.39 0.53 1.76
N PHE D 338 16.06 0.48 1.74
CA PHE D 338 15.34 0.38 0.48
C PHE D 338 15.66 1.58 -0.40
N ILE D 339 15.54 2.78 0.16
CA ILE D 339 15.73 3.99 -0.64
C ILE D 339 17.14 4.05 -1.19
N ASP D 340 18.15 3.71 -0.37
CA ASP D 340 19.52 3.85 -0.84
C ASP D 340 19.80 2.98 -2.06
N VAL D 341 19.25 1.76 -2.10
CA VAL D 341 19.37 0.93 -3.30
C VAL D 341 18.80 1.65 -4.51
N THR D 342 17.60 2.23 -4.37
CA THR D 342 16.97 2.90 -5.52
C THR D 342 17.76 4.11 -5.98
N GLN D 343 18.62 4.66 -5.12
CA GLN D 343 19.32 5.87 -5.49
C GLN D 343 20.67 5.63 -6.16
N GLN D 344 21.07 4.36 -6.33
CA GLN D 344 22.43 4.05 -6.77
C GLN D 344 22.77 4.67 -8.13
N HIS D 345 21.79 4.79 -9.02
CA HIS D 345 22.04 5.31 -10.36
C HIS D 345 21.40 6.67 -10.58
N VAL D 346 20.88 7.30 -9.52
CA VAL D 346 20.22 8.60 -9.66
C VAL D 346 21.34 9.64 -9.65
N THR D 347 22.00 9.74 -10.80
CA THR D 347 23.26 10.44 -10.95
C THR D 347 23.20 11.11 -12.31
N GLY D 348 23.40 12.41 -12.34
CA GLY D 348 23.33 13.12 -13.61
C GLY D 348 23.15 14.60 -13.36
N CYS D 349 22.66 15.28 -14.40
CA CYS D 349 22.68 16.73 -14.48
C CYS D 349 21.26 17.18 -14.81
N VAL D 350 20.74 18.13 -14.05
CA VAL D 350 19.41 18.67 -14.30
C VAL D 350 19.52 20.18 -14.42
N LYS D 351 19.05 20.72 -15.55
CA LYS D 351 19.02 22.16 -15.78
C LYS D 351 17.60 22.66 -15.59
N LEU D 352 17.45 23.72 -14.80
CA LEU D 352 16.13 24.25 -14.45
C LEU D 352 16.14 25.76 -14.63
N LYS D 353 15.01 26.29 -15.08
CA LYS D 353 14.82 27.74 -15.18
C LYS D 353 13.97 28.19 -14.00
N LEU D 354 14.50 29.13 -13.22
CA LEU D 354 13.75 29.71 -12.12
C LEU D 354 13.13 31.01 -12.60
N PHE D 355 11.84 31.16 -12.38
CA PHE D 355 11.19 32.32 -12.97
C PHE D 355 9.80 32.53 -12.39
N LYS D 356 9.64 33.61 -11.64
CA LYS D 356 8.32 34.06 -11.21
C LYS D 356 7.54 32.96 -10.47
N GLY D 357 8.24 32.28 -9.56
CA GLY D 357 7.61 31.23 -8.76
C GLY D 357 7.64 29.86 -9.37
N ASN D 358 8.03 29.73 -10.64
CA ASN D 358 8.01 28.48 -11.36
C ASN D 358 9.39 27.85 -11.40
N ILE D 359 9.43 26.52 -11.36
CA ILE D 359 10.65 25.76 -11.62
C ILE D 359 10.41 25.05 -12.94
N ILE D 360 11.03 25.52 -14.01
CA ILE D 360 10.72 25.05 -15.35
C ILE D 360 11.81 24.09 -15.81
N PRO D 361 11.46 22.88 -16.22
CA PRO D 361 12.48 21.96 -16.75
C PRO D 361 13.18 22.55 -17.97
N ALA D 362 14.52 22.42 -17.98
CA ALA D 362 15.32 22.94 -19.09
C ALA D 362 16.30 21.90 -19.62
N GLY D 363 16.06 20.62 -19.36
CA GLY D 363 16.92 19.58 -19.88
C GLY D 363 17.54 18.76 -18.76
N MET D 364 17.70 17.45 -18.98
CA MET D 364 18.41 16.64 -18.03
C MET D 364 19.13 15.52 -18.77
N HIS D 365 20.18 14.99 -18.16
CA HIS D 365 20.86 13.86 -18.75
C HIS D 365 21.56 13.06 -17.65
N SER D 366 21.84 11.80 -17.96
CA SER D 366 22.47 10.90 -16.98
C SER D 366 23.19 9.81 -17.74
N PRO D 367 24.41 9.41 -17.34
CA PRO D 367 25.02 8.22 -17.93
C PRO D 367 24.20 6.95 -17.72
N TYR D 368 23.20 6.97 -16.83
CA TYR D 368 22.37 5.80 -16.56
C TYR D 368 20.93 6.03 -16.99
N SER D 369 20.70 6.99 -17.88
CA SER D 369 19.38 7.21 -18.42
C SER D 369 18.86 5.93 -19.05
N LEU D 370 17.60 5.62 -18.77
CA LEU D 370 16.92 4.48 -19.38
C LEU D 370 16.09 4.89 -20.59
N HIS D 371 16.13 6.17 -20.95
CA HIS D 371 15.38 6.67 -22.11
C HIS D 371 16.23 6.48 -23.36
N HIS D 372 15.66 5.81 -24.36
CA HIS D 372 16.41 5.59 -25.60
C HIS D 372 15.50 5.59 -26.82
N LYS D 387 4.51 -6.76 -34.14
CA LYS D 387 3.93 -8.07 -33.86
C LYS D 387 3.92 -8.37 -32.36
N ASP D 388 4.89 -7.83 -31.63
CA ASP D 388 4.92 -8.04 -30.18
C ASP D 388 3.67 -7.43 -29.52
N ALA D 389 3.23 -6.27 -30.01
CA ALA D 389 2.17 -5.54 -29.32
C ALA D 389 0.87 -6.33 -29.29
N GLU D 390 0.52 -7.00 -30.40
CA GLU D 390 -0.74 -7.74 -30.40
C GLU D 390 -0.77 -8.82 -29.33
N GLY D 391 0.32 -9.58 -29.17
CA GLY D 391 0.34 -10.61 -28.14
C GLY D 391 0.33 -10.04 -26.74
N PHE D 392 1.05 -8.94 -26.53
CA PHE D 392 0.99 -8.27 -25.25
C PHE D 392 -0.44 -7.83 -24.93
N ILE D 393 -1.11 -7.20 -25.92
CA ILE D 393 -2.48 -6.71 -25.70
C ILE D 393 -3.41 -7.85 -25.35
N ASN D 394 -3.30 -8.96 -26.07
CA ASN D 394 -4.22 -10.06 -25.86
C ASN D 394 -4.06 -10.66 -24.48
N LEU D 395 -2.81 -10.82 -24.01
CA LEU D 395 -2.63 -11.43 -22.71
C LEU D 395 -2.87 -10.44 -21.58
N PHE D 396 -2.52 -9.17 -21.78
CA PHE D 396 -2.80 -8.15 -20.78
C PHE D 396 -4.30 -7.99 -20.54
N SER D 397 -5.10 -8.16 -21.59
CA SER D 397 -6.54 -7.96 -21.50
CA SER D 397 -6.54 -7.97 -21.55
C SER D 397 -7.32 -9.26 -21.41
N LEU D 398 -6.62 -10.40 -21.29
CA LEU D 398 -7.32 -11.67 -21.29
C LEU D 398 -8.28 -11.78 -20.11
N SER D 399 -7.86 -11.34 -18.93
CA SER D 399 -8.74 -11.40 -17.77
CA SER D 399 -8.75 -11.45 -17.78
C SER D 399 -10.01 -10.60 -17.98
N ALA D 400 -9.90 -9.45 -18.68
CA ALA D 400 -11.09 -8.65 -18.93
C ALA D 400 -12.01 -9.33 -19.92
N LYS D 401 -11.43 -9.95 -20.96
CA LYS D 401 -12.24 -10.70 -21.90
C LYS D 401 -12.98 -11.84 -21.22
N ILE D 402 -12.30 -12.59 -20.36
CA ILE D 402 -12.96 -13.71 -19.67
CA ILE D 402 -12.97 -13.71 -19.68
C ILE D 402 -14.07 -13.18 -18.77
N TYR D 403 -13.78 -12.11 -18.03
CA TYR D 403 -14.79 -11.57 -17.13
C TYR D 403 -16.02 -11.11 -17.89
N SER D 404 -15.84 -10.46 -19.06
CA SER D 404 -17.00 -9.98 -19.79
CA SER D 404 -17.00 -9.98 -19.81
C SER D 404 -17.78 -11.13 -20.43
N GLN D 405 -17.10 -12.20 -20.81
CA GLN D 405 -17.84 -13.36 -21.31
C GLN D 405 -18.69 -13.99 -20.21
N VAL D 406 -18.17 -14.04 -18.98
CA VAL D 406 -18.94 -14.63 -17.89
C VAL D 406 -20.12 -13.73 -17.53
N HIS D 407 -19.89 -12.43 -17.49
CA HIS D 407 -20.93 -11.46 -17.13
C HIS D 407 -21.48 -10.79 -18.40
N GLN D 408 -22.02 -11.63 -19.28
CA GLN D 408 -22.46 -11.17 -20.60
C GLN D 408 -23.60 -10.16 -20.45
N GLY D 409 -23.46 -9.02 -21.13
CA GLY D 409 -24.46 -7.97 -21.06
C GLY D 409 -24.35 -7.08 -19.85
N GLY D 410 -23.35 -7.30 -18.99
CA GLY D 410 -23.17 -6.44 -17.84
C GLY D 410 -22.48 -5.15 -18.20
N ASN D 411 -22.49 -4.22 -17.25
CA ASN D 411 -21.87 -2.92 -17.45
C ASN D 411 -20.85 -2.69 -16.34
N TYR D 412 -20.14 -1.56 -16.42
CA TYR D 412 -19.17 -1.21 -15.39
C TYR D 412 -19.51 0.13 -14.77
N ASP D 413 -20.80 0.41 -14.64
CA ASP D 413 -21.30 1.65 -14.04
C ASP D 413 -21.08 1.71 -12.54
#